data_9MVT
#
_entry.id   9MVT
#
_cell.length_a   1.00
_cell.length_b   1.00
_cell.length_c   1.00
_cell.angle_alpha   90.00
_cell.angle_beta   90.00
_cell.angle_gamma   90.00
#
_symmetry.space_group_name_H-M   'P 1'
#
_entity_poly.entity_id   1
_entity_poly.type   'polypeptide(L)'
_entity_poly.pdbx_seq_one_letter_code
;MKKIITLKNLFLIILVYIFSEKKDLRCNVIKGNNIKDDEDKRFHLFYYSHNLFKTPETKEKKNKKECFYKNGGIYNLSKE
IRMRKDTSVKIKQRTCPFHKEGSSFEMGSKNITCFYPIVGKKERKTLDTIIIKKNVTNDHVVSSDMHSNVQEKNMILIRN
IDKENKNDIQNVEEKIQRDTYENKDYESDDTLIEWFDDNTNEENFLLTFLKRCLMKIFSSPKRKKTVVQKKHKSNFFINS
SLKYIYMYLTPSDSFNLVRRNRNLDEEDMSPRDNFVIDDEEEEEEEEEEEEEEEEEEEEEEEEEYDDYVYEESGDETEEQ
LQEEHQEEVGAESSEESFNDEDEDSVEARDGDMIRVDEYYEDQDGDTYDSTIKNEDVDEEVGEEVGEEVGEEVGEEVGEE
VGEEVGEEVGEEVGEEEGEEVGEGVGEEVGEEEGEEVGEEEGEYVDEKERQGEIYPFGDEEEKDEGGESFTYEKSEVDKT
DLFKFIEGGEGDDVYKVDGSKVLLDDDTISRVSKKHTARDGEYGEYGEAVEDGENVIKIIRSVLQSGALPSVGVDELDKI
DLSYETTESGDTAVSEDSYDKYASNNTNKEYVCDFTDQLKPTESGPKVKKCEVKVNEPLIKVKIICPLKGSVEKLYDNIE
YVPKKSPYVVLTKEETKLKEKLLSKLIYGLLISPTVNEKENNFKEGVIEFTLPPVVHKATVFYFICDNSKTEDDNKKGNR
GIVEVYVEPYGNKINGCAFLDEDEEEEKYGNQIEEDEHNEKIKMKTFFTQNIYKKNNIYPCYMKLYSGDIGGILFPKNIK
STTCFEEMIPYNKEIKWNKENKSLGNLVNNSVVYNKEMNAKYFNVQYVHIPTSYKDTLNLFCSIILKEEESNLISTSYLV
YVSINEELNFSLFDFYESFVPIKKTIQVAQKNVNNKEHDYTCDFTDKLDKTVPSTANGKKLFICRKHLKEFDTFTLKCNV
NKTQYPNIEIFPKTLKDKKEVLKLDLDIQYQMFSKFFKFNTQNAKYLNLYPYYLIFPFNHIGKKELKNNPTYKNHKDVKY
FEQSSVLSPLSSADSLGKLLNFLDTQETVCLTEKIRYLNLSINELGSDNNTFSVTFQVPPYIDIKEPFYFMFGCNNNKGE
GNIGIVELLISKQEEKIKGCNFHESKLDYFNENISSDTHECTLHAYENDIIGFNCLETTHPNEVEVEVEDAEIYLQPENC
FNNVYKGLNSVDITTILKNAQTYNINNKKTPTFLKIPPYNLLEDVEISCQCTIKQVVKKIKVIITKNDTVLLKREVQSES
TLDDKIYKCEHENFINPRVNKTFDENVEYTCNIKIENFFNYIQIFCPAKDLGIYKNIQMYYDIVKPTRVPQFKKFNNEEL
HKLIPNSEMLHKTKEMLILYNEEKVDLLHFYVFLPIYIKDIYEFNIVCDNSKTMWKNQLGGKVIYHITVSKREQKVKGCS
FDNEHAHMFSYNKTNVKNCIIDAKPKDLIGFVCPSGTLKLTNCFKDAIVHTNLTNINGILYLKNNLANFTYKHQFNYMEI
PALMDNDISFKCICVDLKKKKYNVKSPLGPKVLRALYKKLNIKFDNYVTGTDQNKYLMTYMDLHLSHKRNYLKELFHDLG
KKKPADTDANPESIIESLSINESNESGPFPTGDVDAEHLILEGYDTWESLYDEQLEEVIYNDIESLELKDIEQYVLQVNL
KAPKLMMSAQIHNNRHVCDFSKNNLIVPESLKKKEELGGNPVNIHCYALLKPLDTLYVKCPTSKDNYEAAKVNISENDNE
YELQVISLIEKRFHNFETLESKKPGNGDVVVHNGVVDTGPVLDNSTFEKYFKNIKIKPDKFFEKVINEYDDTEEEKDLES
ILPGAIVSPMKVLKKKDPFTSYAAFVVPPIVPKDLHFKVECNNTEYKDENQYISGYNGIIHIDISNSNRKINGCDFSTNN
SSILTSSVKLVNGETKNCEININNNEVFGIICDNETNLDPEKCFHEIYSKDNKTVKKFREVIPNIDIFSLHNSNKKKVAY
AKVPLDYINKLLFSCSCKTSHTNTIGTMKVTLNKDEKEEEDFKTAQGIKHNNVHLCNFFDNPELTFDNNKIVLCKIDAEL
FSEVIIQLPIFGTKNVEEGVQNEEYKKFSLKPSLVFDDNNNDIKVIGKEKNEVSISLALKGVYGNRIFTFDKNGKKGEGI
SFFIPPIKQDTDLKFIINETIDNSNIKQRGLIYIFVRKNVSENSFKLCDFTTGSTSLMELNSQVKEKKCTVKIKKGDIFG
LKCPKGFAIFPQACFSNVLLEYYKSDYEDSEHINYYIHKDKKYNLKPKDVIELMDENFRELQNIQQYTGISNITDVLHFK
NFNLGNLPLNFKNHYSTAYAKVPDTFNSIINFSCNCYNPEKHVYGTMQVESDNRNFDNIKKNENVIKNFLLPNIEKYALL
LDDEERQKKIKQQQEEEQQEQILKDQDDRLSRHDDYNKNHTYILYDSNEHICDYEKNESLISTLPNDTKKIQKSICKINA
KALDVVTIKCPHTKNFTPKDYFPNSSLITNDKKIVITFDKKNFVTYIDPTKKTFSLKDIYIQSFYGVSLDHLNQIKKIHE
EWDDVHLFYPPHNVLHNVVLNNHIVNLSSALEGVLFMKSKVTGDETATKKNTTLPTDGVSSILIPPYVKEDITFHLFCGK
STTKKPNKKNTSLALIHIHISSNRNIIHGCDFLYLENQTNDAISNNNNNSYSIFTHNKNTENNLICDISLIPKTVIGIKC
PNKKLNPQTCFDEVYYVKQEDVPSKTITADKYNTFSKDKIGNILKNAISINNPDEKDNTYTYLILPEKFEEELIDTKKVL
ACTCDNKYIIHMKIEKSTMDKIKIDEKKTIGKDICKYDVTTKVATCEIIDTIDSSVLKEHHTVHYSITLSRWDKLIIKYP
TNEKTHFENFFVNPFNLKDKVLYNYNKPINIEHILPGAITTDIYDTRTKIKQYILRIPPYVHKDIHFSLEFNNSLSLTKQ
NQNIIYGNVAKIFIHINQGYKEIHGCDFTGKYSHLFTYSKKPLPNDDDICNVTIGNNTFSGFACLSHFELKPNNCFSSVY
DYNEANKVKKLFDLSTKVELDHIKQNTSGYTLSYIIFNKESTKLKFSCTCSSNYSNYTIRITFDPNYIIPEPQSRAIIKY
VDLQDKNFAKYLRKL
;
_entity_poly.pdbx_strand_id   AP1
#
# COMPACT_ATOMS: atom_id res chain seq x y z
N GLY A 547 -1.89 39.96 -4.14
CA GLY A 547 -2.66 41.11 -4.59
C GLY A 547 -3.68 40.78 -5.67
N ALA A 548 -4.83 41.44 -5.61
CA ALA A 548 -5.90 41.22 -6.56
C ALA A 548 -5.81 42.24 -7.71
N LEU A 549 -5.80 41.74 -8.95
CA LEU A 549 -5.83 42.62 -10.10
C LEU A 549 -7.10 42.40 -10.92
N PRO A 550 -7.95 43.41 -11.01
CA PRO A 550 -9.25 43.25 -11.68
C PRO A 550 -9.13 42.83 -13.15
N SER A 551 -10.20 42.25 -13.68
CA SER A 551 -10.27 41.89 -15.09
C SER A 551 -10.43 43.15 -15.94
N VAL A 552 -10.68 42.94 -17.24
CA VAL A 552 -10.92 44.07 -18.13
C VAL A 552 -12.01 44.96 -17.54
N GLY A 553 -11.68 46.23 -17.37
CA GLY A 553 -12.47 47.10 -16.52
C GLY A 553 -13.11 48.30 -17.18
N VAL A 554 -12.53 49.48 -16.93
CA VAL A 554 -13.15 50.78 -17.18
C VAL A 554 -13.66 50.93 -18.61
N ASP A 555 -14.94 51.27 -18.74
CA ASP A 555 -15.55 51.69 -19.99
C ASP A 555 -16.51 52.84 -19.70
N GLU A 556 -17.31 53.24 -20.70
CA GLU A 556 -18.40 54.19 -20.47
C GLU A 556 -19.69 53.49 -20.05
N LEU A 557 -19.64 52.18 -19.79
CA LEU A 557 -20.80 51.41 -19.35
C LEU A 557 -20.42 50.42 -18.24
N ASP A 558 -19.17 50.46 -17.80
CA ASP A 558 -18.68 49.50 -16.82
C ASP A 558 -17.92 50.22 -15.70
N LYS A 559 -17.79 51.55 -15.83
CA LYS A 559 -17.06 52.34 -14.84
C LYS A 559 -17.78 52.35 -13.51
N ILE A 560 -17.06 52.06 -12.42
CA ILE A 560 -17.64 51.92 -11.09
C ILE A 560 -17.35 53.17 -10.27
N ASP A 561 -18.27 53.50 -9.36
CA ASP A 561 -18.08 54.55 -8.38
C ASP A 561 -18.31 54.01 -6.98
N LEU A 562 -17.61 54.60 -6.00
CA LEU A 562 -17.64 54.13 -4.63
C LEU A 562 -18.33 55.12 -3.68
N SER A 563 -18.85 56.23 -4.19
CA SER A 563 -19.49 57.24 -3.36
C SER A 563 -21.01 57.19 -3.42
N TYR A 564 -21.59 56.41 -4.33
CA TYR A 564 -23.03 56.30 -4.44
C TYR A 564 -23.55 55.43 -3.32
N GLU A 565 -24.40 56.01 -2.47
CA GLU A 565 -24.89 55.34 -1.27
C GLU A 565 -26.41 55.44 -1.22
N THR A 566 -27.09 54.30 -1.37
CA THR A 566 -28.54 54.26 -1.30
C THR A 566 -28.95 53.06 -0.46
N THR A 567 -30.08 53.21 0.23
CA THR A 567 -30.54 52.18 1.15
C THR A 567 -31.42 51.16 0.43
N GLU A 568 -31.63 50.03 1.10
CA GLU A 568 -32.50 48.99 0.56
C GLU A 568 -33.93 49.49 0.38
N SER A 569 -34.35 50.45 1.23
CA SER A 569 -35.65 51.07 1.05
C SER A 569 -35.60 52.25 0.10
N GLY A 570 -34.44 52.89 -0.07
CA GLY A 570 -34.35 54.04 -0.94
C GLY A 570 -35.02 55.25 -0.32
N ASP A 571 -35.77 55.97 -1.14
CA ASP A 571 -36.45 57.19 -0.72
C ASP A 571 -37.96 57.02 -0.56
N THR A 572 -38.48 55.82 -0.78
CA THR A 572 -39.93 55.60 -0.71
C THR A 572 -40.44 55.48 0.72
N ALA A 573 -39.56 55.20 1.68
CA ALA A 573 -39.93 55.13 3.10
C ALA A 573 -41.01 54.09 3.34
N VAL A 574 -40.79 52.89 2.81
CA VAL A 574 -41.67 51.74 3.02
C VAL A 574 -40.88 50.67 3.74
N SER A 575 -41.48 50.09 4.79
CA SER A 575 -40.80 49.07 5.57
C SER A 575 -40.62 47.79 4.77
N GLU A 576 -39.51 47.09 5.02
CA GLU A 576 -39.21 45.87 4.28
C GLU A 576 -40.20 44.77 4.60
N ASP A 577 -40.85 44.82 5.76
CA ASP A 577 -41.83 43.81 6.13
C ASP A 577 -43.06 43.85 5.24
N SER A 578 -43.49 45.04 4.81
CA SER A 578 -44.67 45.20 3.97
C SER A 578 -44.34 45.12 2.48
N TYR A 579 -43.24 44.47 2.11
CA TYR A 579 -42.86 44.36 0.72
C TYR A 579 -43.66 43.25 0.04
N ASP A 580 -44.21 43.54 -1.14
CA ASP A 580 -44.97 42.55 -1.91
C ASP A 580 -43.99 41.79 -2.79
N LYS A 581 -43.60 40.61 -2.34
CA LYS A 581 -42.56 39.82 -3.01
C LYS A 581 -43.18 38.62 -3.72
N TYR A 582 -42.56 38.21 -4.83
CA TYR A 582 -42.84 36.93 -5.46
C TYR A 582 -41.63 36.49 -6.25
N ALA A 583 -41.67 35.23 -6.71
CA ALA A 583 -40.54 34.63 -7.41
C ALA A 583 -40.60 34.95 -8.90
N SER A 584 -39.44 34.91 -9.55
CA SER A 584 -39.34 35.14 -10.98
C SER A 584 -40.01 34.02 -11.77
N ASN A 585 -40.54 34.34 -12.95
CA ASN A 585 -41.14 33.32 -13.79
C ASN A 585 -40.05 32.42 -14.36
N ASN A 586 -40.08 31.14 -14.00
CA ASN A 586 -39.07 30.17 -14.43
C ASN A 586 -39.71 29.24 -15.46
N THR A 587 -39.27 29.36 -16.71
CA THR A 587 -39.70 28.47 -17.77
C THR A 587 -38.48 28.02 -18.56
N ASN A 588 -38.38 26.71 -18.78
CA ASN A 588 -37.33 26.05 -19.58
C ASN A 588 -35.96 26.69 -19.40
N LYS A 589 -35.44 26.61 -18.16
CA LYS A 589 -34.08 26.99 -17.76
C LYS A 589 -33.91 28.51 -17.71
N GLU A 590 -34.97 29.27 -17.95
CA GLU A 590 -34.89 30.72 -18.09
C GLU A 590 -35.70 31.39 -16.99
N TYR A 591 -35.07 32.35 -16.31
CA TYR A 591 -35.72 33.16 -15.28
C TYR A 591 -36.02 34.53 -15.87
N VAL A 592 -37.29 34.93 -15.84
CA VAL A 592 -37.73 36.21 -16.39
C VAL A 592 -38.56 36.93 -15.35
N CYS A 593 -38.23 38.20 -15.10
CA CYS A 593 -39.05 39.10 -14.30
C CYS A 593 -39.75 40.07 -15.25
N ASP A 594 -41.03 39.84 -15.49
CA ASP A 594 -41.82 40.63 -16.43
C ASP A 594 -42.51 41.77 -15.70
N PHE A 595 -42.07 43.00 -15.96
CA PHE A 595 -42.59 44.18 -15.29
C PHE A 595 -43.39 45.09 -16.22
N THR A 596 -43.72 44.63 -17.43
CA THR A 596 -44.37 45.51 -18.40
C THR A 596 -45.80 45.83 -17.98
N ASP A 597 -46.39 45.02 -17.10
CA ASP A 597 -47.77 45.21 -16.65
C ASP A 597 -47.87 45.40 -15.15
N GLN A 598 -46.74 45.46 -14.45
CA GLN A 598 -46.72 45.65 -13.00
C GLN A 598 -46.38 47.07 -12.59
N LEU A 599 -45.29 47.63 -13.12
CA LEU A 599 -44.84 48.97 -12.75
C LEU A 599 -45.66 49.99 -13.52
N LYS A 600 -46.82 50.34 -12.97
CA LYS A 600 -47.72 51.33 -13.53
C LYS A 600 -48.21 52.24 -12.41
N PRO A 601 -48.16 53.57 -12.60
CA PRO A 601 -48.65 54.47 -11.55
C PRO A 601 -50.16 54.41 -11.42
N THR A 602 -50.64 53.76 -10.35
CA THR A 602 -52.06 53.56 -10.17
C THR A 602 -52.50 53.91 -8.75
N GLU A 603 -51.55 53.88 -7.81
CA GLU A 603 -51.84 54.15 -6.41
C GLU A 603 -51.33 55.53 -6.02
N SER A 604 -52.05 56.17 -5.09
CA SER A 604 -51.62 57.48 -4.59
C SER A 604 -50.29 57.37 -3.86
N GLY A 605 -50.13 56.34 -3.03
CA GLY A 605 -48.88 56.09 -2.37
C GLY A 605 -48.06 55.05 -3.09
N PRO A 606 -46.77 54.97 -2.77
CA PRO A 606 -45.89 54.01 -3.44
C PRO A 606 -46.02 52.60 -2.85
N LYS A 607 -45.66 51.63 -3.67
CA LYS A 607 -45.66 50.23 -3.27
C LYS A 607 -44.40 49.55 -3.80
N VAL A 608 -43.98 48.50 -3.11
CA VAL A 608 -42.74 47.80 -3.42
C VAL A 608 -43.09 46.39 -3.89
N LYS A 609 -42.78 46.11 -5.16
CA LYS A 609 -42.98 44.79 -5.73
C LYS A 609 -41.62 44.19 -6.06
N LYS A 610 -41.29 43.08 -5.41
CA LYS A 610 -39.98 42.44 -5.52
C LYS A 610 -40.09 41.15 -6.31
N CYS A 611 -39.18 40.99 -7.28
CA CYS A 611 -39.06 39.76 -8.07
C CYS A 611 -37.79 39.04 -7.63
N GLU A 612 -37.94 37.82 -7.13
CA GLU A 612 -36.84 37.05 -6.57
C GLU A 612 -36.37 36.02 -7.59
N VAL A 613 -35.11 36.12 -8.00
CA VAL A 613 -34.49 35.18 -8.92
C VAL A 613 -33.56 34.30 -8.10
N LYS A 614 -34.00 33.08 -7.82
CA LYS A 614 -33.23 32.14 -7.00
C LYS A 614 -32.69 31.04 -7.89
N VAL A 615 -31.37 31.01 -8.07
CA VAL A 615 -30.70 30.06 -8.96
C VAL A 615 -30.05 28.96 -8.13
N ASN A 616 -30.23 27.71 -8.55
CA ASN A 616 -29.55 26.56 -7.98
C ASN A 616 -29.18 25.58 -9.08
N GLU A 617 -29.52 25.93 -10.32
CA GLU A 617 -29.29 25.08 -11.47
C GLU A 617 -28.38 25.80 -12.46
N PRO A 618 -27.34 25.12 -12.96
CA PRO A 618 -26.31 25.83 -13.73
C PRO A 618 -26.76 26.20 -15.14
N LEU A 619 -26.04 27.15 -15.73
CA LEU A 619 -26.28 27.63 -17.09
C LEU A 619 -27.68 28.21 -17.26
N ILE A 620 -27.98 29.29 -16.57
CA ILE A 620 -29.26 29.98 -16.72
C ILE A 620 -29.03 31.29 -17.46
N LYS A 621 -30.12 31.81 -18.02
CA LYS A 621 -30.11 33.10 -18.68
C LYS A 621 -31.00 34.06 -17.90
N VAL A 622 -30.39 34.98 -17.17
CA VAL A 622 -31.11 35.95 -16.35
C VAL A 622 -31.58 37.07 -17.27
N LYS A 623 -32.90 37.25 -17.34
CA LYS A 623 -33.53 38.23 -18.20
C LYS A 623 -34.51 39.08 -17.40
N ILE A 624 -34.35 40.40 -17.48
CA ILE A 624 -35.16 41.36 -16.75
C ILE A 624 -35.83 42.28 -17.75
N ILE A 625 -37.15 42.41 -17.65
CA ILE A 625 -37.94 43.24 -18.55
C ILE A 625 -38.75 44.21 -17.71
N CYS A 626 -38.32 45.47 -17.66
CA CYS A 626 -39.13 46.52 -17.07
C CYS A 626 -39.43 47.57 -18.14
N PRO A 627 -40.56 48.29 -18.02
CA PRO A 627 -41.09 49.04 -19.18
C PRO A 627 -40.11 50.03 -19.79
N LEU A 628 -40.36 50.35 -21.06
CA LEU A 628 -39.46 51.20 -21.83
C LEU A 628 -39.45 52.63 -21.30
N LYS A 629 -38.33 53.32 -21.53
CA LYS A 629 -38.22 54.74 -21.19
C LYS A 629 -39.04 55.62 -22.12
N GLY A 630 -40.03 56.31 -21.57
CA GLY A 630 -40.75 57.32 -22.33
C GLY A 630 -41.56 56.79 -23.50
N SER A 631 -42.09 55.58 -23.38
CA SER A 631 -42.99 55.07 -24.41
C SER A 631 -44.31 55.85 -24.43
N VAL A 632 -44.81 56.25 -23.27
CA VAL A 632 -45.96 57.15 -23.16
C VAL A 632 -45.60 58.24 -22.15
N GLU A 633 -46.02 59.46 -22.44
CA GLU A 633 -45.64 60.61 -21.62
C GLU A 633 -46.51 60.70 -20.37
N LYS A 634 -45.98 61.33 -19.33
CA LYS A 634 -46.66 61.60 -18.06
C LYS A 634 -46.84 60.31 -17.25
N LEU A 635 -46.49 59.17 -17.83
CA LEU A 635 -46.48 57.89 -17.12
C LEU A 635 -45.09 57.28 -17.06
N TYR A 636 -44.29 57.42 -18.12
CA TYR A 636 -42.90 57.00 -18.12
C TYR A 636 -41.94 58.17 -18.33
N ASP A 637 -42.22 59.32 -17.72
CA ASP A 637 -41.43 60.52 -17.98
C ASP A 637 -40.12 60.51 -17.18
N ASN A 638 -40.21 60.31 -15.86
CA ASN A 638 -39.06 60.43 -14.97
C ASN A 638 -38.66 59.10 -14.33
N ILE A 639 -38.66 58.02 -15.09
CA ILE A 639 -38.19 56.74 -14.57
C ILE A 639 -36.69 56.82 -14.33
N GLU A 640 -36.22 56.13 -13.29
CA GLU A 640 -34.79 56.00 -13.02
C GLU A 640 -34.44 54.52 -12.94
N TYR A 641 -33.19 54.18 -13.27
CA TYR A 641 -32.72 52.81 -13.25
C TYR A 641 -31.42 52.69 -12.47
N VAL A 642 -31.34 51.68 -11.60
CA VAL A 642 -30.13 51.37 -10.86
C VAL A 642 -29.76 49.91 -11.13
N PRO A 643 -28.71 49.64 -11.92
CA PRO A 643 -27.89 50.67 -12.57
C PRO A 643 -28.43 51.05 -13.96
N LYS A 644 -27.89 52.13 -14.52
CA LYS A 644 -28.07 52.45 -15.93
C LYS A 644 -26.93 51.88 -16.77
N LYS A 645 -26.05 51.11 -16.13
CA LYS A 645 -24.91 50.47 -16.77
C LYS A 645 -24.99 48.95 -16.61
N SER A 646 -26.18 48.47 -16.28
CA SER A 646 -26.42 47.04 -16.10
C SER A 646 -26.25 46.30 -17.43
N PRO A 647 -25.98 44.98 -17.39
CA PRO A 647 -25.86 44.05 -16.26
C PRO A 647 -24.43 43.75 -15.81
N TYR A 648 -23.46 44.54 -16.26
CA TYR A 648 -22.07 44.27 -15.90
C TYR A 648 -21.80 44.58 -14.43
N VAL A 649 -22.35 45.69 -13.93
CA VAL A 649 -22.14 46.13 -12.56
C VAL A 649 -23.45 45.98 -11.81
N VAL A 650 -23.37 45.61 -10.52
CA VAL A 650 -24.51 45.25 -9.71
C VAL A 650 -24.42 45.98 -8.37
N LEU A 651 -25.38 45.70 -7.50
CA LEU A 651 -25.49 46.35 -6.20
C LEU A 651 -25.16 45.35 -5.11
N THR A 652 -24.26 45.73 -4.20
CA THR A 652 -23.89 44.92 -3.06
C THR A 652 -24.27 45.64 -1.77
N LYS A 653 -24.61 44.88 -0.74
CA LYS A 653 -25.01 45.46 0.54
C LYS A 653 -23.77 45.60 1.43
N GLU A 654 -23.34 46.83 1.63
CA GLU A 654 -22.31 47.17 2.61
C GLU A 654 -23.03 47.47 3.91
N GLU A 655 -23.52 46.41 4.55
CA GLU A 655 -23.90 46.35 5.96
C GLU A 655 -25.00 47.33 6.33
N THR A 656 -25.20 48.35 5.50
CA THR A 656 -26.39 49.19 5.55
C THR A 656 -26.85 49.64 4.17
N LYS A 657 -25.94 49.72 3.19
CA LYS A 657 -26.18 50.52 2.00
C LYS A 657 -25.99 49.70 0.73
N LEU A 658 -26.71 50.07 -0.33
CA LEU A 658 -26.49 49.47 -1.65
C LEU A 658 -25.40 50.24 -2.39
N LYS A 659 -24.37 49.53 -2.84
CA LYS A 659 -23.19 50.14 -3.42
C LYS A 659 -22.85 49.45 -4.75
N GLU A 660 -22.30 50.23 -5.68
CA GLU A 660 -22.02 49.73 -7.02
C GLU A 660 -20.73 48.92 -7.03
N LYS A 661 -20.79 47.70 -7.59
CA LYS A 661 -19.62 46.82 -7.64
C LYS A 661 -19.77 45.86 -8.81
N LEU A 662 -18.64 45.47 -9.38
CA LEU A 662 -18.63 44.64 -10.59
C LEU A 662 -18.95 43.20 -10.25
N LEU A 663 -19.75 42.55 -11.12
CA LEU A 663 -20.15 41.17 -10.89
C LEU A 663 -18.98 40.21 -11.09
N SER A 664 -17.98 40.62 -11.86
CA SER A 664 -16.88 39.73 -12.22
C SER A 664 -16.03 39.33 -11.03
N LYS A 665 -16.04 40.12 -9.96
CA LYS A 665 -15.14 39.87 -8.84
C LYS A 665 -15.64 38.81 -7.88
N LEU A 666 -16.93 38.81 -7.55
CA LEU A 666 -17.47 37.77 -6.68
C LEU A 666 -17.89 36.54 -7.48
N ILE A 667 -18.31 36.72 -8.73
CA ILE A 667 -18.72 35.63 -9.59
C ILE A 667 -17.72 35.54 -10.73
N TYR A 668 -16.91 34.48 -10.74
CA TYR A 668 -15.90 34.27 -11.76
C TYR A 668 -16.45 33.30 -12.81
N GLY A 669 -16.42 33.72 -14.08
CA GLY A 669 -16.93 32.89 -15.15
C GLY A 669 -18.14 33.50 -15.81
N LEU A 670 -18.37 34.78 -15.56
CA LEU A 670 -19.53 35.47 -16.11
C LEU A 670 -19.35 35.68 -17.62
N LEU A 671 -20.48 35.66 -18.33
CA LEU A 671 -20.51 35.85 -19.77
C LEU A 671 -21.61 36.81 -20.13
N ILE A 672 -21.24 38.03 -20.52
CA ILE A 672 -22.18 38.99 -21.08
C ILE A 672 -21.65 39.41 -22.44
N SER A 673 -22.52 39.35 -23.45
CA SER A 673 -22.11 39.55 -24.83
C SER A 673 -22.12 41.03 -25.17
N PRO A 674 -20.97 41.62 -25.50
CA PRO A 674 -20.95 43.04 -25.89
C PRO A 674 -21.46 43.25 -27.30
N THR A 675 -21.81 42.15 -27.98
CA THR A 675 -22.38 42.22 -29.32
C THR A 675 -23.89 42.42 -29.29
N VAL A 676 -24.50 42.38 -28.10
CA VAL A 676 -25.90 42.72 -27.93
C VAL A 676 -26.11 43.89 -26.99
N ASN A 677 -25.13 44.20 -26.13
CA ASN A 677 -25.23 45.30 -25.19
C ASN A 677 -24.23 46.40 -25.51
N GLU A 678 -24.05 46.70 -26.79
CA GLU A 678 -23.18 47.80 -27.21
C GLU A 678 -23.86 49.16 -27.12
N LYS A 679 -25.19 49.18 -27.06
CA LYS A 679 -25.91 50.45 -26.89
C LYS A 679 -25.59 51.06 -25.54
N GLU A 680 -25.71 52.39 -25.45
CA GLU A 680 -25.40 53.08 -24.20
C GLU A 680 -26.34 52.67 -23.08
N ASN A 681 -27.63 52.53 -23.38
CA ASN A 681 -28.62 52.11 -22.39
C ASN A 681 -29.26 50.83 -22.91
N ASN A 682 -29.08 49.74 -22.17
CA ASN A 682 -29.71 48.47 -22.51
C ASN A 682 -31.22 48.57 -22.43
N PHE A 683 -31.73 49.67 -21.87
CA PHE A 683 -33.16 49.81 -21.62
C PHE A 683 -33.96 50.24 -22.83
N LYS A 684 -33.32 50.76 -23.88
CA LYS A 684 -34.09 51.14 -25.07
C LYS A 684 -34.59 49.90 -25.81
N GLU A 685 -33.98 48.75 -25.55
CA GLU A 685 -34.52 47.47 -25.97
C GLU A 685 -35.33 46.81 -24.84
N GLY A 686 -35.13 47.25 -23.61
CA GLY A 686 -35.95 46.76 -22.50
C GLY A 686 -35.68 45.33 -22.11
N VAL A 687 -34.44 44.87 -22.28
CA VAL A 687 -34.05 43.50 -21.93
C VAL A 687 -32.68 43.57 -21.26
N ILE A 688 -32.62 43.15 -20.00
CA ILE A 688 -31.36 43.00 -19.28
C ILE A 688 -31.05 41.51 -19.19
N GLU A 689 -30.10 41.04 -19.98
CA GLU A 689 -29.85 39.60 -20.04
C GLU A 689 -28.38 39.32 -19.81
N PHE A 690 -28.12 38.25 -19.07
CA PHE A 690 -26.74 37.81 -18.86
C PHE A 690 -26.72 36.34 -18.45
N THR A 691 -25.55 35.73 -18.56
CA THR A 691 -25.35 34.32 -18.23
C THR A 691 -24.38 34.19 -17.07
N LEU A 692 -24.67 33.27 -16.17
CA LEU A 692 -24.00 32.89 -14.94
C LEU A 692 -23.23 31.58 -15.14
N PRO A 693 -21.99 31.50 -14.67
CA PRO A 693 -21.21 30.26 -14.83
C PRO A 693 -21.82 29.12 -14.07
N PRO A 694 -21.48 27.88 -14.41
CA PRO A 694 -22.13 26.71 -13.79
C PRO A 694 -21.58 26.32 -12.42
N VAL A 695 -20.41 26.82 -12.02
CA VAL A 695 -19.86 26.53 -10.70
C VAL A 695 -19.56 27.84 -9.98
N VAL A 696 -20.16 28.02 -8.82
CA VAL A 696 -19.98 29.19 -7.98
C VAL A 696 -19.67 28.73 -6.57
N HIS A 697 -18.73 29.41 -5.91
CA HIS A 697 -18.36 29.09 -4.54
C HIS A 697 -18.80 30.15 -3.54
N LYS A 698 -19.50 31.19 -4.00
CA LYS A 698 -19.91 32.28 -3.15
C LYS A 698 -21.38 32.58 -3.34
N ALA A 699 -22.12 32.62 -2.23
CA ALA A 699 -23.53 32.97 -2.22
C ALA A 699 -23.64 34.49 -2.20
N THR A 700 -23.83 35.08 -3.38
CA THR A 700 -23.84 36.53 -3.55
C THR A 700 -25.24 37.00 -3.87
N VAL A 701 -25.60 38.17 -3.34
CA VAL A 701 -26.89 38.80 -3.58
C VAL A 701 -26.66 40.17 -4.21
N PHE A 702 -27.40 40.45 -5.28
CA PHE A 702 -27.37 41.77 -5.91
C PHE A 702 -28.78 42.20 -6.24
N TYR A 703 -28.93 43.51 -6.45
CA TYR A 703 -30.23 44.13 -6.70
C TYR A 703 -30.21 44.87 -8.02
N PHE A 704 -31.31 44.76 -8.74
CA PHE A 704 -31.63 45.62 -9.87
C PHE A 704 -32.88 46.41 -9.54
N ILE A 705 -32.91 47.68 -9.92
CA ILE A 705 -34.03 48.55 -9.58
C ILE A 705 -34.48 49.31 -10.82
N CYS A 706 -35.75 49.14 -11.18
CA CYS A 706 -36.43 50.02 -12.13
C CYS A 706 -37.39 50.86 -11.28
N ASP A 707 -36.95 52.08 -10.91
CA ASP A 707 -37.70 52.95 -10.02
C ASP A 707 -38.60 53.84 -10.87
N ASN A 708 -39.91 53.60 -10.79
CA ASN A 708 -40.92 54.34 -11.55
C ASN A 708 -41.67 55.34 -10.69
N SER A 709 -41.16 55.65 -9.51
CA SER A 709 -41.86 56.49 -8.54
C SER A 709 -41.49 57.96 -8.63
N LYS A 710 -40.50 58.33 -9.44
CA LYS A 710 -40.10 59.73 -9.53
C LYS A 710 -40.98 60.54 -10.47
N THR A 711 -41.81 59.87 -11.29
CA THR A 711 -42.78 60.57 -12.11
C THR A 711 -44.01 60.90 -11.29
N GLU A 712 -44.64 62.03 -11.60
CA GLU A 712 -45.82 62.50 -10.89
C GLU A 712 -46.90 62.91 -11.88
N ASP A 713 -48.02 62.19 -11.85
CA ASP A 713 -49.18 62.48 -12.67
C ASP A 713 -50.38 62.73 -11.76
N ASP A 714 -50.63 64.00 -11.45
CA ASP A 714 -51.68 64.42 -10.53
C ASP A 714 -51.49 63.78 -9.16
N ASN A 715 -50.29 63.92 -8.59
CA ASN A 715 -49.96 63.44 -7.25
C ASN A 715 -50.16 61.93 -7.11
N LYS A 716 -49.76 61.18 -8.13
CA LYS A 716 -49.85 59.71 -8.12
C LYS A 716 -48.46 59.14 -8.29
N LYS A 717 -48.09 58.21 -7.40
CA LYS A 717 -46.74 57.68 -7.32
C LYS A 717 -46.68 56.31 -7.97
N GLY A 718 -45.57 56.01 -8.63
CA GLY A 718 -45.40 54.77 -9.35
C GLY A 718 -44.84 53.65 -8.50
N ASN A 719 -44.80 52.46 -9.09
CA ASN A 719 -44.26 51.29 -8.42
C ASN A 719 -42.80 51.09 -8.79
N ARG A 720 -41.98 50.78 -7.80
CA ARG A 720 -40.56 50.53 -8.00
C ARG A 720 -40.32 49.03 -8.01
N GLY A 721 -39.78 48.53 -9.12
CA GLY A 721 -39.52 47.11 -9.28
C GLY A 721 -38.11 46.76 -8.89
N ILE A 722 -37.97 45.70 -8.08
CA ILE A 722 -36.68 45.25 -7.57
C ILE A 722 -36.49 43.80 -7.95
N VAL A 723 -35.40 43.51 -8.66
CA VAL A 723 -34.99 42.17 -9.04
C VAL A 723 -33.86 41.75 -8.11
N GLU A 724 -34.08 40.71 -7.34
CA GLU A 724 -33.09 40.20 -6.38
C GLU A 724 -32.46 38.96 -6.98
N VAL A 725 -31.17 39.05 -7.31
CA VAL A 725 -30.44 37.91 -7.87
C VAL A 725 -29.54 37.34 -6.76
N TYR A 726 -29.77 36.07 -6.43
CA TYR A 726 -29.11 35.42 -5.31
C TYR A 726 -28.54 34.09 -5.80
N VAL A 727 -27.21 34.00 -5.87
CA VAL A 727 -26.53 32.79 -6.33
C VAL A 727 -25.92 32.09 -5.12
N GLU A 728 -26.25 30.81 -4.96
CA GLU A 728 -25.75 29.88 -3.95
C GLU A 728 -24.72 28.93 -4.57
N PRO A 729 -23.84 28.33 -3.76
CA PRO A 729 -22.87 27.40 -4.33
C PRO A 729 -23.53 26.09 -4.74
N TYR A 730 -23.47 25.80 -6.04
CA TYR A 730 -23.89 24.51 -6.56
C TYR A 730 -22.81 24.02 -7.53
N GLY A 731 -22.49 22.74 -7.44
CA GLY A 731 -21.38 22.19 -8.19
C GLY A 731 -20.03 22.56 -7.57
N ASN A 732 -19.03 21.73 -7.85
CA ASN A 732 -17.72 21.91 -7.25
C ASN A 732 -16.68 22.35 -8.27
N LYS A 733 -16.59 21.65 -9.39
CA LYS A 733 -15.59 21.92 -10.41
C LYS A 733 -16.06 21.40 -11.76
N ILE A 734 -15.81 22.19 -12.81
CA ILE A 734 -16.17 21.76 -14.16
C ILE A 734 -15.12 20.78 -14.66
N ASN A 735 -15.58 19.65 -15.18
CA ASN A 735 -14.68 18.72 -15.87
C ASN A 735 -14.25 19.37 -17.18
N GLY A 736 -13.02 19.87 -17.21
CA GLY A 736 -12.56 20.58 -18.38
C GLY A 736 -11.22 21.25 -18.11
N CYS A 737 -10.98 22.34 -18.82
CA CYS A 737 -9.68 23.01 -18.82
C CYS A 737 -9.84 24.52 -18.80
N ALA A 738 -8.82 25.19 -18.25
CA ALA A 738 -8.73 26.65 -18.24
C ALA A 738 -7.30 27.04 -18.59
N PHE A 739 -7.15 27.93 -19.57
CA PHE A 739 -5.84 28.42 -19.99
C PHE A 739 -5.42 29.57 -19.09
N LEU A 740 -4.42 29.35 -18.25
CA LEU A 740 -3.94 30.34 -17.29
C LEU A 740 -2.81 31.15 -17.91
N ASP A 741 -3.03 32.47 -18.03
CA ASP A 741 -1.98 33.36 -18.49
C ASP A 741 -0.87 33.53 -17.46
N GLU A 742 -1.14 33.24 -16.19
CA GLU A 742 -0.12 33.31 -15.17
C GLU A 742 0.95 32.25 -15.39
N ASP A 743 2.00 32.32 -14.58
CA ASP A 743 3.00 31.27 -14.50
C ASP A 743 2.70 30.36 -13.31
N GLU A 744 3.17 29.12 -13.42
CA GLU A 744 3.00 28.15 -12.34
C GLU A 744 3.68 28.64 -11.07
N GLU A 745 3.04 28.41 -9.94
CA GLU A 745 3.56 28.82 -8.65
C GLU A 745 4.07 27.61 -7.87
N GLU A 746 5.21 27.78 -7.21
CA GLU A 746 5.85 26.69 -6.49
C GLU A 746 4.95 26.19 -5.38
N GLU A 747 5.07 24.90 -5.05
CA GLU A 747 4.24 24.27 -4.04
C GLU A 747 4.38 24.95 -2.68
N LYS A 748 3.34 25.64 -2.25
CA LYS A 748 3.35 26.34 -0.96
C LYS A 748 3.16 25.30 0.13
N TYR A 749 4.29 24.85 0.69
CA TYR A 749 4.27 23.84 1.74
C TYR A 749 3.48 24.33 2.95
N GLY A 750 2.93 23.39 3.69
CA GLY A 750 2.21 23.70 4.92
C GLY A 750 1.02 24.62 4.75
N ASN A 751 0.75 25.44 5.76
CA ASN A 751 -0.44 26.27 5.78
C ASN A 751 -0.16 27.69 5.29
N GLN A 752 0.96 27.87 4.57
CA GLN A 752 1.31 29.16 4.00
C GLN A 752 0.53 29.47 2.72
N ILE A 753 -0.43 28.62 2.38
CA ILE A 753 -1.24 28.86 1.18
C ILE A 753 -2.25 29.96 1.47
N GLU A 754 -2.28 30.96 0.60
CA GLU A 754 -3.20 32.08 0.74
C GLU A 754 -4.32 31.98 -0.29
N GLU A 755 -5.48 31.54 0.19
CA GLU A 755 -6.63 31.24 -0.66
C GLU A 755 -7.64 32.38 -0.55
N ASP A 756 -7.45 33.42 -1.34
CA ASP A 756 -8.35 34.55 -1.32
C ASP A 756 -9.34 34.47 -2.47
N GLU A 757 -10.59 34.87 -2.20
CA GLU A 757 -11.60 34.98 -3.24
C GLU A 757 -11.68 36.38 -3.83
N HIS A 758 -11.01 37.36 -3.23
CA HIS A 758 -10.93 38.68 -3.82
C HIS A 758 -9.99 38.68 -5.03
N ASN A 759 -8.99 37.81 -5.01
CA ASN A 759 -8.02 37.70 -6.10
C ASN A 759 -8.57 36.72 -7.13
N GLU A 760 -8.89 37.23 -8.32
CA GLU A 760 -9.52 36.41 -9.37
C GLU A 760 -8.58 35.31 -9.86
N LYS A 761 -7.26 35.57 -9.78
CA LYS A 761 -6.29 34.56 -10.20
C LYS A 761 -6.42 33.29 -9.36
N ILE A 762 -6.68 33.44 -8.07
CA ILE A 762 -6.68 32.28 -7.18
C ILE A 762 -7.91 31.42 -7.42
N LYS A 763 -9.07 32.04 -7.67
CA LYS A 763 -10.28 31.28 -7.93
C LYS A 763 -10.27 30.68 -9.33
N MET A 764 -9.66 31.39 -10.29
CA MET A 764 -9.56 30.85 -11.65
C MET A 764 -8.90 29.48 -11.66
N LYS A 765 -7.85 29.30 -10.85
CA LYS A 765 -7.17 28.02 -10.78
C LYS A 765 -8.05 26.91 -10.24
N THR A 766 -9.14 27.25 -9.57
CA THR A 766 -10.05 26.27 -9.00
C THR A 766 -11.32 26.09 -9.83
N PHE A 767 -11.36 26.65 -11.04
CA PHE A 767 -12.58 26.68 -11.83
C PHE A 767 -12.73 25.43 -12.71
N PHE A 768 -11.62 24.93 -13.25
CA PHE A 768 -11.63 23.71 -14.05
C PHE A 768 -10.70 22.67 -13.44
N THR A 769 -10.82 21.43 -13.94
CA THR A 769 -9.95 20.35 -13.48
C THR A 769 -8.54 20.43 -14.06
N GLN A 770 -8.39 21.05 -15.23
CA GLN A 770 -7.09 21.22 -15.86
C GLN A 770 -6.72 22.69 -15.90
N ASN A 771 -5.50 23.01 -15.49
CA ASN A 771 -4.96 24.36 -15.54
C ASN A 771 -3.76 24.34 -16.47
N ILE A 772 -3.91 24.94 -17.65
CA ILE A 772 -2.88 24.90 -18.68
C ILE A 772 -2.06 26.18 -18.60
N TYR A 773 -0.83 26.06 -18.13
CA TYR A 773 0.16 27.12 -18.25
C TYR A 773 0.83 27.01 -19.61
N LYS A 774 1.04 28.16 -20.26
CA LYS A 774 1.45 28.15 -21.65
C LYS A 774 2.90 27.70 -21.81
N LYS A 775 3.72 27.89 -20.78
CA LYS A 775 5.15 27.60 -20.86
C LYS A 775 5.57 26.43 -19.99
N ASN A 776 4.65 25.83 -19.24
CA ASN A 776 5.01 24.70 -18.39
C ASN A 776 4.11 23.50 -18.66
N ASN A 777 2.83 23.75 -18.95
CA ASN A 777 1.88 22.69 -19.18
C ASN A 777 1.95 22.23 -20.63
N ILE A 778 2.47 21.02 -20.83
CA ILE A 778 2.53 20.42 -22.16
C ILE A 778 1.34 19.51 -22.42
N TYR A 779 0.70 19.00 -21.36
CA TYR A 779 -0.41 18.07 -21.23
C TYR A 779 -1.62 18.57 -22.02
N PRO A 780 -2.17 17.74 -22.90
CA PRO A 780 -3.35 18.16 -23.66
C PRO A 780 -4.55 18.36 -22.77
N CYS A 781 -5.45 19.24 -23.20
CA CYS A 781 -6.70 19.44 -22.47
C CYS A 781 -7.56 18.19 -22.56
N TYR A 782 -8.29 17.90 -21.48
CA TYR A 782 -9.20 16.74 -21.48
C TYR A 782 -10.54 17.15 -20.90
N MET A 783 -11.61 16.56 -21.45
CA MET A 783 -12.96 16.71 -20.96
C MET A 783 -13.62 15.34 -20.90
N LYS A 784 -14.35 15.08 -19.83
CA LYS A 784 -15.16 13.88 -19.67
C LYS A 784 -16.60 14.29 -19.36
N LEU A 785 -17.53 13.84 -20.20
CA LEU A 785 -18.94 14.18 -20.04
C LEU A 785 -19.76 12.91 -19.91
N TYR A 786 -20.66 12.90 -18.92
CA TYR A 786 -21.59 11.81 -18.70
C TYR A 786 -22.98 12.25 -19.13
N SER A 787 -23.94 11.32 -19.08
CA SER A 787 -25.30 11.64 -19.48
C SER A 787 -25.89 12.66 -18.53
N GLY A 788 -25.97 13.91 -18.98
CA GLY A 788 -26.41 15.01 -18.15
C GLY A 788 -25.32 15.84 -17.53
N ASP A 789 -24.09 15.77 -18.05
CA ASP A 789 -22.96 16.48 -17.48
C ASP A 789 -22.80 17.86 -18.13
N ILE A 790 -21.91 18.66 -17.55
CA ILE A 790 -21.63 20.02 -18.02
C ILE A 790 -20.12 20.21 -18.04
N GLY A 791 -19.55 20.31 -19.25
CA GLY A 791 -18.14 20.57 -19.42
C GLY A 791 -17.91 21.95 -20.02
N GLY A 792 -16.65 22.23 -20.30
CA GLY A 792 -16.33 23.50 -20.91
C GLY A 792 -14.84 23.69 -21.01
N ILE A 793 -14.46 24.80 -21.65
CA ILE A 793 -13.07 25.22 -21.76
C ILE A 793 -12.99 26.73 -21.61
N LEU A 794 -12.11 27.19 -20.73
CA LEU A 794 -11.77 28.60 -20.60
C LEU A 794 -10.61 28.87 -21.54
N PHE A 795 -10.90 29.50 -22.67
CA PHE A 795 -9.94 29.75 -23.72
C PHE A 795 -9.11 30.99 -23.40
N PRO A 796 -7.88 31.06 -23.90
CA PRO A 796 -7.04 32.24 -23.65
C PRO A 796 -7.41 33.39 -24.59
N LYS A 797 -6.68 34.49 -24.42
CA LYS A 797 -6.82 35.66 -25.28
C LYS A 797 -5.90 35.59 -26.48
N ASN A 798 -4.89 34.72 -26.47
CA ASN A 798 -3.96 34.58 -27.57
C ASN A 798 -4.26 33.36 -28.45
N ILE A 799 -5.52 32.92 -28.48
CA ILE A 799 -5.93 31.89 -29.43
C ILE A 799 -6.28 32.53 -30.76
N LYS A 800 -5.82 31.93 -31.85
CA LYS A 800 -6.15 32.45 -33.17
C LYS A 800 -7.40 31.76 -33.74
N SER A 801 -7.42 30.44 -33.70
CA SER A 801 -8.57 29.67 -34.14
C SER A 801 -8.54 28.32 -33.46
N THR A 802 -9.71 27.68 -33.39
CA THR A 802 -9.84 26.38 -32.78
C THR A 802 -10.83 25.53 -33.56
N THR A 803 -10.60 24.23 -33.55
CA THR A 803 -11.50 23.26 -34.16
C THR A 803 -12.27 22.46 -33.12
N CYS A 804 -12.54 23.05 -31.96
CA CYS A 804 -13.22 22.37 -30.87
C CYS A 804 -14.63 22.92 -30.73
N PHE A 805 -15.60 22.02 -30.57
CA PHE A 805 -17.03 22.26 -30.34
C PHE A 805 -17.73 22.78 -31.59
N GLU A 806 -17.01 23.06 -32.67
CA GLU A 806 -17.62 23.44 -33.93
C GLU A 806 -17.05 22.70 -35.14
N GLU A 807 -15.81 22.24 -35.09
CA GLU A 807 -15.19 21.48 -36.18
C GLU A 807 -14.39 20.32 -35.63
N MET A 808 -14.94 19.63 -34.63
CA MET A 808 -14.21 18.59 -33.92
C MET A 808 -13.92 17.41 -34.83
N ILE A 809 -12.79 16.75 -34.57
CA ILE A 809 -12.38 15.56 -35.31
C ILE A 809 -12.91 14.34 -34.57
N PRO A 810 -13.87 13.60 -35.12
CA PRO A 810 -14.40 12.43 -34.40
C PRO A 810 -13.38 11.30 -34.36
N TYR A 811 -13.04 10.87 -33.15
CA TYR A 811 -12.16 9.73 -32.91
C TYR A 811 -13.05 8.50 -32.80
N ASN A 812 -13.21 7.79 -33.90
CA ASN A 812 -14.10 6.64 -33.99
C ASN A 812 -13.32 5.36 -34.23
N LYS A 813 -13.32 4.47 -33.24
CA LYS A 813 -12.71 3.15 -33.37
C LYS A 813 -13.72 2.08 -33.73
N GLU A 814 -15.01 2.29 -33.43
CA GLU A 814 -16.03 1.31 -33.77
C GLU A 814 -16.13 1.13 -35.29
N ILE A 815 -15.97 2.23 -36.03
CA ILE A 815 -15.96 2.19 -37.49
C ILE A 815 -14.63 2.73 -37.98
N LYS A 816 -14.45 2.79 -39.30
CA LYS A 816 -13.16 3.20 -39.85
C LYS A 816 -12.96 4.70 -39.68
N TRP A 817 -11.69 5.12 -39.76
CA TRP A 817 -11.30 6.50 -39.48
C TRP A 817 -12.05 7.54 -40.29
N ASN A 818 -12.68 8.48 -39.60
CA ASN A 818 -13.19 9.70 -40.20
C ASN A 818 -12.34 10.88 -39.73
N LYS A 819 -11.92 11.70 -40.68
CA LYS A 819 -11.06 12.84 -40.38
C LYS A 819 -11.74 14.18 -40.61
N GLU A 820 -13.02 14.18 -40.98
CA GLU A 820 -13.70 15.42 -41.29
C GLU A 820 -13.99 16.23 -40.02
N ASN A 821 -14.22 17.52 -40.21
CA ASN A 821 -14.54 18.42 -39.11
C ASN A 821 -16.04 18.38 -38.84
N LYS A 822 -16.40 18.08 -37.60
CA LYS A 822 -17.80 17.92 -37.24
C LYS A 822 -18.07 18.55 -35.88
N SER A 823 -19.11 19.39 -35.84
CA SER A 823 -19.49 20.07 -34.60
C SER A 823 -20.24 19.12 -33.67
N LEU A 824 -20.50 19.62 -32.45
CA LEU A 824 -21.29 18.85 -31.49
C LEU A 824 -22.72 18.68 -31.97
N GLY A 825 -23.21 19.60 -32.80
CA GLY A 825 -24.60 19.56 -33.21
C GLY A 825 -24.95 18.35 -34.05
N ASN A 826 -24.06 17.97 -34.98
CA ASN A 826 -24.35 16.84 -35.85
C ASN A 826 -23.97 15.51 -35.19
N LEU A 827 -22.97 15.52 -34.32
CA LEU A 827 -22.57 14.31 -33.60
C LEU A 827 -23.46 14.02 -32.40
N VAL A 828 -23.97 15.05 -31.73
CA VAL A 828 -24.82 14.88 -30.56
C VAL A 828 -26.04 15.78 -30.71
N ASN A 829 -27.22 15.21 -30.46
CA ASN A 829 -28.46 15.99 -30.44
C ASN A 829 -28.61 16.65 -29.08
N ASN A 830 -29.21 17.85 -29.07
CA ASN A 830 -29.61 18.56 -27.86
C ASN A 830 -28.41 18.97 -27.00
N SER A 831 -27.22 18.96 -27.59
CA SER A 831 -26.06 19.48 -26.88
C SER A 831 -26.02 21.00 -27.01
N VAL A 832 -25.76 21.67 -25.89
CA VAL A 832 -25.87 23.13 -25.80
C VAL A 832 -24.48 23.72 -25.66
N VAL A 833 -24.18 24.72 -26.48
CA VAL A 833 -22.89 25.41 -26.47
C VAL A 833 -23.15 26.88 -26.16
N TYR A 834 -22.39 27.43 -25.22
CA TYR A 834 -22.54 28.83 -24.82
C TYR A 834 -21.31 29.63 -25.22
N ASN A 835 -21.55 30.88 -25.63
CA ASN A 835 -20.48 31.83 -26.00
C ASN A 835 -19.64 31.26 -27.14
N LYS A 836 -20.33 30.86 -28.21
CA LYS A 836 -19.65 30.16 -29.30
C LYS A 836 -18.65 31.06 -30.02
N GLU A 837 -19.07 32.28 -30.38
CA GLU A 837 -18.21 33.17 -31.15
C GLU A 837 -17.04 33.72 -30.34
N MET A 838 -16.98 33.39 -29.04
CA MET A 838 -15.91 33.87 -28.17
C MET A 838 -15.93 35.40 -28.12
N ASN A 839 -17.08 35.98 -27.75
CA ASN A 839 -17.26 37.42 -27.80
C ASN A 839 -17.27 38.09 -26.43
N ALA A 840 -17.40 37.33 -25.35
CA ALA A 840 -17.45 37.92 -24.02
C ALA A 840 -16.17 38.69 -23.71
N LYS A 841 -16.32 39.80 -22.98
CA LYS A 841 -15.20 40.70 -22.72
C LYS A 841 -14.37 40.28 -21.52
N TYR A 842 -15.02 39.84 -20.44
CA TYR A 842 -14.29 39.56 -19.20
C TYR A 842 -13.45 38.29 -19.34
N PHE A 843 -14.10 37.15 -19.52
CA PHE A 843 -13.42 35.87 -19.65
C PHE A 843 -14.12 35.08 -20.73
N ASN A 844 -13.33 34.54 -21.67
CA ASN A 844 -13.88 33.85 -22.83
C ASN A 844 -13.88 32.35 -22.53
N VAL A 845 -14.97 31.88 -21.91
CA VAL A 845 -15.13 30.48 -21.58
C VAL A 845 -16.38 29.96 -22.30
N GLN A 846 -16.26 28.76 -22.86
CA GLN A 846 -17.36 28.11 -23.56
C GLN A 846 -17.82 26.90 -22.74
N TYR A 847 -19.10 26.89 -22.40
CA TYR A 847 -19.72 25.80 -21.65
C TYR A 847 -20.57 24.94 -22.56
N VAL A 848 -20.39 23.63 -22.44
CA VAL A 848 -21.18 22.66 -23.20
C VAL A 848 -21.97 21.81 -22.23
N HIS A 849 -23.29 21.85 -22.37
CA HIS A 849 -24.20 21.00 -21.63
C HIS A 849 -24.57 19.81 -22.50
N ILE A 850 -24.17 18.63 -22.06
CA ILE A 850 -24.46 17.38 -22.77
C ILE A 850 -25.77 16.84 -22.20
N PRO A 851 -26.76 16.53 -23.03
CA PRO A 851 -28.06 16.10 -22.50
C PRO A 851 -28.08 14.63 -22.10
N THR A 852 -29.21 14.19 -21.53
CA THR A 852 -29.40 12.79 -21.16
C THR A 852 -29.91 11.94 -22.30
N SER A 853 -30.35 12.55 -23.41
CA SER A 853 -30.85 11.79 -24.55
C SER A 853 -29.76 10.94 -25.18
N TYR A 854 -28.53 11.45 -25.23
CA TYR A 854 -27.43 10.70 -25.80
C TYR A 854 -26.99 9.60 -24.84
N LYS A 855 -27.10 8.35 -25.28
CA LYS A 855 -26.71 7.20 -24.47
C LYS A 855 -25.69 6.35 -25.20
N ASP A 856 -24.87 6.96 -26.04
CA ASP A 856 -23.80 6.27 -26.77
C ASP A 856 -22.47 6.93 -26.44
N THR A 857 -21.40 6.14 -26.53
CA THR A 857 -20.06 6.66 -26.26
C THR A 857 -19.53 7.40 -27.48
N LEU A 858 -18.99 8.59 -27.26
CA LEU A 858 -18.40 9.40 -28.31
C LEU A 858 -17.03 9.88 -27.86
N ASN A 859 -16.14 10.08 -28.82
CA ASN A 859 -14.81 10.62 -28.54
C ASN A 859 -14.48 11.64 -29.63
N LEU A 860 -13.97 12.80 -29.23
CA LEU A 860 -13.71 13.89 -30.15
C LEU A 860 -12.36 14.52 -29.83
N PHE A 861 -11.73 15.08 -30.86
CA PHE A 861 -10.42 15.70 -30.74
C PHE A 861 -10.49 17.13 -31.25
N CYS A 862 -9.72 18.00 -30.59
CA CYS A 862 -9.75 19.43 -30.85
C CYS A 862 -8.31 19.93 -30.94
N SER A 863 -8.12 20.98 -31.73
CA SER A 863 -6.83 21.65 -31.83
C SER A 863 -7.00 23.14 -31.59
N ILE A 864 -6.33 23.63 -30.54
CA ILE A 864 -6.39 25.04 -30.16
C ILE A 864 -5.05 25.66 -30.52
N ILE A 865 -5.03 26.49 -31.55
CA ILE A 865 -3.81 27.12 -32.04
C ILE A 865 -3.71 28.49 -31.39
N LEU A 866 -2.56 28.76 -30.78
CA LEU A 866 -2.33 30.02 -30.09
C LEU A 866 -1.60 31.00 -31.00
N LYS A 867 -1.81 32.29 -30.73
CA LYS A 867 -1.14 33.34 -31.49
C LYS A 867 0.36 33.25 -31.28
N GLU A 868 1.10 33.22 -32.39
CA GLU A 868 2.55 33.11 -32.33
C GLU A 868 3.15 34.34 -31.67
N GLU A 869 3.61 34.18 -30.44
CA GLU A 869 4.12 35.27 -29.62
C GLU A 869 5.65 35.23 -29.58
N GLU A 870 6.23 36.30 -29.05
CA GLU A 870 7.68 36.43 -29.03
C GLU A 870 8.32 35.45 -28.05
N SER A 871 7.73 35.30 -26.87
CA SER A 871 8.27 34.41 -25.86
C SER A 871 8.09 32.95 -26.27
N ASN A 872 8.92 32.09 -25.71
CA ASN A 872 8.88 30.68 -26.06
C ASN A 872 7.88 29.93 -25.18
N LEU A 873 6.97 29.21 -25.85
CA LEU A 873 5.97 28.39 -25.20
C LEU A 873 6.17 26.93 -25.62
N ILE A 874 5.72 26.02 -24.76
CA ILE A 874 5.97 24.59 -25.00
C ILE A 874 5.25 24.13 -26.26
N SER A 875 4.05 24.65 -26.52
CA SER A 875 3.30 24.26 -27.69
C SER A 875 2.35 25.38 -28.09
N THR A 876 2.52 25.89 -29.31
CA THR A 876 1.63 26.91 -29.84
C THR A 876 0.30 26.34 -30.30
N SER A 877 0.16 25.02 -30.37
CA SER A 877 -1.10 24.37 -30.64
C SER A 877 -1.25 23.21 -29.66
N TYR A 878 -2.36 23.21 -28.92
CA TYR A 878 -2.62 22.21 -27.89
C TYR A 878 -3.80 21.36 -28.29
N LEU A 879 -3.67 20.04 -28.10
CA LEU A 879 -4.72 19.10 -28.41
C LEU A 879 -5.70 18.98 -27.24
N VAL A 880 -6.94 18.65 -27.57
CA VAL A 880 -8.01 18.47 -26.59
C VAL A 880 -8.72 17.16 -26.87
N TYR A 881 -8.83 16.32 -25.86
CA TYR A 881 -9.51 15.04 -25.95
C TYR A 881 -10.81 15.12 -25.14
N VAL A 882 -11.95 14.96 -25.81
CA VAL A 882 -13.25 15.03 -25.17
C VAL A 882 -13.92 13.69 -25.30
N SER A 883 -14.13 13.01 -24.17
CA SER A 883 -14.87 11.76 -24.12
C SER A 883 -16.26 12.05 -23.60
N ILE A 884 -17.28 11.52 -24.27
CA ILE A 884 -18.68 11.77 -23.97
C ILE A 884 -19.35 10.44 -23.67
N ASN A 885 -19.90 10.32 -22.46
CA ASN A 885 -20.72 9.17 -22.05
C ASN A 885 -19.90 7.88 -22.04
N GLU A 886 -18.75 7.91 -21.37
CA GLU A 886 -18.01 6.68 -21.09
C GLU A 886 -17.53 6.74 -19.64
N GLU A 887 -17.75 5.65 -18.92
CA GLU A 887 -17.49 5.59 -17.48
C GLU A 887 -16.33 4.68 -17.11
N LEU A 888 -16.00 3.71 -17.95
CA LEU A 888 -14.89 2.80 -17.69
C LEU A 888 -13.78 3.02 -18.71
N ASN A 889 -12.60 3.37 -18.22
CA ASN A 889 -11.42 3.61 -19.05
C ASN A 889 -10.48 2.43 -18.95
N PHE A 890 -9.56 2.32 -19.92
CA PHE A 890 -8.76 1.11 -20.12
C PHE A 890 -9.66 -0.13 -20.19
N SER A 891 -10.63 -0.09 -21.10
CA SER A 891 -11.50 -1.25 -21.31
C SER A 891 -10.72 -2.38 -21.96
N LEU A 892 -11.14 -3.62 -21.67
CA LEU A 892 -10.48 -4.77 -22.26
C LEU A 892 -10.85 -4.90 -23.74
N PHE A 893 -11.90 -4.23 -24.17
CA PHE A 893 -12.25 -4.26 -25.59
C PHE A 893 -11.35 -3.32 -26.39
N ASP A 894 -11.01 -2.16 -25.82
CA ASP A 894 -9.95 -1.34 -26.40
C ASP A 894 -8.64 -2.12 -26.41
N PHE A 895 -8.42 -2.93 -25.38
CA PHE A 895 -7.24 -3.81 -25.32
C PHE A 895 -7.28 -4.84 -26.45
N TYR A 896 -8.47 -5.30 -26.81
CA TYR A 896 -8.61 -6.34 -27.82
C TYR A 896 -8.50 -5.76 -29.22
N GLU A 897 -8.96 -4.51 -29.41
CA GLU A 897 -9.02 -3.96 -30.76
C GLU A 897 -7.63 -3.70 -31.32
N SER A 898 -6.65 -3.41 -30.47
CA SER A 898 -5.29 -3.18 -30.95
C SER A 898 -4.65 -4.46 -31.48
N PHE A 899 -5.30 -5.61 -31.29
CA PHE A 899 -4.78 -6.88 -31.79
C PHE A 899 -5.75 -7.57 -32.74
N VAL A 900 -7.06 -7.42 -32.53
CA VAL A 900 -8.08 -7.97 -33.40
C VAL A 900 -9.19 -6.93 -33.54
N PRO A 901 -9.61 -6.57 -34.75
CA PRO A 901 -10.61 -5.51 -34.89
C PRO A 901 -11.95 -5.94 -34.31
N ILE A 902 -12.65 -4.98 -33.72
CA ILE A 902 -13.91 -5.23 -33.02
C ILE A 902 -14.94 -4.22 -33.51
N LYS A 903 -16.06 -4.71 -33.99
CA LYS A 903 -17.21 -3.86 -34.29
C LYS A 903 -18.14 -3.89 -33.08
N LYS A 904 -18.42 -2.72 -32.52
CA LYS A 904 -19.15 -2.64 -31.27
C LYS A 904 -19.84 -1.29 -31.14
N THR A 905 -20.82 -1.24 -30.24
CA THR A 905 -21.42 0.00 -29.81
C THR A 905 -21.36 0.03 -28.29
N ILE A 906 -20.42 0.79 -27.74
CA ILE A 906 -20.23 0.90 -26.30
C ILE A 906 -21.31 1.81 -25.75
N GLN A 907 -21.90 1.42 -24.62
CA GLN A 907 -23.01 2.16 -24.04
C GLN A 907 -22.80 2.37 -22.54
N VAL A 908 -23.50 3.39 -22.03
CA VAL A 908 -23.60 3.62 -20.60
C VAL A 908 -24.97 3.15 -20.14
N ALA A 909 -25.04 2.69 -18.89
CA ALA A 909 -26.32 2.28 -18.32
C ALA A 909 -27.26 3.48 -18.25
N GLN A 910 -28.53 3.22 -18.48
CA GLN A 910 -29.54 4.28 -18.47
C GLN A 910 -29.74 4.76 -17.04
N LYS A 911 -29.29 5.98 -16.76
CA LYS A 911 -29.57 6.60 -15.47
C LYS A 911 -31.04 6.99 -15.41
N ASN A 912 -31.78 6.29 -14.56
CA ASN A 912 -33.23 6.45 -14.52
C ASN A 912 -33.60 7.78 -13.91
N VAL A 913 -34.44 8.53 -14.62
CA VAL A 913 -34.98 9.79 -14.11
C VAL A 913 -36.37 9.64 -13.51
N ASN A 914 -37.19 8.71 -14.00
CA ASN A 914 -38.49 8.41 -13.42
C ASN A 914 -38.39 7.51 -12.19
N ASN A 915 -37.19 7.05 -11.85
CA ASN A 915 -36.97 6.26 -10.64
C ASN A 915 -35.84 6.89 -9.83
N LYS A 916 -35.36 6.17 -8.82
CA LYS A 916 -34.31 6.69 -7.95
C LYS A 916 -33.04 6.96 -8.75
N GLU A 917 -32.22 7.88 -8.23
CA GLU A 917 -31.00 8.27 -8.94
C GLU A 917 -30.01 7.12 -9.06
N HIS A 918 -30.00 6.22 -8.09
CA HIS A 918 -29.05 5.11 -8.07
C HIS A 918 -29.62 3.83 -8.67
N ASP A 919 -30.64 3.94 -9.52
CA ASP A 919 -31.16 2.83 -10.30
C ASP A 919 -30.70 3.00 -11.75
N TYR A 920 -29.93 2.04 -12.23
CA TYR A 920 -29.40 2.08 -13.58
C TYR A 920 -29.66 0.75 -14.29
N THR A 921 -29.99 0.83 -15.58
CA THR A 921 -30.39 -0.33 -16.35
C THR A 921 -29.67 -0.34 -17.69
N CYS A 922 -29.38 -1.54 -18.19
CA CYS A 922 -28.91 -1.75 -19.56
C CYS A 922 -29.92 -2.66 -20.24
N ASP A 923 -30.53 -2.18 -21.32
CA ASP A 923 -31.65 -2.84 -21.96
C ASP A 923 -31.15 -3.55 -23.22
N PHE A 924 -31.01 -4.87 -23.14
CA PHE A 924 -30.66 -5.68 -24.30
C PHE A 924 -31.89 -6.24 -25.01
N THR A 925 -33.08 -5.77 -24.63
CA THR A 925 -34.30 -6.25 -25.28
C THR A 925 -34.41 -5.70 -26.70
N ASP A 926 -33.98 -4.45 -26.90
CA ASP A 926 -34.02 -3.81 -28.21
C ASP A 926 -32.67 -3.82 -28.91
N LYS A 927 -31.66 -4.40 -28.27
CA LYS A 927 -30.31 -4.45 -28.83
C LYS A 927 -29.84 -5.88 -29.09
N LEU A 928 -30.76 -6.84 -29.12
CA LEU A 928 -30.42 -8.25 -29.37
C LEU A 928 -31.07 -8.76 -30.64
N ASP A 929 -31.25 -7.89 -31.62
CA ASP A 929 -31.97 -8.25 -32.83
C ASP A 929 -31.17 -9.26 -33.66
N LYS A 930 -31.83 -9.82 -34.67
CA LYS A 930 -31.20 -10.75 -35.60
C LYS A 930 -30.65 -9.97 -36.78
N THR A 931 -29.33 -9.82 -36.84
CA THR A 931 -28.66 -9.02 -37.84
C THR A 931 -27.56 -9.84 -38.49
N VAL A 932 -27.77 -10.20 -39.75
CA VAL A 932 -26.75 -10.90 -40.55
C VAL A 932 -25.74 -9.87 -41.03
N PRO A 933 -24.44 -10.17 -40.96
CA PRO A 933 -23.43 -9.17 -41.37
C PRO A 933 -23.43 -8.96 -42.88
N SER A 934 -24.00 -7.83 -43.31
CA SER A 934 -23.86 -7.35 -44.67
C SER A 934 -23.40 -5.90 -44.76
N THR A 935 -23.81 -5.04 -43.84
CA THR A 935 -23.35 -3.67 -43.71
C THR A 935 -22.53 -3.57 -42.42
N ALA A 936 -21.83 -2.46 -42.20
CA ALA A 936 -20.98 -2.28 -41.04
C ALA A 936 -21.77 -2.09 -39.75
N ASN A 937 -23.09 -2.28 -39.79
CA ASN A 937 -23.92 -2.23 -38.59
C ASN A 937 -24.53 -3.58 -38.23
N GLY A 938 -24.54 -4.53 -39.16
CA GLY A 938 -25.04 -5.86 -38.88
C GLY A 938 -24.16 -6.65 -37.93
N LYS A 939 -24.77 -7.28 -36.93
CA LYS A 939 -24.05 -8.06 -35.93
C LYS A 939 -23.04 -7.19 -35.20
N LYS A 940 -23.53 -6.16 -34.52
CA LYS A 940 -22.67 -5.32 -33.69
C LYS A 940 -22.60 -5.88 -32.28
N LEU A 941 -21.77 -5.23 -31.47
CA LEU A 941 -21.66 -5.57 -30.05
C LEU A 941 -22.14 -4.39 -29.22
N PHE A 942 -23.23 -4.60 -28.47
CA PHE A 942 -23.73 -3.58 -27.55
C PHE A 942 -23.08 -3.80 -26.19
N ILE A 943 -22.15 -2.91 -25.84
CA ILE A 943 -21.34 -3.05 -24.64
C ILE A 943 -21.77 -1.97 -23.66
N CYS A 944 -22.42 -2.37 -22.57
CA CYS A 944 -22.95 -1.45 -21.58
C CYS A 944 -22.02 -1.39 -20.37
N ARG A 945 -21.42 -0.23 -20.15
CA ARG A 945 -20.45 -0.04 -19.07
C ARG A 945 -20.98 0.96 -18.06
N LYS A 946 -20.84 0.62 -16.78
CA LYS A 946 -21.37 1.44 -15.70
C LYS A 946 -20.59 1.13 -14.43
N HIS A 947 -20.18 2.17 -13.71
CA HIS A 947 -19.39 2.04 -12.50
C HIS A 947 -20.31 2.25 -11.29
N LEU A 948 -20.52 1.18 -10.53
CA LEU A 948 -21.38 1.21 -9.36
C LEU A 948 -20.58 1.64 -8.13
N LYS A 949 -21.23 2.40 -7.26
CA LYS A 949 -20.61 2.92 -6.04
C LYS A 949 -21.49 2.54 -4.85
N GLU A 950 -21.21 3.16 -3.71
CA GLU A 950 -21.95 2.89 -2.49
C GLU A 950 -23.45 3.03 -2.71
N PHE A 951 -24.21 2.03 -2.23
CA PHE A 951 -25.67 2.05 -2.24
C PHE A 951 -26.25 2.07 -3.65
N ASP A 952 -25.40 1.86 -4.66
CA ASP A 952 -25.87 1.82 -6.03
C ASP A 952 -26.35 0.42 -6.40
N THR A 953 -27.39 0.36 -7.23
CA THR A 953 -27.96 -0.89 -7.70
C THR A 953 -27.98 -0.90 -9.22
N PHE A 954 -27.80 -2.08 -9.81
CA PHE A 954 -27.84 -2.28 -11.24
C PHE A 954 -28.88 -3.34 -11.60
N THR A 955 -29.50 -3.16 -12.77
CA THR A 955 -30.53 -4.07 -13.25
C THR A 955 -30.31 -4.33 -14.74
N LEU A 956 -30.09 -5.60 -15.09
CA LEU A 956 -29.95 -6.02 -16.47
C LEU A 956 -31.23 -6.73 -16.92
N LYS A 957 -31.64 -6.46 -18.16
CA LYS A 957 -32.77 -7.12 -18.78
C LYS A 957 -32.36 -7.64 -20.15
N CYS A 958 -32.62 -8.92 -20.40
CA CYS A 958 -32.40 -9.54 -21.70
C CYS A 958 -33.71 -10.09 -22.23
N ASN A 959 -33.82 -10.19 -23.55
CA ASN A 959 -34.94 -10.87 -24.18
C ASN A 959 -34.49 -12.28 -24.55
N VAL A 960 -35.12 -13.29 -23.95
CA VAL A 960 -34.65 -14.67 -24.01
C VAL A 960 -35.71 -15.60 -24.59
N ASN A 961 -36.86 -15.06 -25.02
CA ASN A 961 -37.93 -15.90 -25.52
C ASN A 961 -37.51 -16.62 -26.79
N LYS A 962 -38.08 -17.81 -27.02
CA LYS A 962 -37.71 -18.66 -28.14
C LYS A 962 -38.52 -18.38 -29.39
N THR A 963 -39.55 -17.53 -29.31
CA THR A 963 -40.41 -17.27 -30.46
C THR A 963 -39.95 -16.06 -31.27
N GLN A 964 -39.15 -15.18 -30.68
CA GLN A 964 -38.49 -14.11 -31.43
C GLN A 964 -37.05 -14.45 -31.77
N TYR A 965 -36.33 -15.10 -30.85
CA TYR A 965 -34.98 -15.56 -31.09
C TYR A 965 -35.01 -17.08 -31.16
N PRO A 966 -34.55 -17.67 -32.27
CA PRO A 966 -34.59 -19.14 -32.39
C PRO A 966 -33.74 -19.82 -31.33
N ASN A 967 -32.59 -19.23 -31.00
CA ASN A 967 -31.70 -19.73 -29.98
C ASN A 967 -30.93 -18.57 -29.39
N ILE A 968 -30.92 -18.46 -28.06
CA ILE A 968 -30.11 -17.48 -27.35
C ILE A 968 -29.60 -18.11 -26.07
N GLU A 969 -28.38 -17.72 -25.69
CA GLU A 969 -27.71 -18.27 -24.52
C GLU A 969 -27.34 -17.12 -23.58
N ILE A 970 -27.30 -17.41 -22.29
CA ILE A 970 -26.88 -16.41 -21.31
C ILE A 970 -25.49 -16.78 -20.81
N PHE A 971 -24.57 -15.82 -20.88
CA PHE A 971 -23.16 -16.06 -20.62
C PHE A 971 -22.77 -15.37 -19.32
N PRO A 972 -22.14 -16.07 -18.37
CA PRO A 972 -21.90 -17.53 -18.41
C PRO A 972 -23.14 -18.35 -18.10
N LYS A 973 -23.04 -19.67 -18.27
CA LYS A 973 -24.18 -20.55 -18.02
C LYS A 973 -24.49 -20.67 -16.54
N THR A 974 -23.50 -20.43 -15.68
CA THR A 974 -23.63 -20.61 -14.24
C THR A 974 -24.14 -19.38 -13.52
N LEU A 975 -24.69 -18.38 -14.24
CA LEU A 975 -25.20 -17.18 -13.59
C LEU A 975 -26.43 -17.48 -12.74
N LYS A 976 -27.23 -18.46 -13.16
CA LYS A 976 -28.55 -18.63 -12.55
C LYS A 976 -28.50 -19.52 -11.31
N ASP A 977 -27.94 -20.73 -11.44
CA ASP A 977 -28.08 -21.73 -10.39
C ASP A 977 -27.07 -21.55 -9.26
N LYS A 978 -25.78 -21.46 -9.57
CA LYS A 978 -24.74 -21.36 -8.56
C LYS A 978 -24.34 -19.92 -8.25
N LYS A 979 -24.82 -18.96 -9.05
CA LYS A 979 -24.54 -17.53 -8.85
C LYS A 979 -23.05 -17.22 -8.98
N GLU A 980 -22.48 -17.56 -10.13
CA GLU A 980 -21.10 -17.19 -10.45
C GLU A 980 -21.08 -16.27 -11.67
N VAL A 981 -19.98 -15.53 -11.80
CA VAL A 981 -19.78 -14.57 -12.88
C VAL A 981 -18.37 -14.76 -13.46
N LEU A 982 -18.16 -14.17 -14.63
CA LEU A 982 -16.85 -14.19 -15.28
C LEU A 982 -16.07 -12.96 -14.85
N LYS A 983 -15.21 -13.13 -13.84
CA LYS A 983 -14.44 -12.03 -13.30
C LYS A 983 -13.33 -11.63 -14.27
N LEU A 984 -13.28 -10.34 -14.62
CA LEU A 984 -12.24 -9.81 -15.48
C LEU A 984 -11.08 -9.30 -14.61
N ASP A 985 -9.94 -9.99 -14.69
CA ASP A 985 -8.77 -9.56 -13.94
C ASP A 985 -7.99 -8.53 -14.76
N LEU A 986 -7.41 -7.56 -14.05
CA LEU A 986 -6.72 -6.44 -14.68
C LEU A 986 -5.22 -6.65 -14.78
N ASP A 987 -4.76 -7.91 -14.79
CA ASP A 987 -3.33 -8.18 -14.84
C ASP A 987 -2.76 -7.89 -16.22
N ILE A 988 -3.54 -8.13 -17.28
CA ILE A 988 -3.03 -7.95 -18.63
C ILE A 988 -2.78 -6.48 -18.92
N GLN A 989 -3.67 -5.61 -18.43
CA GLN A 989 -3.46 -4.18 -18.62
C GLN A 989 -2.30 -3.69 -17.75
N TYR A 990 -2.09 -4.31 -16.59
CA TYR A 990 -0.90 -4.03 -15.80
C TYR A 990 0.36 -4.36 -16.59
N GLN A 991 0.41 -5.55 -17.17
CA GLN A 991 1.60 -5.97 -17.91
C GLN A 991 1.84 -5.08 -19.13
N MET A 992 0.76 -4.72 -19.84
CA MET A 992 0.94 -3.92 -21.04
C MET A 992 1.28 -2.47 -20.72
N PHE A 993 0.72 -1.93 -19.64
CA PHE A 993 0.96 -0.55 -19.24
C PHE A 993 1.88 -0.42 -18.04
N SER A 994 2.77 -1.40 -17.82
CA SER A 994 3.76 -1.26 -16.76
C SER A 994 4.88 -0.29 -17.14
N LYS A 995 5.35 -0.34 -18.39
CA LYS A 995 6.41 0.54 -18.85
C LYS A 995 5.89 1.89 -19.32
N PHE A 996 4.57 2.04 -19.46
CA PHE A 996 3.99 3.32 -19.83
C PHE A 996 3.88 4.29 -18.66
N PHE A 997 3.97 3.79 -17.43
CA PHE A 997 3.95 4.59 -16.23
C PHE A 997 4.99 4.06 -15.26
N LYS A 998 4.92 4.53 -14.02
CA LYS A 998 5.60 3.89 -12.90
C LYS A 998 4.51 3.43 -11.92
N PHE A 999 3.98 2.24 -12.16
CA PHE A 999 2.85 1.73 -11.40
C PHE A 999 3.20 0.38 -10.79
N ASN A 1000 2.74 0.17 -9.55
CA ASN A 1000 2.94 -1.09 -8.86
C ASN A 1000 1.67 -1.93 -8.91
N THR A 1001 1.66 -3.00 -8.12
CA THR A 1001 0.53 -3.93 -8.12
C THR A 1001 -0.74 -3.29 -7.55
N GLN A 1002 -0.59 -2.30 -6.67
CA GLN A 1002 -1.77 -1.67 -6.08
C GLN A 1002 -2.35 -0.58 -6.97
N ASN A 1003 -1.51 0.13 -7.71
CA ASN A 1003 -2.00 1.25 -8.52
C ASN A 1003 -2.61 0.78 -9.83
N ALA A 1004 -2.11 -0.32 -10.40
CA ALA A 1004 -2.64 -0.81 -11.66
C ALA A 1004 -4.10 -1.24 -11.56
N LYS A 1005 -4.53 -1.75 -10.41
CA LYS A 1005 -5.94 -2.05 -10.25
C LYS A 1005 -6.80 -0.80 -10.26
N TYR A 1006 -6.22 0.37 -9.98
CA TYR A 1006 -6.91 1.64 -10.12
C TYR A 1006 -6.70 2.26 -11.51
N LEU A 1007 -6.22 1.47 -12.49
CA LEU A 1007 -6.13 1.99 -13.84
C LEU A 1007 -7.52 2.31 -14.39
N ASN A 1008 -8.55 1.62 -13.91
CA ASN A 1008 -9.91 1.93 -14.29
C ASN A 1008 -10.45 3.16 -13.57
N LEU A 1009 -9.62 3.82 -12.76
CA LEU A 1009 -10.02 5.04 -12.05
C LEU A 1009 -9.41 6.30 -12.64
N TYR A 1010 -8.51 6.18 -13.62
CA TYR A 1010 -7.88 7.41 -14.08
C TYR A 1010 -8.43 7.82 -15.45
N PRO A 1011 -9.09 8.98 -15.52
CA PRO A 1011 -9.83 9.32 -16.74
C PRO A 1011 -9.10 10.23 -17.72
N TYR A 1012 -7.92 10.73 -17.32
CA TYR A 1012 -7.31 11.83 -18.06
C TYR A 1012 -6.87 11.41 -19.46
N TYR A 1013 -5.90 10.52 -19.56
CA TYR A 1013 -5.31 10.18 -20.86
C TYR A 1013 -5.10 8.68 -20.99
N LEU A 1014 -6.10 7.89 -20.60
CA LEU A 1014 -6.03 6.45 -20.75
C LEU A 1014 -6.93 5.95 -21.87
N ILE A 1015 -7.57 6.85 -22.62
CA ILE A 1015 -8.44 6.47 -23.72
C ILE A 1015 -7.80 6.76 -25.08
N PHE A 1016 -6.62 7.38 -25.10
CA PHE A 1016 -5.81 7.54 -26.29
C PHE A 1016 -5.59 6.19 -26.97
N PRO A 1017 -5.21 6.15 -28.27
CA PRO A 1017 -4.97 4.85 -28.89
C PRO A 1017 -3.62 4.25 -28.45
N PHE A 1018 -3.33 4.37 -27.15
CA PHE A 1018 -2.11 3.81 -26.58
C PHE A 1018 -2.03 2.30 -26.79
N ASN A 1019 -3.19 1.64 -26.90
CA ASN A 1019 -3.20 0.21 -27.19
C ASN A 1019 -2.44 -0.09 -28.48
N HIS A 1020 -2.62 0.74 -29.50
CA HIS A 1020 -1.92 0.51 -30.76
C HIS A 1020 -0.40 0.60 -30.57
N ILE A 1021 0.06 1.31 -29.54
CA ILE A 1021 1.48 1.28 -29.20
C ILE A 1021 1.77 0.14 -28.24
N GLY A 1022 0.86 -0.12 -27.29
CA GLY A 1022 1.13 -1.10 -26.26
C GLY A 1022 1.43 -2.48 -26.81
N LYS A 1023 0.87 -2.80 -27.97
CA LYS A 1023 1.21 -4.03 -28.67
C LYS A 1023 2.72 -4.21 -28.76
N LYS A 1024 3.43 -3.20 -29.29
CA LYS A 1024 4.88 -3.29 -29.38
C LYS A 1024 5.51 -3.55 -28.02
N GLU A 1025 4.98 -2.93 -26.96
CA GLU A 1025 5.51 -3.20 -25.63
C GLU A 1025 5.08 -4.57 -25.13
N LEU A 1026 3.85 -4.99 -25.47
CA LEU A 1026 3.40 -6.33 -25.07
C LEU A 1026 4.22 -7.40 -25.79
N LYS A 1027 4.59 -7.14 -27.04
CA LYS A 1027 5.47 -8.06 -27.75
C LYS A 1027 6.92 -7.91 -27.27
N ASN A 1028 7.23 -6.83 -26.55
CA ASN A 1028 8.56 -6.60 -26.01
C ASN A 1028 8.73 -7.14 -24.60
N ASN A 1029 7.63 -7.49 -23.94
CA ASN A 1029 7.67 -7.85 -22.51
C ASN A 1029 7.97 -9.33 -22.37
N PRO A 1030 9.12 -9.72 -21.81
CA PRO A 1030 9.43 -11.15 -21.69
C PRO A 1030 8.50 -11.92 -20.78
N THR A 1031 7.73 -11.22 -19.93
CA THR A 1031 6.83 -11.91 -19.01
C THR A 1031 5.53 -12.33 -19.70
N TYR A 1032 4.98 -11.49 -20.57
CA TYR A 1032 3.69 -11.77 -21.18
C TYR A 1032 3.75 -12.97 -22.12
N LYS A 1033 4.94 -13.30 -22.63
CA LYS A 1033 5.07 -14.39 -23.59
C LYS A 1033 4.66 -15.74 -23.03
N ASN A 1034 4.96 -16.01 -21.75
CA ASN A 1034 4.72 -17.33 -21.16
C ASN A 1034 3.27 -17.51 -20.70
N HIS A 1035 2.35 -16.73 -21.27
CA HIS A 1035 0.95 -16.78 -20.85
C HIS A 1035 0.17 -17.75 -21.73
N LYS A 1036 -0.90 -18.30 -21.17
CA LYS A 1036 -1.83 -19.12 -21.95
C LYS A 1036 -2.70 -18.27 -22.87
N ASP A 1037 -2.90 -16.99 -22.53
CA ASP A 1037 -3.79 -16.11 -23.27
C ASP A 1037 -3.05 -15.23 -24.28
N VAL A 1038 -1.93 -15.71 -24.81
CA VAL A 1038 -1.19 -14.94 -25.80
C VAL A 1038 -1.86 -15.03 -27.16
N LYS A 1039 -2.42 -16.20 -27.48
CA LYS A 1039 -2.88 -16.49 -28.84
C LYS A 1039 -3.94 -15.53 -29.35
N TYR A 1040 -4.73 -14.93 -28.46
CA TYR A 1040 -5.80 -14.03 -28.90
C TYR A 1040 -5.30 -12.61 -29.12
N PHE A 1041 -4.08 -12.29 -28.71
CA PHE A 1041 -3.46 -10.99 -28.96
C PHE A 1041 -2.28 -11.12 -29.91
N GLU A 1042 -2.38 -12.05 -30.85
CA GLU A 1042 -1.45 -12.18 -31.96
C GLU A 1042 -2.10 -11.63 -33.21
N GLN A 1043 -1.30 -11.02 -34.08
CA GLN A 1043 -1.83 -10.26 -35.21
C GLN A 1043 -2.65 -11.15 -36.14
N SER A 1044 -3.89 -10.72 -36.39
CA SER A 1044 -4.86 -11.47 -37.18
C SER A 1044 -4.42 -11.63 -38.64
N SER A 1045 -5.13 -12.47 -39.38
CA SER A 1045 -4.80 -12.71 -40.77
C SER A 1045 -5.11 -11.48 -41.62
N VAL A 1046 -4.12 -11.05 -42.40
CA VAL A 1046 -4.26 -9.95 -43.33
C VAL A 1046 -4.24 -10.41 -44.77
N LEU A 1047 -3.65 -11.59 -45.05
CA LEU A 1047 -3.67 -12.13 -46.40
C LEU A 1047 -5.10 -12.35 -46.89
N SER A 1048 -5.96 -12.82 -46.01
CA SER A 1048 -7.38 -12.90 -46.25
C SER A 1048 -8.11 -12.04 -45.23
N PRO A 1049 -9.04 -11.19 -45.64
CA PRO A 1049 -9.71 -10.31 -44.68
C PRO A 1049 -10.48 -11.11 -43.64
N LEU A 1050 -10.27 -10.75 -42.37
CA LEU A 1050 -10.91 -11.47 -41.28
C LEU A 1050 -12.41 -11.19 -41.26
N SER A 1051 -13.19 -12.26 -41.18
CA SER A 1051 -14.64 -12.13 -41.10
C SER A 1051 -15.06 -11.85 -39.67
N SER A 1052 -16.08 -11.01 -39.52
CA SER A 1052 -16.55 -10.61 -38.20
C SER A 1052 -17.02 -11.80 -37.36
N ALA A 1053 -17.49 -12.86 -38.03
CA ALA A 1053 -17.88 -14.06 -37.29
C ALA A 1053 -16.69 -14.66 -36.54
N ASP A 1054 -15.54 -14.76 -37.21
CA ASP A 1054 -14.33 -15.21 -36.53
C ASP A 1054 -13.94 -14.26 -35.41
N SER A 1055 -14.11 -12.96 -35.61
CA SER A 1055 -13.77 -12.00 -34.56
C SER A 1055 -14.62 -12.20 -33.33
N LEU A 1056 -15.94 -12.35 -33.51
CA LEU A 1056 -16.82 -12.55 -32.36
C LEU A 1056 -16.56 -13.89 -31.69
N GLY A 1057 -16.28 -14.93 -32.48
CA GLY A 1057 -15.93 -16.20 -31.88
C GLY A 1057 -14.65 -16.12 -31.06
N LYS A 1058 -13.63 -15.44 -31.59
CA LYS A 1058 -12.39 -15.26 -30.87
C LYS A 1058 -12.60 -14.47 -29.59
N LEU A 1059 -13.49 -13.47 -29.64
CA LEU A 1059 -13.85 -12.71 -28.45
C LEU A 1059 -14.53 -13.59 -27.42
N LEU A 1060 -15.45 -14.46 -27.86
CA LEU A 1060 -16.15 -15.33 -26.92
C LEU A 1060 -15.19 -16.31 -26.27
N ASN A 1061 -14.26 -16.89 -27.04
CA ASN A 1061 -13.27 -17.78 -26.43
C ASN A 1061 -12.36 -17.03 -25.46
N PHE A 1062 -11.96 -15.80 -25.83
CA PHE A 1062 -11.08 -15.02 -24.97
C PHE A 1062 -11.76 -14.65 -23.66
N LEU A 1063 -13.08 -14.39 -23.71
CA LEU A 1063 -13.81 -14.14 -22.48
C LEU A 1063 -14.11 -15.42 -21.71
N ASP A 1064 -14.19 -16.56 -22.40
CA ASP A 1064 -14.47 -17.85 -21.75
C ASP A 1064 -13.28 -18.38 -20.98
N THR A 1065 -12.07 -18.22 -21.50
CA THR A 1065 -10.89 -18.77 -20.84
C THR A 1065 -10.62 -18.15 -19.46
N GLN A 1066 -11.21 -16.99 -19.17
CA GLN A 1066 -11.01 -16.36 -17.87
C GLN A 1066 -11.73 -17.13 -16.77
N GLU A 1067 -11.27 -16.93 -15.54
CA GLU A 1067 -11.79 -17.70 -14.42
C GLU A 1067 -13.12 -17.14 -13.92
N THR A 1068 -14.00 -18.04 -13.49
CA THR A 1068 -15.28 -17.67 -12.91
C THR A 1068 -15.12 -17.52 -11.39
N VAL A 1069 -15.87 -16.59 -10.81
CA VAL A 1069 -15.86 -16.36 -9.37
C VAL A 1069 -17.31 -16.28 -8.89
N CYS A 1070 -17.58 -16.87 -7.73
CA CYS A 1070 -18.94 -16.88 -7.18
C CYS A 1070 -19.32 -15.50 -6.65
N LEU A 1071 -20.55 -15.07 -6.96
CA LEU A 1071 -21.03 -13.79 -6.46
C LEU A 1071 -21.10 -13.79 -4.94
N THR A 1072 -21.60 -14.87 -4.33
CA THR A 1072 -21.77 -14.93 -2.89
C THR A 1072 -20.46 -14.99 -2.13
N GLU A 1073 -19.35 -15.33 -2.80
CA GLU A 1073 -18.09 -15.48 -2.09
C GLU A 1073 -17.17 -14.28 -2.26
N LYS A 1074 -17.12 -13.68 -3.46
CA LYS A 1074 -16.25 -12.53 -3.66
C LYS A 1074 -16.73 -11.33 -2.85
N ILE A 1075 -18.04 -11.09 -2.82
CA ILE A 1075 -18.63 -9.99 -2.07
C ILE A 1075 -19.47 -10.59 -0.94
N ARG A 1076 -19.46 -9.92 0.21
CA ARG A 1076 -20.21 -10.39 1.37
C ARG A 1076 -21.50 -9.58 1.50
N TYR A 1077 -22.59 -10.27 1.85
CA TYR A 1077 -23.89 -9.65 2.11
C TYR A 1077 -24.45 -8.95 0.88
N LEU A 1078 -24.39 -9.60 -0.28
CA LEU A 1078 -24.92 -9.01 -1.49
C LEU A 1078 -26.44 -9.13 -1.54
N ASN A 1079 -27.09 -8.10 -2.05
CA ASN A 1079 -28.54 -8.12 -2.27
C ASN A 1079 -28.80 -8.33 -3.75
N LEU A 1080 -29.03 -9.58 -4.14
CA LEU A 1080 -29.10 -9.98 -5.55
C LEU A 1080 -30.36 -10.77 -5.78
N SER A 1081 -30.98 -10.56 -6.95
CA SER A 1081 -32.17 -11.29 -7.36
C SER A 1081 -32.05 -11.66 -8.82
N ILE A 1082 -32.33 -12.93 -9.12
CA ILE A 1082 -32.28 -13.48 -10.47
C ILE A 1082 -33.71 -13.82 -10.88
N ASN A 1083 -34.33 -12.98 -11.69
CA ASN A 1083 -35.73 -13.13 -12.07
C ASN A 1083 -35.80 -13.67 -13.50
N GLU A 1084 -35.98 -14.98 -13.62
CA GLU A 1084 -36.20 -15.64 -14.90
C GLU A 1084 -37.58 -15.34 -15.47
N LEU A 1085 -38.52 -14.90 -14.62
CA LEU A 1085 -39.89 -14.64 -15.01
C LEU A 1085 -40.14 -13.14 -14.95
N GLY A 1086 -40.78 -12.62 -15.99
CA GLY A 1086 -41.17 -11.23 -16.06
C GLY A 1086 -42.64 -11.04 -15.75
N SER A 1087 -43.26 -10.08 -16.44
CA SER A 1087 -44.70 -9.87 -16.38
C SER A 1087 -45.43 -10.54 -17.53
N ASP A 1088 -44.69 -11.03 -18.52
CA ASP A 1088 -45.28 -11.78 -19.63
C ASP A 1088 -44.39 -12.97 -19.96
N ASN A 1089 -43.36 -13.19 -19.15
CA ASN A 1089 -42.45 -14.34 -19.27
C ASN A 1089 -41.69 -14.34 -20.60
N ASN A 1090 -41.41 -13.15 -21.13
CA ASN A 1090 -40.58 -13.01 -22.32
C ASN A 1090 -39.27 -12.27 -22.07
N THR A 1091 -38.93 -11.96 -20.83
CA THR A 1091 -37.69 -11.25 -20.50
C THR A 1091 -37.07 -11.84 -19.24
N PHE A 1092 -35.75 -11.83 -19.19
CA PHE A 1092 -35.00 -12.22 -18.00
C PHE A 1092 -34.36 -10.97 -17.39
N SER A 1093 -34.27 -10.93 -16.06
CA SER A 1093 -33.69 -9.78 -15.38
C SER A 1093 -32.77 -10.25 -14.25
N VAL A 1094 -31.75 -9.45 -13.97
CA VAL A 1094 -30.87 -9.65 -12.82
C VAL A 1094 -30.68 -8.29 -12.15
N THR A 1095 -31.02 -8.21 -10.86
CA THR A 1095 -30.98 -6.97 -10.12
C THR A 1095 -30.14 -7.13 -8.86
N PHE A 1096 -29.06 -6.35 -8.76
CA PHE A 1096 -28.20 -6.47 -7.59
C PHE A 1096 -27.82 -5.08 -7.09
N GLN A 1097 -27.92 -4.89 -5.78
CA GLN A 1097 -27.60 -3.62 -5.14
C GLN A 1097 -26.23 -3.73 -4.48
N VAL A 1098 -25.35 -2.79 -4.80
CA VAL A 1098 -24.03 -2.76 -4.19
C VAL A 1098 -24.18 -2.39 -2.71
N PRO A 1099 -23.65 -3.20 -1.79
CA PRO A 1099 -23.71 -2.84 -0.37
C PRO A 1099 -22.97 -1.55 -0.09
N PRO A 1100 -23.13 -0.98 1.10
CA PRO A 1100 -22.35 0.22 1.44
C PRO A 1100 -20.86 -0.06 1.56
N TYR A 1101 -20.46 -1.01 2.39
CA TYR A 1101 -19.08 -1.47 2.50
C TYR A 1101 -18.98 -2.78 1.75
N ILE A 1102 -17.98 -2.89 0.88
CA ILE A 1102 -17.81 -4.07 0.05
C ILE A 1102 -16.66 -4.90 0.62
N ASP A 1103 -16.90 -6.20 0.80
CA ASP A 1103 -15.92 -7.10 1.39
C ASP A 1103 -15.03 -7.73 0.33
N ILE A 1104 -15.01 -7.16 -0.88
CA ILE A 1104 -14.08 -7.60 -1.91
C ILE A 1104 -12.66 -7.32 -1.46
N LYS A 1105 -11.76 -8.29 -1.71
CA LYS A 1105 -10.36 -8.06 -1.41
C LYS A 1105 -9.78 -6.97 -2.30
N GLU A 1106 -10.34 -6.81 -3.49
CA GLU A 1106 -9.88 -5.87 -4.49
C GLU A 1106 -11.06 -5.48 -5.37
N PRO A 1107 -11.01 -4.32 -6.05
CA PRO A 1107 -12.12 -3.88 -6.91
C PRO A 1107 -12.71 -4.99 -7.77
N PHE A 1108 -14.02 -5.23 -7.63
CA PHE A 1108 -14.68 -6.35 -8.28
C PHE A 1108 -14.99 -5.96 -9.72
N TYR A 1109 -14.12 -6.36 -10.65
CA TYR A 1109 -14.23 -5.99 -12.05
C TYR A 1109 -14.60 -7.24 -12.85
N PHE A 1110 -15.88 -7.34 -13.24
CA PHE A 1110 -16.37 -8.56 -13.87
C PHE A 1110 -17.31 -8.19 -15.01
N MET A 1111 -17.94 -9.22 -15.58
CA MET A 1111 -18.84 -9.03 -16.70
C MET A 1111 -19.83 -10.17 -16.78
N PHE A 1112 -20.88 -9.96 -17.56
CA PHE A 1112 -21.79 -11.03 -17.94
C PHE A 1112 -22.60 -10.55 -19.14
N GLY A 1113 -23.63 -11.31 -19.49
CA GLY A 1113 -24.54 -10.84 -20.52
C GLY A 1113 -25.26 -11.98 -21.19
N CYS A 1114 -25.75 -11.70 -22.40
CA CYS A 1114 -26.52 -12.64 -23.20
C CYS A 1114 -25.93 -12.70 -24.61
N ASN A 1115 -25.43 -13.89 -24.97
CA ASN A 1115 -24.86 -14.15 -26.29
C ASN A 1115 -25.97 -14.70 -27.17
N ASN A 1116 -26.13 -14.10 -28.35
CA ASN A 1116 -27.14 -14.50 -29.33
C ASN A 1116 -26.51 -14.75 -30.70
N ASN A 1117 -25.17 -14.67 -30.79
CA ASN A 1117 -24.49 -14.97 -32.04
C ASN A 1117 -24.75 -16.41 -32.48
N LYS A 1118 -25.06 -17.29 -31.53
CA LYS A 1118 -25.43 -18.66 -31.89
C LYS A 1118 -26.67 -18.71 -32.77
N GLY A 1119 -27.50 -17.67 -32.73
CA GLY A 1119 -28.60 -17.49 -33.65
C GLY A 1119 -28.33 -16.49 -34.75
N GLU A 1120 -27.06 -16.18 -35.03
CA GLU A 1120 -26.66 -15.20 -36.04
C GLU A 1120 -27.21 -13.81 -35.73
N GLY A 1121 -27.11 -13.37 -34.49
CA GLY A 1121 -27.56 -12.04 -34.12
C GLY A 1121 -26.55 -11.22 -33.31
N ASN A 1122 -27.05 -10.41 -32.39
CA ASN A 1122 -26.22 -9.55 -31.57
C ASN A 1122 -25.68 -10.31 -30.36
N ILE A 1123 -24.71 -9.71 -29.69
CA ILE A 1123 -24.23 -10.18 -28.40
C ILE A 1123 -24.24 -9.02 -27.43
N GLY A 1124 -25.11 -9.09 -26.41
CA GLY A 1124 -25.19 -8.06 -25.41
C GLY A 1124 -24.32 -8.43 -24.22
N ILE A 1125 -23.49 -7.49 -23.79
CA ILE A 1125 -22.54 -7.72 -22.72
C ILE A 1125 -22.52 -6.51 -21.81
N VAL A 1126 -22.48 -6.75 -20.51
CA VAL A 1126 -22.26 -5.72 -19.51
C VAL A 1126 -20.93 -6.00 -18.81
N GLU A 1127 -20.05 -5.00 -18.82
CA GLU A 1127 -18.77 -5.04 -18.11
C GLU A 1127 -18.88 -4.04 -16.97
N LEU A 1128 -18.89 -4.55 -15.73
CA LEU A 1128 -19.20 -3.74 -14.57
C LEU A 1128 -18.07 -3.83 -13.56
N LEU A 1129 -17.99 -2.83 -12.69
CA LEU A 1129 -16.94 -2.74 -11.67
C LEU A 1129 -17.56 -2.17 -10.41
N ILE A 1130 -17.35 -2.86 -9.29
CA ILE A 1130 -17.72 -2.37 -7.98
C ILE A 1130 -16.45 -1.94 -7.27
N SER A 1131 -16.44 -0.72 -6.75
CA SER A 1131 -15.30 -0.16 -6.03
C SER A 1131 -15.36 -0.58 -4.57
N LYS A 1132 -14.18 -0.72 -3.97
CA LYS A 1132 -14.08 -1.03 -2.55
C LYS A 1132 -14.11 0.25 -1.73
N GLN A 1133 -15.08 0.35 -0.83
CA GLN A 1133 -15.20 1.52 0.02
C GLN A 1133 -14.15 1.48 1.12
N GLU A 1134 -13.25 2.46 1.12
CA GLU A 1134 -12.07 2.44 1.95
C GLU A 1134 -12.26 3.11 3.31
N GLU A 1135 -13.49 3.44 3.68
CA GLU A 1135 -13.77 4.18 4.90
C GLU A 1135 -14.46 3.29 5.91
N LYS A 1136 -14.13 3.51 7.19
CA LYS A 1136 -14.82 2.82 8.26
C LYS A 1136 -16.26 3.30 8.36
N ILE A 1137 -17.17 2.36 8.55
CA ILE A 1137 -18.59 2.65 8.58
C ILE A 1137 -18.97 3.18 9.95
N LYS A 1138 -19.56 4.37 10.00
CA LYS A 1138 -20.00 4.87 11.29
C LYS A 1138 -21.24 4.10 11.71
N GLY A 1139 -21.03 3.01 12.45
CA GLY A 1139 -22.11 2.10 12.73
C GLY A 1139 -22.12 1.68 14.18
N CYS A 1140 -23.33 1.50 14.69
CA CYS A 1140 -23.56 0.86 15.97
C CYS A 1140 -23.68 -0.63 15.72
N ASN A 1141 -22.62 -1.35 16.06
CA ASN A 1141 -22.59 -2.81 16.03
C ASN A 1141 -22.60 -3.27 17.48
N PHE A 1142 -23.75 -3.77 17.94
CA PHE A 1142 -23.89 -4.18 19.32
C PHE A 1142 -23.64 -5.66 19.55
N HIS A 1143 -23.58 -6.46 18.48
CA HIS A 1143 -23.54 -7.91 18.64
C HIS A 1143 -22.21 -8.35 19.24
N GLU A 1144 -22.25 -9.46 19.97
CA GLU A 1144 -21.06 -9.94 20.65
C GLU A 1144 -19.98 -10.38 19.67
N SER A 1145 -20.39 -10.87 18.50
CA SER A 1145 -19.48 -11.14 17.40
C SER A 1145 -19.69 -10.09 16.33
N LYS A 1146 -18.60 -9.44 15.91
CA LYS A 1146 -18.71 -8.19 15.18
C LYS A 1146 -17.81 -8.19 13.95
N LEU A 1147 -18.29 -7.52 12.90
CA LEU A 1147 -17.50 -7.33 11.69
C LEU A 1147 -16.28 -6.46 11.99
N ASP A 1148 -15.33 -6.48 11.06
CA ASP A 1148 -14.06 -5.78 11.22
C ASP A 1148 -14.06 -4.39 10.58
N TYR A 1149 -15.23 -3.84 10.23
CA TYR A 1149 -15.31 -2.47 9.74
C TYR A 1149 -16.49 -1.70 10.33
N PHE A 1150 -16.84 -1.94 11.59
CA PHE A 1150 -17.84 -1.13 12.29
C PHE A 1150 -17.16 -0.27 13.35
N ASN A 1151 -17.46 1.03 13.32
CA ASN A 1151 -16.70 1.99 14.12
C ASN A 1151 -16.96 1.84 15.61
N GLU A 1152 -18.13 1.36 16.01
CA GLU A 1152 -18.47 1.18 17.42
C GLU A 1152 -18.47 -0.32 17.73
N ASN A 1153 -17.43 -0.78 18.42
CA ASN A 1153 -17.26 -2.19 18.74
C ASN A 1153 -17.75 -2.43 20.16
N ILE A 1154 -19.03 -2.76 20.29
CA ILE A 1154 -19.69 -2.94 21.59
C ILE A 1154 -20.23 -4.37 21.64
N SER A 1155 -19.74 -5.16 22.58
CA SER A 1155 -20.36 -6.46 22.83
C SER A 1155 -21.56 -6.33 23.77
N SER A 1156 -21.31 -5.93 25.02
CA SER A 1156 -22.37 -5.66 25.97
C SER A 1156 -22.02 -4.45 26.83
N ASP A 1157 -21.01 -3.68 26.41
CA ASP A 1157 -20.52 -2.55 27.18
C ASP A 1157 -21.54 -1.42 27.28
N THR A 1158 -22.07 -0.95 26.16
CA THR A 1158 -23.03 0.12 26.14
C THR A 1158 -24.36 -0.39 25.60
N HIS A 1159 -25.44 0.14 26.16
CA HIS A 1159 -26.78 -0.13 25.67
C HIS A 1159 -27.28 0.94 24.70
N GLU A 1160 -26.75 2.16 24.77
CA GLU A 1160 -27.17 3.25 23.91
C GLU A 1160 -25.94 3.78 23.17
N CYS A 1161 -26.08 3.90 21.85
CA CYS A 1161 -24.97 4.25 20.97
C CYS A 1161 -25.22 5.65 20.42
N THR A 1162 -24.36 6.60 20.78
CA THR A 1162 -24.49 7.99 20.36
C THR A 1162 -23.68 8.20 19.09
N LEU A 1163 -24.37 8.38 17.97
CA LEU A 1163 -23.74 8.68 16.70
C LEU A 1163 -24.25 10.01 16.18
N HIS A 1164 -23.33 10.92 15.90
CA HIS A 1164 -23.64 12.19 15.26
C HIS A 1164 -23.37 12.06 13.76
N ALA A 1165 -24.43 11.95 12.98
CA ALA A 1165 -24.33 11.75 11.54
C ALA A 1165 -24.30 13.10 10.83
N TYR A 1166 -23.39 13.24 9.88
CA TYR A 1166 -23.21 14.47 9.12
C TYR A 1166 -23.59 14.24 7.66
N GLU A 1167 -23.32 15.25 6.82
CA GLU A 1167 -23.58 15.11 5.40
C GLU A 1167 -22.64 14.07 4.79
N ASN A 1168 -23.16 13.28 3.84
CA ASN A 1168 -22.47 12.20 3.15
C ASN A 1168 -21.99 11.15 4.15
N ASP A 1169 -22.61 11.08 5.33
CA ASP A 1169 -22.21 10.12 6.33
C ASP A 1169 -22.82 8.75 6.03
N ILE A 1170 -22.21 7.71 6.59
CA ILE A 1170 -22.68 6.35 6.42
C ILE A 1170 -22.89 5.73 7.81
N ILE A 1171 -24.16 5.57 8.18
CA ILE A 1171 -24.56 4.96 9.44
C ILE A 1171 -24.80 3.48 9.23
N GLY A 1172 -24.24 2.67 10.11
CA GLY A 1172 -24.48 1.24 10.10
C GLY A 1172 -25.23 0.84 11.36
N PHE A 1173 -26.10 -0.16 11.23
CA PHE A 1173 -26.84 -0.68 12.37
C PHE A 1173 -26.83 -2.19 12.29
N ASN A 1174 -26.03 -2.83 13.15
CA ASN A 1174 -25.92 -4.28 13.13
C ASN A 1174 -26.52 -4.86 14.41
N CYS A 1175 -27.27 -5.95 14.25
CA CYS A 1175 -27.96 -6.58 15.37
C CYS A 1175 -27.86 -8.10 15.28
N LEU A 1176 -27.01 -8.62 14.41
CA LEU A 1176 -26.93 -10.05 14.14
C LEU A 1176 -25.48 -10.50 14.06
N GLU A 1177 -25.31 -11.82 13.90
CA GLU A 1177 -23.98 -12.41 13.81
C GLU A 1177 -23.26 -11.92 12.57
N THR A 1178 -21.96 -11.68 12.71
CA THR A 1178 -21.11 -11.31 11.59
C THR A 1178 -20.19 -12.44 11.15
N THR A 1179 -20.15 -13.56 11.88
CA THR A 1179 -19.30 -14.69 11.56
C THR A 1179 -19.97 -15.66 10.60
N HIS A 1180 -20.99 -15.21 9.89
CA HIS A 1180 -21.72 -16.05 8.94
C HIS A 1180 -21.72 -15.39 7.57
N PRO A 1181 -20.82 -15.81 6.67
CA PRO A 1181 -20.81 -15.23 5.31
C PRO A 1181 -21.94 -15.72 4.41
N ASN A 1182 -22.80 -16.61 4.92
CA ASN A 1182 -23.88 -17.15 4.10
C ASN A 1182 -25.14 -16.30 4.23
N GLU A 1183 -26.05 -16.47 3.28
CA GLU A 1183 -27.39 -15.88 3.34
C GLU A 1183 -28.47 -16.95 3.42
N VAL A 1184 -28.13 -18.14 3.91
CA VAL A 1184 -29.09 -19.23 4.04
C VAL A 1184 -29.25 -19.61 5.51
N GLU A 1185 -28.15 -19.62 6.27
CA GLU A 1185 -28.21 -20.02 7.66
C GLU A 1185 -28.33 -18.84 8.61
N VAL A 1186 -28.20 -17.61 8.12
CA VAL A 1186 -28.45 -16.44 8.96
C VAL A 1186 -29.93 -16.29 9.29
N GLU A 1187 -30.79 -17.09 8.65
CA GLU A 1187 -32.23 -16.97 8.90
C GLU A 1187 -32.59 -17.39 10.31
N VAL A 1188 -31.80 -18.28 10.91
CA VAL A 1188 -32.14 -18.82 12.23
C VAL A 1188 -32.02 -17.75 13.31
N GLU A 1189 -31.28 -16.68 13.03
CA GLU A 1189 -31.14 -15.61 14.02
C GLU A 1189 -31.97 -14.38 13.72
N ASP A 1190 -32.58 -14.31 12.52
CA ASP A 1190 -33.56 -13.24 12.29
C ASP A 1190 -34.81 -13.46 13.14
N ALA A 1191 -35.02 -14.68 13.65
CA ALA A 1191 -36.15 -14.94 14.52
C ALA A 1191 -35.94 -14.45 15.93
N GLU A 1192 -34.69 -14.41 16.41
CA GLU A 1192 -34.38 -13.98 17.76
C GLU A 1192 -34.13 -12.47 17.86
N ILE A 1193 -34.13 -11.77 16.73
CA ILE A 1193 -33.95 -10.33 16.69
C ILE A 1193 -35.31 -9.67 16.53
N TYR A 1194 -35.58 -8.67 17.34
CA TYR A 1194 -36.81 -7.87 17.23
C TYR A 1194 -36.40 -6.43 16.95
N LEU A 1195 -36.56 -6.00 15.70
CA LEU A 1195 -36.12 -4.68 15.27
C LEU A 1195 -37.30 -3.72 15.27
N GLN A 1196 -37.15 -2.59 15.97
CA GLN A 1196 -38.18 -1.57 16.05
C GLN A 1196 -37.65 -0.26 15.50
N PRO A 1197 -38.32 0.35 14.51
CA PRO A 1197 -39.52 -0.19 13.85
C PRO A 1197 -39.23 -1.45 13.02
N GLU A 1198 -40.29 -2.10 12.53
CA GLU A 1198 -40.15 -3.42 11.90
C GLU A 1198 -39.11 -3.42 10.79
N ASN A 1199 -38.91 -2.28 10.15
CA ASN A 1199 -37.81 -2.10 9.19
C ASN A 1199 -37.04 -0.85 9.56
N CYS A 1200 -35.71 -0.96 9.55
CA CYS A 1200 -34.83 0.17 9.78
C CYS A 1200 -33.79 0.17 8.67
N PHE A 1201 -33.43 1.35 8.19
CA PHE A 1201 -34.02 2.61 8.67
C PHE A 1201 -35.15 3.09 7.78
N ASN A 1202 -35.90 2.16 7.17
CA ASN A 1202 -37.06 2.56 6.38
C ASN A 1202 -38.08 3.32 7.23
N ASN A 1203 -38.52 2.72 8.32
CA ASN A 1203 -39.32 3.40 9.34
C ASN A 1203 -38.41 3.69 10.53
N VAL A 1204 -38.45 4.94 11.00
CA VAL A 1204 -37.51 5.42 11.99
C VAL A 1204 -38.26 6.14 13.11
N TYR A 1205 -37.63 6.16 14.28
CA TYR A 1205 -38.22 6.77 15.48
C TYR A 1205 -37.80 8.22 15.60
N LYS A 1206 -38.75 9.13 15.45
CA LYS A 1206 -38.61 10.52 15.87
C LYS A 1206 -39.30 10.63 17.23
N GLY A 1207 -38.53 10.95 18.26
CA GLY A 1207 -39.06 10.88 19.60
C GLY A 1207 -39.40 9.44 19.91
N LEU A 1208 -40.70 9.12 19.90
CA LEU A 1208 -41.15 7.76 20.01
C LEU A 1208 -42.07 7.32 18.89
N ASN A 1209 -42.25 8.13 17.84
CA ASN A 1209 -43.17 7.80 16.76
C ASN A 1209 -42.39 7.26 15.56
N SER A 1210 -43.06 6.40 14.78
CA SER A 1210 -42.45 5.79 13.60
C SER A 1210 -42.89 6.52 12.35
N VAL A 1211 -41.92 7.03 11.58
CA VAL A 1211 -42.19 7.72 10.33
C VAL A 1211 -41.27 7.17 9.25
N ASP A 1212 -41.76 7.21 8.01
CA ASP A 1212 -40.91 6.88 6.87
C ASP A 1212 -39.71 7.83 6.85
N ILE A 1213 -38.54 7.28 6.55
CA ILE A 1213 -37.31 8.06 6.63
C ILE A 1213 -37.25 9.12 5.54
N THR A 1214 -37.97 8.90 4.43
CA THR A 1214 -37.88 9.79 3.28
C THR A 1214 -38.40 11.20 3.58
N THR A 1215 -39.23 11.36 4.62
CA THR A 1215 -39.78 12.68 4.92
C THR A 1215 -38.70 13.66 5.37
N ILE A 1216 -37.82 13.24 6.27
CA ILE A 1216 -36.78 14.15 6.76
C ILE A 1216 -35.62 14.21 5.76
N LEU A 1217 -35.28 13.08 5.15
CA LEU A 1217 -34.18 13.00 4.18
C LEU A 1217 -34.74 12.46 2.88
N LYS A 1218 -34.95 13.36 1.91
CA LYS A 1218 -35.58 12.96 0.66
C LYS A 1218 -34.69 12.04 -0.17
N ASN A 1219 -33.38 12.26 -0.16
CA ASN A 1219 -32.45 11.48 -0.95
C ASN A 1219 -31.72 10.42 -0.13
N ALA A 1220 -32.26 10.06 1.04
CA ALA A 1220 -31.63 9.05 1.87
C ALA A 1220 -31.62 7.71 1.16
N GLN A 1221 -30.53 6.96 1.34
CA GLN A 1221 -30.39 5.62 0.79
C GLN A 1221 -30.33 4.61 1.92
N THR A 1222 -31.30 3.70 1.96
CA THR A 1222 -31.35 2.66 2.97
C THR A 1222 -31.01 1.33 2.33
N TYR A 1223 -30.03 0.65 2.91
CA TYR A 1223 -29.59 -0.68 2.47
C TYR A 1223 -30.09 -1.69 3.49
N ASN A 1224 -31.02 -2.54 3.05
CA ASN A 1224 -31.55 -3.64 3.85
C ASN A 1224 -31.17 -4.95 3.17
N ILE A 1225 -30.44 -5.79 3.89
CA ILE A 1225 -29.85 -6.99 3.31
C ILE A 1225 -30.94 -8.05 3.16
N ASN A 1226 -30.99 -8.68 1.98
CA ASN A 1226 -31.97 -9.73 1.73
C ASN A 1226 -31.71 -10.90 2.67
N ASN A 1227 -32.80 -11.58 3.05
CA ASN A 1227 -32.73 -12.69 4.00
C ASN A 1227 -32.05 -12.28 5.30
N LYS A 1228 -32.16 -11.00 5.65
CA LYS A 1228 -31.57 -10.45 6.86
C LYS A 1228 -32.41 -9.26 7.28
N LYS A 1229 -32.31 -8.90 8.57
CA LYS A 1229 -33.00 -7.72 9.09
C LYS A 1229 -31.99 -6.58 9.29
N THR A 1230 -30.81 -6.87 9.82
CA THR A 1230 -29.59 -6.16 10.09
C THR A 1230 -28.38 -6.99 9.67
N PRO A 1231 -27.26 -6.37 9.26
CA PRO A 1231 -26.96 -4.94 9.30
C PRO A 1231 -27.68 -4.12 8.23
N THR A 1232 -28.37 -3.06 8.67
CA THR A 1232 -28.96 -2.09 7.78
C THR A 1232 -28.06 -0.87 7.73
N PHE A 1233 -28.20 -0.10 6.65
CA PHE A 1233 -27.28 1.02 6.44
C PHE A 1233 -28.03 2.23 5.91
N LEU A 1234 -27.55 3.40 6.31
CA LEU A 1234 -28.14 4.68 5.95
C LEU A 1234 -27.07 5.58 5.36
N LYS A 1235 -27.25 5.97 4.11
CA LYS A 1235 -26.39 6.94 3.45
C LYS A 1235 -27.04 8.32 3.60
N ILE A 1236 -26.51 9.12 4.52
CA ILE A 1236 -27.06 10.45 4.76
C ILE A 1236 -26.75 11.32 3.55
N PRO A 1237 -27.75 11.73 2.79
CA PRO A 1237 -27.49 12.51 1.57
C PRO A 1237 -27.18 13.95 1.91
N PRO A 1238 -26.88 14.77 0.89
CA PRO A 1238 -26.87 16.23 1.12
C PRO A 1238 -28.20 16.71 1.67
N TYR A 1239 -28.18 17.24 2.90
CA TYR A 1239 -29.39 17.70 3.58
C TYR A 1239 -29.30 19.21 3.82
N ASN A 1240 -30.40 19.77 4.32
CA ASN A 1240 -30.48 21.17 4.69
C ASN A 1240 -31.33 21.33 5.95
N LEU A 1241 -30.68 21.31 7.12
CA LEU A 1241 -31.35 21.33 8.39
C LEU A 1241 -30.85 22.50 9.23
N LEU A 1242 -31.69 22.97 10.16
CA LEU A 1242 -31.32 24.00 11.11
C LEU A 1242 -31.41 23.50 12.55
N GLU A 1243 -31.65 22.21 12.75
CA GLU A 1243 -31.81 21.64 14.08
C GLU A 1243 -31.28 20.21 14.06
N ASP A 1244 -30.61 19.81 15.14
CA ASP A 1244 -30.18 18.43 15.31
C ASP A 1244 -31.40 17.52 15.33
N VAL A 1245 -31.56 16.70 14.30
CA VAL A 1245 -32.71 15.80 14.17
C VAL A 1245 -32.29 14.44 14.69
N GLU A 1246 -33.03 13.94 15.68
CA GLU A 1246 -32.71 12.66 16.30
C GLU A 1246 -33.52 11.54 15.64
N ILE A 1247 -32.80 10.63 14.98
CA ILE A 1247 -33.37 9.42 14.40
C ILE A 1247 -32.98 8.27 15.33
N SER A 1248 -33.85 7.27 15.42
CA SER A 1248 -33.61 6.21 16.40
C SER A 1248 -34.20 4.90 15.92
N CYS A 1249 -33.45 3.83 16.18
CA CYS A 1249 -33.94 2.47 16.03
C CYS A 1249 -33.46 1.65 17.22
N GLN A 1250 -34.07 0.48 17.41
CA GLN A 1250 -33.66 -0.42 18.49
C GLN A 1250 -33.74 -1.86 18.02
N CYS A 1251 -32.90 -2.70 18.60
CA CYS A 1251 -32.88 -4.13 18.33
C CYS A 1251 -32.89 -4.92 19.63
N THR A 1252 -33.78 -5.89 19.71
CA THR A 1252 -33.87 -6.80 20.85
C THR A 1252 -33.20 -8.11 20.47
N ILE A 1253 -32.04 -8.37 21.07
CA ILE A 1253 -31.33 -9.65 20.96
C ILE A 1253 -31.44 -10.37 22.29
N LYS A 1254 -32.05 -11.57 22.26
CA LYS A 1254 -32.24 -12.43 23.43
C LYS A 1254 -32.68 -11.63 24.66
N GLN A 1255 -33.76 -10.88 24.47
CA GLN A 1255 -34.46 -10.10 25.50
C GLN A 1255 -33.63 -8.92 25.99
N VAL A 1256 -32.65 -8.45 25.21
CA VAL A 1256 -31.85 -7.28 25.54
C VAL A 1256 -32.05 -6.23 24.44
N VAL A 1257 -32.53 -5.06 24.84
CA VAL A 1257 -32.85 -4.00 23.88
C VAL A 1257 -31.68 -3.03 23.79
N LYS A 1258 -31.12 -2.89 22.59
CA LYS A 1258 -30.02 -1.98 22.31
C LYS A 1258 -30.52 -0.89 21.37
N LYS A 1259 -30.07 0.34 21.60
CA LYS A 1259 -30.62 1.52 20.96
C LYS A 1259 -29.55 2.23 20.14
N ILE A 1260 -29.85 2.48 18.87
CA ILE A 1260 -29.09 3.40 18.05
C ILE A 1260 -29.84 4.72 17.95
N LYS A 1261 -29.20 5.80 18.37
CA LYS A 1261 -29.78 7.13 18.33
C LYS A 1261 -28.83 8.03 17.55
N VAL A 1262 -29.08 8.13 16.25
CA VAL A 1262 -28.22 8.88 15.34
C VAL A 1262 -28.74 10.31 15.28
N ILE A 1263 -27.90 11.27 15.64
CA ILE A 1263 -28.27 12.67 15.66
C ILE A 1263 -27.75 13.28 14.35
N ILE A 1264 -28.59 13.33 13.33
CA ILE A 1264 -28.21 14.00 12.09
C ILE A 1264 -28.15 15.50 12.36
N THR A 1265 -26.98 16.08 12.19
CA THR A 1265 -26.72 17.44 12.60
C THR A 1265 -27.22 18.43 11.55
N LYS A 1266 -27.11 19.71 11.88
CA LYS A 1266 -27.31 20.78 10.91
C LYS A 1266 -25.96 21.16 10.31
N ASN A 1267 -25.97 22.20 9.49
CA ASN A 1267 -24.76 22.64 8.83
C ASN A 1267 -23.87 23.50 9.73
N ASP A 1268 -24.44 24.09 10.78
CA ASP A 1268 -23.68 25.06 11.58
C ASP A 1268 -23.19 24.49 12.91
N THR A 1269 -23.23 23.17 13.08
CA THR A 1269 -22.72 22.56 14.31
C THR A 1269 -21.21 22.71 14.39
N VAL A 1270 -20.69 22.81 15.61
CA VAL A 1270 -19.26 22.94 15.83
C VAL A 1270 -18.55 21.67 15.35
N LEU A 1271 -17.55 21.86 14.50
CA LEU A 1271 -16.78 20.77 13.91
C LEU A 1271 -15.30 21.10 14.07
N LEU A 1272 -14.66 20.49 15.06
CA LEU A 1272 -13.30 20.82 15.43
C LEU A 1272 -12.33 19.75 14.92
N LYS A 1273 -11.04 20.11 14.91
CA LYS A 1273 -10.03 19.21 14.38
C LYS A 1273 -9.91 17.96 15.25
N ARG A 1274 -10.11 16.80 14.63
CA ARG A 1274 -10.06 15.52 15.31
C ARG A 1274 -8.73 14.85 15.02
N GLU A 1275 -7.95 14.63 16.07
CA GLU A 1275 -6.61 14.04 15.95
C GLU A 1275 -6.71 12.55 16.22
N VAL A 1276 -6.33 11.74 15.23
CA VAL A 1276 -6.25 10.29 15.38
C VAL A 1276 -4.80 9.94 15.65
N GLN A 1277 -4.49 9.61 16.90
CA GLN A 1277 -3.14 9.26 17.31
C GLN A 1277 -2.96 7.75 17.20
N SER A 1278 -1.92 7.34 16.49
CA SER A 1278 -1.48 5.96 16.46
C SER A 1278 -0.03 5.92 16.92
N GLU A 1279 0.37 4.79 17.49
CA GLU A 1279 1.71 4.65 18.02
C GLU A 1279 2.55 3.75 17.12
N SER A 1280 3.86 3.95 17.17
CA SER A 1280 4.77 3.14 16.38
C SER A 1280 4.73 1.69 16.84
N THR A 1281 4.75 0.78 15.87
CA THR A 1281 4.82 -0.64 16.13
C THR A 1281 6.14 -1.18 15.59
N LEU A 1282 6.91 -1.82 16.46
CA LEU A 1282 8.26 -2.27 16.14
C LEU A 1282 8.18 -3.71 15.66
N ASP A 1283 8.30 -3.91 14.34
CA ASP A 1283 8.31 -5.24 13.75
C ASP A 1283 9.70 -5.51 13.18
N ASP A 1284 10.39 -6.48 13.76
CA ASP A 1284 11.67 -6.96 13.25
C ASP A 1284 12.64 -5.81 13.06
N LYS A 1285 12.72 -4.94 14.07
CA LYS A 1285 13.59 -3.77 14.12
C LYS A 1285 13.25 -2.74 13.05
N ILE A 1286 11.99 -2.66 12.61
CA ILE A 1286 11.56 -1.67 11.65
C ILE A 1286 10.21 -1.12 12.10
N TYR A 1287 10.02 0.20 11.95
CA TYR A 1287 8.86 0.87 12.50
C TYR A 1287 7.71 0.86 11.49
N LYS A 1288 6.51 0.51 11.95
CA LYS A 1288 5.32 0.44 11.13
C LYS A 1288 4.15 1.12 11.85
N CYS A 1289 3.30 1.80 11.08
CA CYS A 1289 2.09 2.44 11.59
C CYS A 1289 0.89 1.92 10.82
N GLU A 1290 -0.26 1.81 11.50
CA GLU A 1290 -1.46 1.20 10.93
C GLU A 1290 -2.28 2.25 10.17
N HIS A 1291 -1.80 2.55 8.95
CA HIS A 1291 -2.50 3.43 8.02
C HIS A 1291 -2.38 2.84 6.62
N GLU A 1292 -3.51 2.43 6.03
CA GLU A 1292 -3.46 1.73 4.76
C GLU A 1292 -4.08 2.52 3.61
N ASN A 1293 -5.20 3.19 3.86
CA ASN A 1293 -5.91 3.95 2.84
C ASN A 1293 -6.20 5.38 3.29
N PHE A 1294 -5.42 5.88 4.25
CA PHE A 1294 -5.58 7.23 4.77
C PHE A 1294 -4.72 8.23 4.01
N ILE A 1295 -4.19 7.82 2.86
CA ILE A 1295 -3.58 8.73 1.89
C ILE A 1295 -4.34 8.56 0.59
N ASN A 1296 -4.88 7.36 0.39
CA ASN A 1296 -5.71 7.04 -0.76
C ASN A 1296 -7.01 7.85 -0.73
N PRO A 1297 -7.31 8.55 -1.82
CA PRO A 1297 -8.55 9.33 -1.89
C PRO A 1297 -9.81 8.55 -1.51
N ARG A 1298 -10.56 9.10 -0.55
CA ARG A 1298 -11.82 8.54 -0.10
C ARG A 1298 -12.89 9.61 -0.23
N VAL A 1299 -14.16 9.20 -0.18
CA VAL A 1299 -15.28 10.08 -0.46
C VAL A 1299 -15.25 11.30 0.45
N ASN A 1300 -15.32 12.49 -0.15
CA ASN A 1300 -15.28 13.76 0.59
C ASN A 1300 -16.42 13.86 1.60
N LYS A 1301 -16.12 14.42 2.76
CA LYS A 1301 -17.10 14.66 3.81
C LYS A 1301 -16.64 15.85 4.63
N THR A 1302 -17.61 16.56 5.23
CA THR A 1302 -17.25 17.63 6.17
C THR A 1302 -16.56 17.05 7.40
N PHE A 1303 -16.92 15.81 7.75
CA PHE A 1303 -16.21 15.10 8.81
C PHE A 1303 -14.85 14.61 8.30
N ASP A 1304 -14.67 14.57 6.99
CA ASP A 1304 -13.44 14.09 6.37
C ASP A 1304 -12.40 15.18 6.17
N GLU A 1305 -12.56 16.34 6.82
CA GLU A 1305 -11.59 17.41 6.69
C GLU A 1305 -10.93 17.81 8.00
N ASN A 1306 -11.65 17.74 9.12
CA ASN A 1306 -11.10 18.07 10.44
C ASN A 1306 -10.51 16.85 11.14
N VAL A 1307 -10.07 15.85 10.38
CA VAL A 1307 -9.39 14.69 10.93
C VAL A 1307 -7.96 14.67 10.42
N GLU A 1308 -7.02 14.34 11.31
CA GLU A 1308 -5.60 14.23 10.96
C GLU A 1308 -5.02 13.00 11.63
N TYR A 1309 -4.42 12.12 10.85
CA TYR A 1309 -3.83 10.87 11.35
C TYR A 1309 -2.35 11.08 11.62
N THR A 1310 -1.96 11.05 12.88
CA THR A 1310 -0.57 11.21 13.28
C THR A 1310 -0.11 9.96 14.00
N CYS A 1311 1.03 9.41 13.56
CA CYS A 1311 1.67 8.29 14.21
C CYS A 1311 2.95 8.77 14.89
N ASN A 1312 3.08 8.44 16.16
CA ASN A 1312 4.23 8.85 16.96
C ASN A 1312 5.26 7.72 16.95
N ILE A 1313 6.47 8.02 16.48
CA ILE A 1313 7.53 7.04 16.32
C ILE A 1313 8.72 7.48 17.15
N LYS A 1314 9.07 6.69 18.16
CA LYS A 1314 10.17 6.98 19.06
C LYS A 1314 11.32 6.04 18.76
N ILE A 1315 12.49 6.60 18.45
CA ILE A 1315 13.70 5.81 18.23
C ILE A 1315 14.66 6.11 19.37
N GLU A 1316 14.79 5.17 20.29
CA GLU A 1316 15.76 5.26 21.37
C GLU A 1316 16.81 4.16 21.29
N ASN A 1317 16.87 3.43 20.18
CA ASN A 1317 17.80 2.32 20.05
C ASN A 1317 18.43 2.35 18.66
N PHE A 1318 19.33 1.40 18.42
CA PHE A 1318 20.13 1.35 17.20
C PHE A 1318 19.54 0.37 16.20
N PHE A 1319 19.86 0.59 14.92
CA PHE A 1319 19.65 -0.36 13.83
C PHE A 1319 18.16 -0.59 13.61
N ASN A 1320 17.40 0.49 13.52
CA ASN A 1320 15.97 0.39 13.28
C ASN A 1320 15.57 1.35 12.17
N TYR A 1321 14.92 0.80 11.15
CA TYR A 1321 14.49 1.55 9.99
C TYR A 1321 13.11 2.12 10.23
N ILE A 1322 12.97 3.42 9.99
CA ILE A 1322 11.71 4.13 10.13
C ILE A 1322 11.06 4.14 8.76
N GLN A 1323 10.10 3.25 8.55
CA GLN A 1323 9.43 3.11 7.27
C GLN A 1323 8.39 4.21 7.12
N ILE A 1324 8.56 5.04 6.08
CA ILE A 1324 7.63 6.12 5.78
C ILE A 1324 6.99 5.82 4.44
N PHE A 1325 5.67 5.83 4.40
CA PHE A 1325 4.89 5.37 3.27
C PHE A 1325 4.09 6.53 2.69
N CYS A 1326 4.51 7.03 1.55
CA CYS A 1326 3.69 7.90 0.70
C CYS A 1326 4.35 8.02 -0.66
N PRO A 1327 3.60 7.80 -1.74
CA PRO A 1327 4.21 7.48 -3.04
C PRO A 1327 4.96 8.63 -3.66
N ALA A 1328 5.47 8.37 -4.86
CA ALA A 1328 6.00 9.42 -5.72
C ALA A 1328 4.89 10.01 -6.58
N LYS A 1329 5.17 11.19 -7.15
CA LYS A 1329 4.15 11.93 -7.88
C LYS A 1329 3.88 11.30 -9.24
N ASP A 1330 2.62 10.90 -9.45
CA ASP A 1330 2.20 10.31 -10.70
C ASP A 1330 0.74 10.67 -10.96
N LEU A 1331 0.36 10.63 -12.24
CA LEU A 1331 -0.99 11.03 -12.64
C LEU A 1331 -1.99 9.99 -12.14
N GLY A 1332 -2.83 10.38 -11.18
CA GLY A 1332 -3.84 9.49 -10.65
C GLY A 1332 -4.38 9.90 -9.30
N ILE A 1333 -4.47 8.96 -8.38
CA ILE A 1333 -4.96 9.21 -7.02
C ILE A 1333 -3.83 9.80 -6.19
N TYR A 1334 -2.66 9.99 -6.81
CA TYR A 1334 -1.50 10.56 -6.16
C TYR A 1334 -0.92 11.72 -6.97
N LYS A 1335 -1.78 12.61 -7.48
CA LYS A 1335 -1.33 13.60 -8.46
C LYS A 1335 -0.47 14.68 -7.82
N ASN A 1336 -0.84 15.14 -6.62
CA ASN A 1336 -0.14 16.24 -5.96
C ASN A 1336 0.25 15.88 -4.53
N ILE A 1337 0.95 14.76 -4.35
CA ILE A 1337 1.42 14.37 -3.03
C ILE A 1337 2.70 15.12 -2.71
N GLN A 1338 2.85 15.55 -1.46
CA GLN A 1338 3.98 16.35 -1.01
C GLN A 1338 4.63 15.71 0.19
N MET A 1339 5.96 15.75 0.21
CA MET A 1339 6.76 15.17 1.30
C MET A 1339 7.70 16.24 1.83
N TYR A 1340 7.28 16.90 2.91
CA TYR A 1340 8.07 17.97 3.52
C TYR A 1340 8.19 17.72 5.01
N TYR A 1341 9.16 18.38 5.64
CA TYR A 1341 9.47 18.15 7.04
C TYR A 1341 9.70 19.46 7.75
N ASP A 1342 9.32 19.49 9.03
CA ASP A 1342 9.56 20.63 9.90
C ASP A 1342 10.39 20.18 11.10
N ILE A 1343 11.28 21.07 11.55
CA ILE A 1343 12.17 20.79 12.67
C ILE A 1343 11.58 21.42 13.91
N VAL A 1344 11.27 20.59 14.90
CA VAL A 1344 10.71 21.04 16.17
C VAL A 1344 11.84 21.16 17.18
N LYS A 1345 12.58 20.09 17.36
CA LYS A 1345 13.69 20.04 18.30
C LYS A 1345 14.95 19.55 17.59
N PRO A 1346 16.10 20.20 17.81
CA PRO A 1346 16.35 21.29 18.75
C PRO A 1346 15.88 22.67 18.30
N THR A 1347 16.02 22.99 17.02
CA THR A 1347 15.63 24.30 16.51
C THR A 1347 14.17 24.31 16.09
N ARG A 1348 13.47 25.36 16.44
CA ARG A 1348 12.04 25.50 16.12
C ARG A 1348 11.89 26.40 14.91
N VAL A 1349 11.75 25.80 13.74
CA VAL A 1349 11.53 26.52 12.49
C VAL A 1349 10.16 26.11 11.94
N PRO A 1350 9.13 26.93 12.14
CA PRO A 1350 7.78 26.55 11.68
C PRO A 1350 7.59 26.64 10.18
N GLN A 1351 8.59 27.07 9.43
CA GLN A 1351 8.47 27.16 7.98
C GLN A 1351 8.77 25.80 7.36
N PHE A 1352 7.84 25.30 6.55
CA PHE A 1352 7.98 23.96 5.99
C PHE A 1352 8.91 24.00 4.78
N LYS A 1353 9.92 23.13 4.80
CA LYS A 1353 10.94 23.07 3.76
C LYS A 1353 10.86 21.74 3.01
N LYS A 1354 11.54 21.69 1.87
CA LYS A 1354 11.62 20.46 1.09
C LYS A 1354 12.36 19.39 1.86
N PHE A 1355 11.84 18.17 1.80
CA PHE A 1355 12.47 17.00 2.41
C PHE A 1355 12.87 16.02 1.32
N ASN A 1356 14.16 15.79 1.18
CA ASN A 1356 14.67 14.81 0.24
C ASN A 1356 15.80 14.04 0.91
N ASN A 1357 16.52 13.24 0.13
CA ASN A 1357 17.64 12.49 0.66
C ASN A 1357 18.74 13.43 1.17
N GLU A 1358 18.86 14.61 0.54
CA GLU A 1358 19.91 15.55 0.93
C GLU A 1358 19.60 16.21 2.27
N GLU A 1359 18.34 16.65 2.44
CA GLU A 1359 17.96 17.28 3.71
C GLU A 1359 18.05 16.28 4.86
N LEU A 1360 17.74 15.02 4.61
CA LEU A 1360 17.85 14.00 5.66
C LEU A 1360 19.31 13.65 5.92
N HIS A 1361 20.13 13.65 4.86
CA HIS A 1361 21.55 13.40 5.01
C HIS A 1361 22.24 14.50 5.82
N LYS A 1362 21.76 15.74 5.68
CA LYS A 1362 22.40 16.85 6.36
C LYS A 1362 21.84 17.05 7.77
N LEU A 1363 20.54 16.81 7.96
CA LEU A 1363 19.93 17.03 9.26
C LEU A 1363 20.54 16.11 10.32
N ILE A 1364 20.65 14.83 10.00
CA ILE A 1364 21.21 13.84 10.91
C ILE A 1364 22.50 13.31 10.27
N PRO A 1365 23.62 13.29 10.98
CA PRO A 1365 24.89 12.88 10.35
C PRO A 1365 24.82 11.45 9.83
N ASN A 1366 25.15 11.28 8.54
CA ASN A 1366 25.21 9.99 7.88
C ASN A 1366 23.87 9.27 7.86
N SER A 1367 22.79 9.98 8.16
CA SER A 1367 21.46 9.38 8.05
C SER A 1367 21.24 8.94 6.60
N GLU A 1368 20.44 7.89 6.44
CA GLU A 1368 20.33 7.26 5.13
C GLU A 1368 18.87 6.99 4.78
N MET A 1369 18.50 7.38 3.56
CA MET A 1369 17.23 6.98 2.97
C MET A 1369 17.48 5.70 2.19
N LEU A 1370 16.87 4.61 2.62
CA LEU A 1370 17.09 3.30 2.03
C LEU A 1370 15.78 2.72 1.53
N HIS A 1371 15.90 1.74 0.65
CA HIS A 1371 14.73 1.07 0.07
C HIS A 1371 14.84 -0.43 0.23
N LYS A 1372 13.70 -1.07 0.45
CA LYS A 1372 13.65 -2.51 0.70
C LYS A 1372 13.56 -3.27 -0.61
N THR A 1373 14.62 -3.98 -0.95
CA THR A 1373 14.69 -4.77 -2.17
C THR A 1373 15.26 -6.16 -1.87
N LYS A 1374 14.86 -7.12 -2.68
CA LYS A 1374 15.38 -8.49 -2.61
C LYS A 1374 16.15 -8.73 -3.91
N GLU A 1375 17.49 -8.62 -3.83
CA GLU A 1375 18.35 -8.55 -4.99
C GLU A 1375 18.07 -9.63 -6.02
N MET A 1376 18.06 -9.24 -7.30
CA MET A 1376 17.90 -10.18 -8.40
C MET A 1376 19.26 -10.72 -8.82
N LEU A 1377 19.25 -11.81 -9.57
CA LEU A 1377 20.49 -12.37 -10.09
C LEU A 1377 21.17 -11.37 -11.02
N ILE A 1378 22.47 -11.53 -11.22
CA ILE A 1378 23.24 -10.64 -12.10
C ILE A 1378 22.69 -10.60 -13.51
N LEU A 1379 22.02 -11.67 -13.96
CA LEU A 1379 21.51 -11.71 -15.32
C LEU A 1379 20.38 -10.71 -15.54
N TYR A 1380 19.64 -10.37 -14.48
CA TYR A 1380 18.45 -9.54 -14.62
C TYR A 1380 18.76 -8.06 -14.53
N ASN A 1381 19.55 -7.66 -13.53
CA ASN A 1381 20.00 -6.28 -13.33
C ASN A 1381 18.86 -5.32 -12.98
N GLU A 1382 17.64 -5.82 -12.89
CA GLU A 1382 16.54 -5.12 -12.24
C GLU A 1382 16.47 -5.59 -10.80
N GLU A 1383 15.80 -4.83 -9.95
CA GLU A 1383 15.63 -5.20 -8.55
C GLU A 1383 14.25 -4.78 -8.07
N LYS A 1384 13.64 -5.62 -7.25
CA LYS A 1384 12.31 -5.35 -6.72
C LYS A 1384 12.39 -4.32 -5.60
N VAL A 1385 12.17 -3.06 -5.94
CA VAL A 1385 12.25 -1.95 -5.00
C VAL A 1385 10.82 -1.57 -4.60
N ASP A 1386 10.67 -1.08 -3.37
CA ASP A 1386 9.38 -0.62 -2.86
C ASP A 1386 9.36 0.90 -2.86
N LEU A 1387 8.89 1.49 -3.97
CA LEU A 1387 9.00 2.92 -4.18
C LEU A 1387 8.02 3.75 -3.35
N LEU A 1388 6.93 3.15 -2.88
CA LEU A 1388 5.99 3.89 -2.03
C LEU A 1388 6.48 4.01 -0.60
N HIS A 1389 7.40 3.15 -0.18
CA HIS A 1389 7.91 3.15 1.18
C HIS A 1389 9.42 3.33 1.17
N PHE A 1390 9.89 4.31 1.94
CA PHE A 1390 11.31 4.48 2.13
C PHE A 1390 11.63 4.30 3.61
N TYR A 1391 12.91 4.24 3.93
CA TYR A 1391 13.33 3.92 5.29
C TYR A 1391 14.37 4.93 5.74
N VAL A 1392 14.03 5.66 6.80
CA VAL A 1392 14.96 6.55 7.49
C VAL A 1392 15.81 5.69 8.42
N PHE A 1393 17.12 5.69 8.20
CA PHE A 1393 18.05 4.99 9.08
C PHE A 1393 18.96 6.03 9.72
N LEU A 1394 19.01 6.00 11.05
CA LEU A 1394 19.74 6.91 11.91
C LEU A 1394 21.11 6.34 12.26
N PRO A 1395 22.11 7.21 12.45
CA PRO A 1395 23.46 6.74 12.75
C PRO A 1395 23.53 6.00 14.07
N ILE A 1396 24.62 5.26 14.23
CA ILE A 1396 24.85 4.53 15.48
C ILE A 1396 25.09 5.49 16.63
N TYR A 1397 25.67 6.65 16.32
CA TYR A 1397 25.96 7.68 17.31
C TYR A 1397 25.09 8.90 17.04
N ILE A 1398 24.48 9.44 18.09
CA ILE A 1398 23.60 10.59 17.98
C ILE A 1398 24.01 11.62 19.01
N LYS A 1399 24.38 12.82 18.55
CA LYS A 1399 24.86 13.88 19.41
C LYS A 1399 23.79 14.86 19.85
N ASP A 1400 22.77 15.12 19.03
CA ASP A 1400 21.68 16.00 19.40
C ASP A 1400 20.37 15.23 19.36
N ILE A 1401 19.50 15.51 20.33
CA ILE A 1401 18.19 14.87 20.34
C ILE A 1401 17.30 15.59 19.34
N TYR A 1402 16.80 14.84 18.36
CA TYR A 1402 16.00 15.41 17.28
C TYR A 1402 14.53 15.05 17.51
N GLU A 1403 13.63 15.94 17.11
CA GLU A 1403 12.20 15.68 17.12
C GLU A 1403 11.56 16.47 16.00
N PHE A 1404 10.88 15.76 15.10
CA PHE A 1404 10.35 16.38 13.89
C PHE A 1404 9.02 15.75 13.53
N ASN A 1405 8.41 16.28 12.48
CA ASN A 1405 7.16 15.78 11.94
C ASN A 1405 7.23 15.71 10.42
N ILE A 1406 7.13 14.50 9.89
CA ILE A 1406 7.09 14.26 8.45
C ILE A 1406 5.65 14.34 7.99
N VAL A 1407 5.41 15.04 6.88
CA VAL A 1407 4.07 15.28 6.36
C VAL A 1407 3.96 14.60 5.01
N CYS A 1408 3.15 13.53 4.92
CA CYS A 1408 2.71 13.00 3.64
C CYS A 1408 1.30 13.51 3.38
N ASP A 1409 1.18 14.40 2.39
CA ASP A 1409 -0.01 15.22 2.17
C ASP A 1409 -0.73 14.73 0.93
N ASN A 1410 -1.94 14.20 1.11
CA ASN A 1410 -2.82 13.86 -0.01
C ASN A 1410 -4.20 14.45 0.20
N SER A 1411 -4.28 15.55 0.95
CA SER A 1411 -5.52 16.31 1.09
C SER A 1411 -5.68 17.35 -0.01
N LYS A 1412 -4.75 17.39 -0.96
CA LYS A 1412 -4.83 18.29 -2.10
C LYS A 1412 -5.19 17.56 -3.39
N THR A 1413 -5.27 16.23 -3.35
CA THR A 1413 -5.61 15.43 -4.51
C THR A 1413 -7.09 15.04 -4.42
N MET A 1414 -7.94 15.75 -5.15
CA MET A 1414 -9.36 15.48 -5.22
C MET A 1414 -9.64 14.63 -6.44
N TRP A 1415 -10.09 13.39 -6.20
CA TRP A 1415 -10.28 12.41 -7.26
C TRP A 1415 -11.74 12.00 -7.30
N LYS A 1416 -12.48 12.51 -8.30
CA LYS A 1416 -13.91 12.29 -8.46
C LYS A 1416 -14.70 12.65 -7.21
N ASN A 1417 -14.53 13.88 -6.71
CA ASN A 1417 -15.20 14.39 -5.51
C ASN A 1417 -14.87 13.56 -4.29
N GLN A 1418 -13.73 12.88 -4.28
CA GLN A 1418 -13.26 12.11 -3.14
C GLN A 1418 -11.99 12.75 -2.61
N LEU A 1419 -11.95 13.00 -1.29
CA LEU A 1419 -10.84 13.70 -0.67
C LEU A 1419 -9.89 12.71 -0.01
N GLY A 1420 -8.61 12.81 -0.37
CA GLY A 1420 -7.62 11.97 0.25
C GLY A 1420 -7.21 12.47 1.62
N GLY A 1421 -6.56 11.58 2.37
CA GLY A 1421 -6.13 11.90 3.72
C GLY A 1421 -4.72 12.45 3.76
N LYS A 1422 -4.29 12.78 4.98
CA LYS A 1422 -2.97 13.32 5.24
C LYS A 1422 -2.40 12.66 6.49
N VAL A 1423 -1.14 12.26 6.44
CA VAL A 1423 -0.49 11.55 7.54
C VAL A 1423 0.67 12.37 8.06
N ILE A 1424 0.69 12.55 9.37
CA ILE A 1424 1.76 13.23 10.10
C ILE A 1424 2.48 12.17 10.92
N TYR A 1425 3.79 12.05 10.72
CA TYR A 1425 4.62 11.20 11.57
C TYR A 1425 5.38 12.10 12.53
N HIS A 1426 5.12 11.93 13.83
CA HIS A 1426 5.81 12.68 14.88
C HIS A 1426 6.95 11.80 15.39
N ILE A 1427 8.16 12.04 14.90
CA ILE A 1427 9.33 11.23 15.19
C ILE A 1427 10.14 11.91 16.28
N THR A 1428 10.63 11.12 17.23
CA THR A 1428 11.57 11.58 18.25
C THR A 1428 12.76 10.64 18.24
N VAL A 1429 13.91 11.16 17.79
CA VAL A 1429 15.17 10.44 17.74
C VAL A 1429 16.00 10.87 18.93
N SER A 1430 16.33 9.92 19.80
CA SER A 1430 16.99 10.21 21.06
C SER A 1430 18.50 10.28 20.90
N LYS A 1431 19.14 10.96 21.85
CA LYS A 1431 20.58 10.97 21.91
C LYS A 1431 21.09 9.59 22.27
N ARG A 1432 21.67 8.91 21.29
CA ARG A 1432 22.19 7.56 21.49
C ARG A 1432 23.70 7.59 21.36
N GLU A 1433 24.38 7.06 22.37
CA GLU A 1433 25.84 7.07 22.43
C GLU A 1433 26.36 5.68 22.14
N GLN A 1434 26.58 5.40 20.85
CA GLN A 1434 27.18 4.15 20.39
C GLN A 1434 28.03 4.43 19.17
N LYS A 1435 29.28 3.96 19.15
CA LYS A 1435 30.18 4.25 18.05
C LYS A 1435 30.67 2.95 17.43
N VAL A 1436 31.34 3.07 16.29
CA VAL A 1436 31.88 1.93 15.56
C VAL A 1436 33.40 2.00 15.62
N LYS A 1437 34.03 0.83 15.52
CA LYS A 1437 35.48 0.73 15.50
C LYS A 1437 35.94 0.58 14.06
N GLY A 1438 36.91 1.40 13.67
CA GLY A 1438 37.37 1.39 12.28
C GLY A 1438 38.17 2.63 11.96
N CYS A 1439 37.77 3.29 10.87
CA CYS A 1439 38.31 4.60 10.53
C CYS A 1439 37.27 5.40 9.79
N SER A 1440 37.52 6.70 9.71
CA SER A 1440 36.91 7.57 8.72
C SER A 1440 38.01 8.16 7.87
N PHE A 1441 37.78 8.16 6.54
CA PHE A 1441 38.77 8.62 5.59
C PHE A 1441 38.57 10.10 5.26
N ASP A 1442 37.74 10.79 6.03
CA ASP A 1442 37.54 12.23 5.93
C ASP A 1442 36.87 12.69 7.22
N ASN A 1443 36.52 13.98 7.25
CA ASN A 1443 35.86 14.56 8.41
C ASN A 1443 34.35 14.37 8.41
N GLU A 1444 33.83 13.46 7.59
CA GLU A 1444 32.39 13.26 7.47
C GLU A 1444 31.89 12.20 8.45
N HIS A 1445 32.64 11.10 8.58
CA HIS A 1445 32.23 9.96 9.40
C HIS A 1445 33.10 9.82 10.64
N ALA A 1446 33.98 10.79 10.92
CA ALA A 1446 34.89 10.67 12.05
C ALA A 1446 34.13 10.63 13.37
N HIS A 1447 33.02 11.37 13.46
CA HIS A 1447 32.19 11.31 14.65
C HIS A 1447 31.47 9.99 14.79
N MET A 1448 31.45 9.15 13.75
CA MET A 1448 30.85 7.83 13.84
C MET A 1448 31.81 6.81 14.43
N PHE A 1449 33.11 7.03 14.30
CA PHE A 1449 34.12 6.07 14.70
C PHE A 1449 34.90 6.59 15.90
N SER A 1450 35.01 5.76 16.94
CA SER A 1450 35.92 6.09 18.03
C SER A 1450 37.37 6.01 17.58
N TYR A 1451 37.67 5.20 16.59
CA TYR A 1451 39.01 5.06 16.02
C TYR A 1451 39.00 5.61 14.61
N ASN A 1452 39.91 6.52 14.33
CA ASN A 1452 39.95 7.19 13.04
C ASN A 1452 41.38 7.38 12.56
N LYS A 1453 41.58 7.12 11.27
CA LYS A 1453 42.79 7.51 10.56
C LYS A 1453 42.31 8.29 9.34
N THR A 1454 42.13 9.59 9.53
CA THR A 1454 41.50 10.43 8.52
C THR A 1454 42.38 10.58 7.30
N ASN A 1455 41.80 10.31 6.12
CA ASN A 1455 42.49 10.40 4.84
C ASN A 1455 43.67 9.43 4.80
N VAL A 1456 43.57 8.33 5.54
CA VAL A 1456 44.56 7.26 5.52
C VAL A 1456 43.92 6.06 4.83
N LYS A 1457 44.59 5.57 3.78
CA LYS A 1457 43.95 4.63 2.87
C LYS A 1457 43.66 3.29 3.54
N ASN A 1458 44.67 2.63 4.08
CA ASN A 1458 44.50 1.30 4.67
C ASN A 1458 44.60 1.39 6.19
N CYS A 1459 43.48 1.12 6.86
CA CYS A 1459 43.42 1.01 8.30
C CYS A 1459 43.40 -0.46 8.69
N ILE A 1460 44.23 -0.83 9.67
CA ILE A 1460 44.29 -2.20 10.18
C ILE A 1460 43.70 -2.22 11.58
N ILE A 1461 42.72 -3.10 11.79
CA ILE A 1461 42.02 -3.20 13.07
C ILE A 1461 42.02 -4.65 13.54
N ASP A 1462 42.46 -4.86 14.78
CA ASP A 1462 42.29 -6.14 15.46
C ASP A 1462 40.88 -6.19 16.04
N ALA A 1463 40.03 -7.01 15.44
CA ALA A 1463 38.69 -7.22 15.96
C ALA A 1463 38.65 -8.45 16.86
N LYS A 1464 38.07 -8.28 18.03
CA LYS A 1464 37.94 -9.31 19.04
C LYS A 1464 36.49 -9.78 19.14
N PRO A 1465 36.21 -10.91 19.84
CA PRO A 1465 34.83 -11.40 19.95
C PRO A 1465 33.81 -10.36 20.37
N LYS A 1466 32.72 -10.28 19.62
CA LYS A 1466 31.53 -9.47 19.86
C LYS A 1466 31.72 -7.98 19.67
N ASP A 1467 32.81 -7.54 19.04
CA ASP A 1467 32.95 -6.14 18.71
C ASP A 1467 31.96 -5.77 17.61
N LEU A 1468 31.82 -4.47 17.36
CA LEU A 1468 30.88 -3.98 16.37
C LEU A 1468 31.61 -3.00 15.46
N ILE A 1469 31.84 -3.43 14.21
CA ILE A 1469 32.63 -2.68 13.24
C ILE A 1469 31.69 -1.94 12.30
N GLY A 1470 32.07 -0.72 11.93
CA GLY A 1470 31.36 0.05 10.93
C GLY A 1470 32.26 0.33 9.74
N PHE A 1471 31.64 0.43 8.56
CA PHE A 1471 32.36 0.73 7.33
C PHE A 1471 31.61 1.77 6.54
N VAL A 1472 32.29 2.86 6.20
CA VAL A 1472 31.69 3.93 5.42
C VAL A 1472 32.80 4.72 4.72
N CYS A 1473 32.56 5.07 3.46
CA CYS A 1473 33.51 5.84 2.68
C CYS A 1473 32.87 7.15 2.20
N PRO A 1474 33.68 8.18 1.93
CA PRO A 1474 33.12 9.51 1.64
C PRO A 1474 32.15 9.50 0.47
N SER A 1475 31.22 10.45 0.50
CA SER A 1475 30.24 10.58 -0.57
C SER A 1475 30.93 10.97 -1.87
N GLY A 1476 30.99 10.05 -2.82
CA GLY A 1476 31.70 10.24 -4.06
C GLY A 1476 32.79 9.22 -4.33
N THR A 1477 33.20 8.46 -3.33
CA THR A 1477 34.13 7.35 -3.50
C THR A 1477 33.34 6.09 -3.84
N LEU A 1478 34.00 5.19 -4.57
CA LEU A 1478 33.35 4.04 -5.17
C LEU A 1478 33.39 2.85 -4.21
N LYS A 1479 32.22 2.33 -3.87
CA LYS A 1479 32.13 1.16 -3.01
C LYS A 1479 32.59 -0.05 -3.79
N LEU A 1480 33.69 -0.65 -3.34
CA LEU A 1480 34.20 -1.88 -3.94
C LEU A 1480 33.64 -3.12 -3.28
N THR A 1481 33.45 -3.09 -1.97
CA THR A 1481 33.06 -4.26 -1.21
C THR A 1481 31.55 -4.30 -0.99
N ASN A 1482 31.04 -5.51 -0.82
CA ASN A 1482 29.72 -5.68 -0.21
C ASN A 1482 29.91 -5.95 1.27
N CYS A 1483 30.65 -5.06 1.94
CA CYS A 1483 30.94 -5.23 3.35
C CYS A 1483 29.69 -4.94 4.19
N PHE A 1484 29.47 -5.78 5.20
CA PHE A 1484 30.40 -6.84 5.57
C PHE A 1484 29.92 -8.22 5.14
N LYS A 1485 29.10 -8.27 4.08
CA LYS A 1485 28.73 -9.56 3.50
C LYS A 1485 29.91 -10.17 2.75
N ASP A 1486 30.60 -9.35 1.97
CA ASP A 1486 31.76 -9.79 1.19
C ASP A 1486 32.93 -8.85 1.45
N ALA A 1487 34.12 -9.43 1.57
CA ALA A 1487 35.34 -8.67 1.78
C ALA A 1487 36.40 -9.22 0.84
N ILE A 1488 37.62 -8.71 1.00
CA ILE A 1488 38.76 -9.17 0.23
C ILE A 1488 39.72 -9.92 1.16
N VAL A 1489 40.16 -11.10 0.73
CA VAL A 1489 41.32 -11.74 1.32
C VAL A 1489 42.47 -11.65 0.31
N HIS A 1490 43.16 -10.51 0.36
CA HIS A 1490 44.55 -10.31 -0.01
C HIS A 1490 44.85 -10.56 -1.48
N THR A 1491 44.03 -11.36 -2.15
CA THR A 1491 44.06 -11.50 -3.61
C THR A 1491 42.66 -11.68 -4.17
N ASN A 1492 41.70 -12.04 -3.31
CA ASN A 1492 40.44 -12.62 -3.76
C ASN A 1492 39.25 -11.91 -3.12
N LEU A 1493 38.11 -11.95 -3.81
CA LEU A 1493 36.83 -11.63 -3.21
C LEU A 1493 36.29 -12.86 -2.48
N THR A 1494 36.01 -12.74 -1.19
CA THR A 1494 35.48 -13.85 -0.42
C THR A 1494 34.36 -13.37 0.49
N ASN A 1495 33.33 -14.19 0.61
CA ASN A 1495 32.24 -13.90 1.53
C ASN A 1495 32.64 -14.40 2.91
N ILE A 1496 33.07 -13.46 3.77
CA ILE A 1496 33.56 -13.80 5.10
C ILE A 1496 32.44 -14.34 5.99
N ASN A 1497 31.21 -14.39 5.49
CA ASN A 1497 30.11 -14.86 6.31
C ASN A 1497 30.18 -16.36 6.56
N GLY A 1498 30.20 -17.15 5.50
CA GLY A 1498 30.19 -18.60 5.65
C GLY A 1498 31.43 -19.11 6.35
N ILE A 1499 32.47 -18.28 6.43
CA ILE A 1499 33.70 -18.70 7.08
C ILE A 1499 33.61 -18.50 8.58
N LEU A 1500 33.00 -17.40 9.01
CA LEU A 1500 32.98 -17.00 10.42
C LEU A 1500 31.68 -17.33 11.13
N TYR A 1501 30.80 -18.11 10.53
CA TYR A 1501 29.49 -18.41 11.10
C TYR A 1501 28.70 -17.12 11.35
N LEU A 1502 28.64 -16.28 10.32
CA LEU A 1502 28.17 -14.89 10.46
C LEU A 1502 26.68 -14.74 10.22
N LYS A 1503 25.90 -15.79 10.48
CA LYS A 1503 24.45 -15.64 10.51
C LYS A 1503 24.11 -14.76 11.70
N ASN A 1504 22.93 -14.13 11.67
CA ASN A 1504 22.45 -13.34 12.80
C ASN A 1504 23.40 -12.18 13.07
N ASN A 1505 23.91 -11.56 12.02
CA ASN A 1505 24.83 -10.44 12.13
C ASN A 1505 24.39 -9.30 11.21
N LEU A 1506 24.81 -8.09 11.57
CA LEU A 1506 24.46 -6.92 10.76
C LEU A 1506 25.15 -6.94 9.42
N ALA A 1507 26.21 -7.74 9.28
CA ALA A 1507 26.89 -7.88 7.99
C ALA A 1507 25.93 -8.35 6.91
N ASN A 1508 24.96 -9.17 7.29
CA ASN A 1508 24.12 -9.83 6.30
C ASN A 1508 23.14 -8.87 5.65
N PHE A 1509 22.71 -7.82 6.35
CA PHE A 1509 21.80 -6.83 5.77
C PHE A 1509 22.46 -5.50 5.48
N THR A 1510 23.62 -5.23 6.05
CA THR A 1510 24.36 -4.01 5.78
C THR A 1510 25.50 -4.32 4.82
N TYR A 1511 25.18 -4.36 3.53
CA TYR A 1511 26.20 -4.53 2.50
C TYR A 1511 25.91 -3.64 1.30
N LYS A 1512 24.86 -2.83 1.40
CA LYS A 1512 24.50 -1.87 0.35
C LYS A 1512 24.08 -0.52 0.91
N HIS A 1513 24.59 -0.15 2.08
CA HIS A 1513 24.33 1.14 2.69
C HIS A 1513 25.46 2.12 2.35
N GLN A 1514 25.30 3.36 2.78
CA GLN A 1514 26.47 4.23 2.93
C GLN A 1514 27.28 3.80 4.15
N PHE A 1515 26.60 3.55 5.27
CA PHE A 1515 27.23 3.05 6.48
C PHE A 1515 26.78 1.61 6.72
N ASN A 1516 27.73 0.68 6.73
CA ASN A 1516 27.44 -0.73 6.98
C ASN A 1516 27.93 -1.13 8.37
N TYR A 1517 27.20 -2.03 9.02
CA TYR A 1517 27.52 -2.47 10.37
C TYR A 1517 27.75 -3.97 10.42
N MET A 1518 28.50 -4.41 11.43
CA MET A 1518 28.79 -5.83 11.61
C MET A 1518 29.05 -6.12 13.09
N GLU A 1519 28.50 -7.22 13.58
CA GLU A 1519 28.72 -7.67 14.95
C GLU A 1519 29.61 -8.91 14.95
N ILE A 1520 30.75 -8.82 15.62
CA ILE A 1520 31.64 -9.97 15.75
C ILE A 1520 30.90 -11.07 16.49
N PRO A 1521 30.99 -12.32 16.05
CA PRO A 1521 30.49 -13.45 16.83
C PRO A 1521 31.60 -14.07 17.68
N ALA A 1522 31.21 -15.06 18.47
CA ALA A 1522 32.16 -15.94 19.15
C ALA A 1522 32.39 -17.25 18.38
N LEU A 1523 31.84 -17.36 17.18
CA LEU A 1523 31.94 -18.57 16.38
C LEU A 1523 33.00 -18.33 15.30
N MET A 1524 34.03 -19.18 15.25
CA MET A 1524 35.10 -19.03 14.28
C MET A 1524 35.62 -20.39 13.86
N ASP A 1525 35.85 -20.56 12.56
CA ASP A 1525 36.55 -21.73 12.06
C ASP A 1525 37.95 -21.43 11.58
N ASN A 1526 38.36 -20.17 11.55
CA ASN A 1526 39.72 -19.78 11.21
C ASN A 1526 40.01 -18.40 11.76
N ASP A 1527 41.29 -18.04 11.72
CA ASP A 1527 41.70 -16.66 11.96
C ASP A 1527 41.71 -15.92 10.63
N ILE A 1528 40.90 -14.87 10.53
CA ILE A 1528 40.55 -14.28 9.24
C ILE A 1528 40.95 -12.81 9.21
N SER A 1529 41.73 -12.43 8.21
CA SER A 1529 42.12 -11.04 7.99
C SER A 1529 41.52 -10.61 6.66
N PHE A 1530 40.56 -9.68 6.71
CA PHE A 1530 39.91 -9.20 5.51
C PHE A 1530 40.05 -7.69 5.40
N LYS A 1531 39.67 -7.16 4.25
CA LYS A 1531 39.77 -5.74 3.97
C LYS A 1531 38.47 -5.21 3.38
N CYS A 1532 37.85 -4.27 4.09
CA CYS A 1532 36.72 -3.52 3.57
C CYS A 1532 37.26 -2.29 2.85
N ILE A 1533 37.13 -2.27 1.54
CA ILE A 1533 37.80 -1.30 0.69
C ILE A 1533 36.76 -0.53 -0.11
N CYS A 1534 36.76 0.79 0.04
CA CYS A 1534 36.07 1.69 -0.87
C CYS A 1534 37.09 2.31 -1.80
N VAL A 1535 36.66 2.63 -3.02
CA VAL A 1535 37.55 3.07 -4.08
C VAL A 1535 37.42 4.58 -4.22
N ASP A 1536 38.55 5.28 -4.18
CA ASP A 1536 38.62 6.69 -4.46
C ASP A 1536 39.32 6.86 -5.80
N LEU A 1537 38.55 7.14 -6.85
CA LEU A 1537 39.13 7.41 -8.16
C LEU A 1537 39.49 8.90 -8.20
N LYS A 1538 40.76 9.18 -7.91
CA LYS A 1538 41.26 10.55 -7.83
C LYS A 1538 41.00 11.33 -9.12
N LYS A 1539 40.84 10.61 -10.23
CA LYS A 1539 40.53 11.27 -11.50
C LYS A 1539 39.21 12.02 -11.41
N LYS A 1540 38.20 11.41 -10.80
CA LYS A 1540 36.86 11.99 -10.76
C LYS A 1540 36.11 11.49 -9.54
N LYS A 1541 35.51 12.41 -8.78
CA LYS A 1541 34.56 12.05 -7.76
C LYS A 1541 33.16 11.90 -8.37
N TYR A 1542 32.26 11.33 -7.59
CA TYR A 1542 30.92 11.04 -8.10
C TYR A 1542 29.86 11.46 -7.09
N ASN A 1543 28.60 11.24 -7.45
CA ASN A 1543 27.49 11.31 -6.53
C ASN A 1543 26.92 9.90 -6.44
N VAL A 1544 27.52 9.08 -5.57
CA VAL A 1544 27.12 7.69 -5.42
C VAL A 1544 26.03 7.64 -4.38
N LYS A 1545 24.80 7.95 -4.79
CA LYS A 1545 23.64 7.67 -3.96
C LYS A 1545 23.04 6.37 -4.47
N SER A 1546 22.87 6.27 -5.78
CA SER A 1546 22.48 5.01 -6.39
C SER A 1546 23.62 4.00 -6.26
N PRO A 1547 23.31 2.72 -6.08
CA PRO A 1547 24.37 1.71 -5.88
C PRO A 1547 25.14 1.45 -7.17
N LEU A 1548 26.24 0.72 -7.04
CA LEU A 1548 27.17 0.45 -8.12
C LEU A 1548 26.90 -0.93 -8.71
N GLY A 1549 26.81 -0.99 -10.02
CA GLY A 1549 26.47 -2.21 -10.72
C GLY A 1549 27.59 -3.21 -10.84
N PRO A 1550 27.22 -4.46 -11.16
CA PRO A 1550 28.24 -5.51 -11.28
C PRO A 1550 29.24 -5.24 -12.38
N LYS A 1551 28.88 -4.40 -13.36
CA LYS A 1551 29.83 -4.00 -14.39
C LYS A 1551 31.03 -3.29 -13.77
N VAL A 1552 30.78 -2.21 -13.04
CA VAL A 1552 31.87 -1.41 -12.48
C VAL A 1552 32.53 -2.14 -11.32
N LEU A 1553 31.78 -2.98 -10.60
CA LEU A 1553 32.39 -3.78 -9.54
C LEU A 1553 33.35 -4.81 -10.11
N ARG A 1554 32.99 -5.42 -11.25
CA ARG A 1554 33.93 -6.29 -11.93
C ARG A 1554 35.10 -5.51 -12.48
N ALA A 1555 34.85 -4.29 -12.97
CA ALA A 1555 35.94 -3.42 -13.41
C ALA A 1555 36.93 -3.17 -12.29
N LEU A 1556 36.43 -2.95 -11.08
CA LEU A 1556 37.30 -2.69 -9.94
C LEU A 1556 37.98 -3.98 -9.46
N TYR A 1557 37.27 -5.11 -9.50
CA TYR A 1557 37.88 -6.39 -9.13
C TYR A 1557 39.08 -6.68 -10.03
N LYS A 1558 38.89 -6.54 -11.34
CA LYS A 1558 40.02 -6.71 -12.26
C LYS A 1558 40.98 -5.54 -12.19
N LYS A 1559 40.53 -4.43 -11.57
CA LYS A 1559 41.43 -3.31 -11.38
C LYS A 1559 42.25 -3.43 -10.11
N LEU A 1560 41.68 -4.05 -9.08
CA LEU A 1560 42.33 -4.15 -7.78
C LEU A 1560 42.72 -5.58 -7.41
N ASN A 1561 42.81 -6.46 -8.41
CA ASN A 1561 43.26 -7.84 -8.21
C ASN A 1561 42.41 -8.53 -7.14
N ILE A 1562 41.13 -8.69 -7.46
CA ILE A 1562 40.16 -9.27 -6.54
C ILE A 1562 39.41 -10.36 -7.28
N LYS A 1563 39.59 -11.61 -6.85
CA LYS A 1563 39.15 -12.75 -7.63
C LYS A 1563 37.64 -12.89 -7.57
N PHE A 1564 36.99 -12.68 -8.72
CA PHE A 1564 35.60 -13.05 -8.90
C PHE A 1564 35.44 -14.42 -9.52
N ASP A 1565 36.45 -15.28 -9.41
CA ASP A 1565 36.37 -16.65 -9.87
C ASP A 1565 36.54 -17.68 -8.76
N ASN A 1566 37.26 -17.34 -7.69
CA ASN A 1566 37.45 -18.23 -6.55
C ASN A 1566 36.55 -17.88 -5.37
N TYR A 1567 35.43 -17.21 -5.63
CA TYR A 1567 34.57 -16.68 -4.58
C TYR A 1567 33.47 -17.68 -4.25
N VAL A 1568 33.34 -18.03 -2.97
CA VAL A 1568 32.18 -18.78 -2.51
C VAL A 1568 31.00 -17.82 -2.39
N THR A 1569 29.88 -18.18 -3.01
CA THR A 1569 28.74 -17.27 -3.04
C THR A 1569 28.11 -17.16 -1.66
N GLY A 1570 27.76 -15.93 -1.29
CA GLY A 1570 26.97 -15.73 -0.09
C GLY A 1570 25.49 -15.96 -0.39
N THR A 1571 24.98 -17.10 0.09
CA THR A 1571 23.62 -17.51 -0.20
C THR A 1571 22.63 -16.54 0.45
N ASP A 1572 21.59 -16.19 -0.31
CA ASP A 1572 20.70 -15.12 0.14
C ASP A 1572 19.94 -15.58 1.37
N GLN A 1573 20.44 -15.21 2.55
CA GLN A 1573 19.79 -15.50 3.81
C GLN A 1573 18.98 -14.30 4.29
N ASN A 1574 19.00 -13.22 3.53
CA ASN A 1574 18.34 -11.98 3.95
C ASN A 1574 16.89 -11.98 3.53
N LYS A 1575 16.02 -11.65 4.48
CA LYS A 1575 14.61 -11.45 4.14
C LYS A 1575 14.41 -10.15 3.37
N TYR A 1576 15.41 -9.27 3.37
CA TYR A 1576 15.28 -7.98 2.73
C TYR A 1576 16.67 -7.44 2.46
N LEU A 1577 16.71 -6.24 1.89
CA LEU A 1577 17.90 -5.41 1.85
C LEU A 1577 17.48 -3.96 1.85
N MET A 1578 17.96 -3.20 2.82
CA MET A 1578 17.82 -1.74 2.80
C MET A 1578 18.98 -1.17 2.02
N THR A 1579 18.73 -0.84 0.77
CA THR A 1579 19.78 -0.39 -0.15
C THR A 1579 19.82 1.12 -0.15
N TYR A 1580 21.04 1.65 -0.15
CA TYR A 1580 21.28 3.09 -0.20
C TYR A 1580 21.11 3.58 -1.64
N MET A 1581 20.13 4.46 -1.85
CA MET A 1581 19.83 4.92 -3.20
C MET A 1581 19.20 6.31 -3.13
N ASP A 1582 19.02 6.90 -4.31
CA ASP A 1582 18.42 8.21 -4.42
C ASP A 1582 16.95 8.16 -3.98
N LEU A 1583 16.44 9.31 -3.55
CA LEU A 1583 15.03 9.40 -3.17
C LEU A 1583 14.14 9.20 -4.38
N HIS A 1584 13.28 8.18 -4.31
CA HIS A 1584 12.29 7.87 -5.34
C HIS A 1584 12.91 7.79 -6.74
N LEU A 1585 14.19 7.41 -6.82
CA LEU A 1585 14.92 7.33 -8.08
C LEU A 1585 14.86 8.64 -8.86
N SER A 1586 15.07 9.75 -8.14
CA SER A 1586 14.99 11.06 -8.76
C SER A 1586 16.10 11.26 -9.80
N HIS A 1587 17.20 10.52 -9.66
CA HIS A 1587 18.24 10.57 -10.67
C HIS A 1587 17.84 9.82 -11.92
N LYS A 1588 16.90 8.89 -11.80
CA LYS A 1588 16.45 8.10 -12.94
C LYS A 1588 15.36 8.82 -13.72
N ARG A 1589 15.11 8.34 -14.93
CA ARG A 1589 14.13 8.91 -15.85
C ARG A 1589 12.72 8.93 -15.28
N ASN A 1590 11.85 9.77 -15.85
CA ASN A 1590 10.44 9.83 -15.50
C ASN A 1590 9.62 9.54 -16.74
N TYR A 1591 8.78 8.51 -16.69
CA TYR A 1591 8.18 7.98 -17.91
C TYR A 1591 6.90 8.74 -18.29
N LEU A 1592 6.07 9.10 -17.32
CA LEU A 1592 4.85 9.84 -17.64
C LEU A 1592 5.16 11.19 -18.28
N LYS A 1593 6.02 11.98 -17.62
CA LYS A 1593 6.36 13.30 -18.14
C LYS A 1593 7.07 13.19 -19.49
N GLU A 1594 7.94 12.20 -19.67
CA GLU A 1594 8.65 12.08 -20.94
C GLU A 1594 7.72 11.62 -22.05
N LEU A 1595 6.83 10.67 -21.76
CA LEU A 1595 5.83 10.25 -22.75
C LEU A 1595 5.00 11.44 -23.21
N PHE A 1596 4.42 12.19 -22.27
CA PHE A 1596 3.59 13.32 -22.64
C PHE A 1596 4.41 14.47 -23.20
N HIS A 1597 5.71 14.53 -22.87
CA HIS A 1597 6.59 15.55 -23.44
C HIS A 1597 6.84 15.27 -24.92
N ASP A 1598 7.18 14.03 -25.26
CA ASP A 1598 7.29 13.65 -26.67
C ASP A 1598 5.97 13.87 -27.39
N LEU A 1599 4.84 13.57 -26.74
CA LEU A 1599 3.54 13.82 -27.39
C LEU A 1599 3.32 15.30 -27.66
N GLY A 1600 3.65 16.15 -26.68
CA GLY A 1600 3.41 17.57 -26.86
C GLY A 1600 4.33 18.21 -27.88
N LYS A 1601 5.58 17.76 -27.93
CA LYS A 1601 6.48 18.28 -28.95
C LYS A 1601 6.20 17.67 -30.32
N LYS A 1602 5.56 16.51 -30.36
CA LYS A 1602 5.10 15.95 -31.62
C LYS A 1602 3.91 16.70 -32.20
N LYS A 1603 3.33 17.64 -31.45
CA LYS A 1603 2.30 18.57 -31.93
C LYS A 1603 1.19 17.85 -32.69
N PRO A 1604 0.35 17.06 -32.03
CA PRO A 1604 -0.78 16.43 -32.72
C PRO A 1604 -1.98 17.34 -32.93
N ALA A 1605 -1.84 18.64 -32.70
CA ALA A 1605 -2.95 19.58 -32.72
C ALA A 1605 -2.88 20.57 -33.87
N ASP A 1606 -2.54 20.13 -35.08
CA ASP A 1606 -2.65 20.97 -36.25
C ASP A 1606 -3.89 20.57 -37.05
N THR A 1607 -4.36 21.51 -37.88
CA THR A 1607 -5.57 21.27 -38.66
C THR A 1607 -5.42 20.06 -39.56
N ASP A 1608 -4.29 19.94 -40.25
CA ASP A 1608 -4.06 18.80 -41.11
C ASP A 1608 -3.60 17.59 -40.32
N ALA A 1609 -3.11 17.80 -39.10
CA ALA A 1609 -2.56 16.72 -38.30
C ALA A 1609 -3.65 15.75 -37.87
N ASN A 1610 -3.33 14.47 -37.95
CA ASN A 1610 -4.20 13.41 -37.44
C ASN A 1610 -3.59 12.89 -36.14
N PRO A 1611 -4.19 13.17 -34.98
CA PRO A 1611 -3.52 12.87 -33.71
C PRO A 1611 -3.08 11.42 -33.56
N GLU A 1612 -3.87 10.47 -34.08
CA GLU A 1612 -3.51 9.06 -33.95
C GLU A 1612 -2.15 8.78 -34.58
N SER A 1613 -2.04 8.95 -35.91
CA SER A 1613 -0.81 8.60 -36.62
C SER A 1613 0.40 9.32 -36.04
N ILE A 1614 0.19 10.37 -35.24
CA ILE A 1614 1.30 11.03 -34.58
C ILE A 1614 1.65 10.34 -33.27
N ILE A 1615 0.65 10.03 -32.44
CA ILE A 1615 0.95 9.43 -31.14
C ILE A 1615 1.36 7.97 -31.28
N GLU A 1616 0.88 7.28 -32.32
CA GLU A 1616 1.34 5.92 -32.55
C GLU A 1616 2.84 5.89 -32.85
N SER A 1617 3.38 6.99 -33.37
CA SER A 1617 4.81 7.09 -33.66
C SER A 1617 5.66 7.26 -32.41
N LEU A 1618 5.05 7.29 -31.22
CA LEU A 1618 5.80 7.45 -30.00
C LEU A 1618 6.29 6.09 -29.49
N SER A 1619 7.57 6.04 -29.14
CA SER A 1619 8.14 4.89 -28.44
C SER A 1619 8.74 5.38 -27.12
N ILE A 1620 8.38 4.68 -26.04
CA ILE A 1620 8.77 5.06 -24.69
C ILE A 1620 10.29 5.19 -24.58
N ASN A 1621 10.74 6.27 -23.97
CA ASN A 1621 12.16 6.50 -23.77
C ASN A 1621 12.74 5.45 -22.83
N GLU A 1622 13.58 4.57 -23.38
CA GLU A 1622 14.21 3.51 -22.62
C GLU A 1622 15.68 3.39 -23.07
N SER A 1623 16.53 2.99 -22.13
CA SER A 1623 17.97 2.91 -22.38
C SER A 1623 18.60 1.80 -21.56
N ASN A 1624 19.94 1.82 -21.45
CA ASN A 1624 20.62 0.83 -20.62
C ASN A 1624 20.43 1.09 -19.14
N GLU A 1625 19.75 2.17 -18.77
CA GLU A 1625 19.40 2.39 -17.37
C GLU A 1625 18.25 1.46 -16.99
N SER A 1626 18.52 0.15 -17.04
CA SER A 1626 17.47 -0.85 -16.89
C SER A 1626 18.06 -2.24 -16.80
N GLY A 1627 17.21 -3.23 -16.54
CA GLY A 1627 17.64 -4.60 -16.51
C GLY A 1627 16.73 -5.51 -17.31
N PRO A 1628 17.32 -6.31 -18.19
CA PRO A 1628 16.52 -7.26 -18.98
C PRO A 1628 15.95 -8.40 -18.13
N PHE A 1629 15.04 -9.17 -18.71
CA PHE A 1629 14.50 -10.36 -18.05
C PHE A 1629 14.89 -11.61 -18.82
N PRO A 1630 15.89 -12.37 -18.35
CA PRO A 1630 16.18 -13.66 -18.98
C PRO A 1630 15.02 -14.64 -18.86
N THR A 1631 14.82 -15.45 -19.89
CA THR A 1631 13.70 -16.39 -19.91
C THR A 1631 13.85 -17.53 -18.91
N GLY A 1632 14.90 -18.33 -19.04
CA GLY A 1632 15.14 -19.42 -18.10
C GLY A 1632 15.38 -18.89 -16.69
N ASP A 1633 15.20 -19.74 -15.69
CA ASP A 1633 15.19 -19.29 -14.31
C ASP A 1633 16.09 -20.16 -13.44
N VAL A 1634 16.47 -19.61 -12.28
CA VAL A 1634 16.74 -20.38 -11.08
C VAL A 1634 15.48 -20.44 -10.20
N ASP A 1635 14.66 -19.40 -10.26
CA ASP A 1635 13.31 -19.40 -9.70
C ASP A 1635 12.45 -18.48 -10.56
N ALA A 1636 11.14 -18.72 -10.56
CA ALA A 1636 10.23 -17.89 -11.34
C ALA A 1636 10.13 -16.47 -10.80
N GLU A 1637 10.47 -16.28 -9.52
CA GLU A 1637 10.17 -15.03 -8.82
C GLU A 1637 10.87 -13.83 -9.46
N HIS A 1638 11.95 -14.07 -10.20
CA HIS A 1638 12.69 -12.97 -10.80
C HIS A 1638 11.91 -12.29 -11.93
N LEU A 1639 10.69 -12.76 -12.20
CA LEU A 1639 9.84 -12.16 -13.22
C LEU A 1639 8.57 -11.54 -12.64
N ILE A 1640 8.04 -12.09 -11.55
CA ILE A 1640 6.74 -11.71 -11.02
C ILE A 1640 6.94 -10.80 -9.81
N LEU A 1641 5.94 -9.97 -9.53
CA LEU A 1641 5.98 -9.01 -8.43
C LEU A 1641 4.64 -9.06 -7.70
N GLU A 1642 4.68 -9.01 -6.37
CA GLU A 1642 3.44 -8.93 -5.60
C GLU A 1642 3.63 -8.03 -4.38
N GLY A 1643 2.55 -7.44 -3.89
CA GLY A 1643 2.67 -6.49 -2.80
C GLY A 1643 3.07 -5.11 -3.29
N TYR A 1644 4.16 -4.61 -2.73
CA TYR A 1644 4.67 -3.28 -3.04
C TYR A 1644 6.04 -3.30 -3.70
N ASP A 1645 6.34 -4.29 -4.53
CA ASP A 1645 7.64 -4.37 -5.17
C ASP A 1645 7.50 -4.16 -6.67
N THR A 1646 8.50 -3.50 -7.26
CA THR A 1646 8.56 -3.24 -8.69
C THR A 1646 9.98 -3.39 -9.21
N TRP A 1647 10.12 -3.83 -10.45
CA TRP A 1647 11.43 -3.99 -11.06
C TRP A 1647 11.96 -2.62 -11.45
N GLU A 1648 13.07 -2.21 -10.86
CA GLU A 1648 13.75 -0.97 -11.21
C GLU A 1648 15.24 -1.18 -11.07
N SER A 1649 16.01 -0.47 -11.89
CA SER A 1649 17.46 -0.52 -11.78
C SER A 1649 17.92 0.39 -10.64
N LEU A 1650 18.65 -0.18 -9.69
CA LEU A 1650 19.27 0.64 -8.66
C LEU A 1650 20.37 1.52 -9.23
N TYR A 1651 20.93 1.14 -10.37
CA TYR A 1651 22.21 1.68 -10.77
C TYR A 1651 21.99 2.88 -11.69
N ASP A 1652 23.03 3.69 -11.84
CA ASP A 1652 23.02 4.81 -12.79
C ASP A 1652 23.99 4.47 -13.91
N GLU A 1653 23.46 3.99 -15.03
CA GLU A 1653 24.31 3.53 -16.13
C GLU A 1653 25.20 4.65 -16.66
N GLN A 1654 24.76 5.91 -16.54
CA GLN A 1654 25.64 7.02 -16.86
C GLN A 1654 26.79 7.12 -15.86
N LEU A 1655 26.45 7.14 -14.56
CA LEU A 1655 27.47 7.04 -13.52
C LEU A 1655 28.32 5.80 -13.69
N GLU A 1656 27.70 4.68 -14.05
CA GLU A 1656 28.45 3.43 -14.22
C GLU A 1656 29.47 3.55 -15.35
N GLU A 1657 29.07 4.15 -16.47
CA GLU A 1657 29.99 4.28 -17.60
C GLU A 1657 31.12 5.25 -17.26
N VAL A 1658 30.80 6.32 -16.53
CA VAL A 1658 31.84 7.24 -16.08
C VAL A 1658 32.84 6.51 -15.17
N ILE A 1659 32.32 5.66 -14.28
CA ILE A 1659 33.17 4.89 -13.37
C ILE A 1659 34.09 3.97 -14.16
N TYR A 1660 33.51 3.21 -15.09
CA TYR A 1660 34.30 2.27 -15.90
C TYR A 1660 35.34 3.01 -16.73
N ASN A 1661 34.98 4.18 -17.26
CA ASN A 1661 35.94 5.02 -17.98
C ASN A 1661 37.12 5.40 -17.08
N ASP A 1662 36.83 6.01 -15.92
CA ASP A 1662 37.90 6.45 -15.04
C ASP A 1662 38.73 5.28 -14.56
N ILE A 1663 38.14 4.08 -14.50
CA ILE A 1663 38.91 2.89 -14.15
C ILE A 1663 39.86 2.51 -15.27
N GLU A 1664 39.34 2.38 -16.49
CA GLU A 1664 40.17 1.86 -17.58
C GLU A 1664 41.22 2.87 -18.03
N SER A 1665 41.01 4.16 -17.75
CA SER A 1665 41.98 5.18 -18.14
C SER A 1665 43.12 5.34 -17.16
N LEU A 1666 42.93 4.94 -15.90
CA LEU A 1666 43.96 5.09 -14.88
C LEU A 1666 44.69 3.77 -14.65
N GLU A 1667 45.76 3.86 -13.86
CA GLU A 1667 46.47 2.67 -13.38
C GLU A 1667 46.32 2.55 -11.87
N LEU A 1668 47.03 1.59 -11.29
CA LEU A 1668 46.85 1.29 -9.87
C LEU A 1668 47.35 2.42 -8.97
N LYS A 1669 48.33 3.20 -9.46
CA LYS A 1669 48.83 4.32 -8.65
C LYS A 1669 47.77 5.38 -8.45
N ASP A 1670 46.90 5.60 -9.43
CA ASP A 1670 45.92 6.68 -9.41
C ASP A 1670 44.56 6.23 -8.88
N ILE A 1671 44.53 5.19 -8.05
CA ILE A 1671 43.29 4.71 -7.42
C ILE A 1671 43.56 4.55 -5.93
N GLU A 1672 43.03 5.46 -5.12
CA GLU A 1672 43.12 5.32 -3.68
C GLU A 1672 42.18 4.22 -3.21
N GLN A 1673 42.56 3.55 -2.14
CA GLN A 1673 41.74 2.52 -1.53
C GLN A 1673 41.57 2.81 -0.05
N TYR A 1674 40.38 3.29 0.31
CA TYR A 1674 39.99 3.47 1.69
C TYR A 1674 39.74 2.09 2.28
N VAL A 1675 40.74 1.56 2.98
CA VAL A 1675 40.75 0.16 3.40
C VAL A 1675 40.69 0.10 4.91
N LEU A 1676 39.74 -0.65 5.43
CA LEU A 1676 39.75 -1.09 6.82
C LEU A 1676 40.17 -2.56 6.83
N GLN A 1677 41.36 -2.83 7.37
CA GLN A 1677 41.92 -4.18 7.42
C GLN A 1677 41.57 -4.79 8.78
N VAL A 1678 40.51 -5.58 8.83
CA VAL A 1678 40.01 -6.14 10.07
C VAL A 1678 40.55 -7.56 10.19
N ASN A 1679 41.30 -7.82 11.27
CA ASN A 1679 41.93 -9.11 11.51
C ASN A 1679 41.36 -9.70 12.78
N LEU A 1680 40.90 -10.94 12.69
CA LEU A 1680 40.17 -11.63 13.75
C LEU A 1680 40.96 -12.82 14.23
N LYS A 1681 41.25 -12.86 15.54
CA LYS A 1681 42.05 -13.91 16.14
C LYS A 1681 41.15 -14.80 16.98
N ALA A 1682 40.89 -16.00 16.50
CA ALA A 1682 40.11 -16.95 17.28
C ALA A 1682 40.97 -17.51 18.40
N PRO A 1683 40.54 -17.42 19.65
CA PRO A 1683 41.32 -17.93 20.79
C PRO A 1683 41.32 -19.45 20.88
N LYS A 1684 42.31 -20.05 20.22
CA LYS A 1684 42.60 -21.47 20.36
C LYS A 1684 41.42 -22.32 19.90
N LEU A 1685 41.16 -22.27 18.60
CA LEU A 1685 40.09 -23.00 17.94
C LEU A 1685 40.15 -24.48 18.31
N MET A 1686 39.10 -24.95 18.98
CA MET A 1686 38.88 -26.37 19.18
C MET A 1686 37.54 -26.73 18.58
N MET A 1687 37.50 -27.82 17.83
CA MET A 1687 36.23 -28.37 17.37
C MET A 1687 35.81 -29.47 18.33
N SER A 1688 34.51 -29.63 18.52
CA SER A 1688 34.03 -30.63 19.44
C SER A 1688 34.25 -32.03 18.87
N ALA A 1689 34.85 -32.90 19.68
CA ALA A 1689 35.29 -34.19 19.18
C ALA A 1689 34.09 -35.02 18.79
N GLN A 1690 33.84 -35.10 17.49
CA GLN A 1690 32.69 -35.83 16.97
C GLN A 1690 33.02 -37.32 16.91
N ILE A 1691 32.60 -38.08 17.93
CA ILE A 1691 32.90 -39.50 17.92
C ILE A 1691 31.98 -40.22 16.95
N HIS A 1692 30.74 -39.75 16.84
CA HIS A 1692 29.77 -40.34 15.93
C HIS A 1692 29.08 -39.23 15.20
N ASN A 1693 28.34 -39.60 14.15
CA ASN A 1693 27.57 -38.61 13.44
C ASN A 1693 26.64 -37.87 14.38
N ASN A 1694 26.16 -38.55 15.41
CA ASN A 1694 25.27 -37.96 16.39
C ASN A 1694 26.01 -37.34 17.55
N ARG A 1695 27.31 -37.59 17.68
CA ARG A 1695 27.97 -37.43 18.96
C ARG A 1695 29.25 -36.64 18.78
N HIS A 1696 29.28 -35.44 19.37
CA HIS A 1696 30.45 -34.59 19.49
C HIS A 1696 30.91 -34.57 20.95
N VAL A 1697 32.14 -34.11 21.18
CA VAL A 1697 32.71 -34.06 22.53
C VAL A 1697 33.61 -32.84 22.65
N CYS A 1698 33.41 -32.05 23.70
CA CYS A 1698 34.32 -30.99 24.09
C CYS A 1698 34.95 -31.36 25.43
N ASP A 1699 36.02 -32.13 25.42
CA ASP A 1699 36.69 -32.58 26.65
C ASP A 1699 37.85 -31.62 26.95
N PHE A 1700 37.92 -31.16 28.20
CA PHE A 1700 38.90 -30.15 28.60
C PHE A 1700 39.71 -30.52 29.84
N SER A 1701 39.68 -31.78 30.27
CA SER A 1701 40.35 -32.15 31.52
C SER A 1701 41.85 -32.11 31.32
N LYS A 1702 42.37 -30.89 31.27
CA LYS A 1702 43.73 -30.67 30.83
C LYS A 1702 44.36 -29.54 31.64
N ASN A 1703 45.70 -29.50 31.62
CA ASN A 1703 46.46 -28.50 32.35
C ASN A 1703 47.06 -27.43 31.47
N ASN A 1704 46.73 -27.40 30.18
CA ASN A 1704 47.03 -26.27 29.32
C ASN A 1704 45.79 -25.54 28.85
N LEU A 1705 44.61 -25.96 29.30
CA LEU A 1705 43.39 -25.49 28.67
C LEU A 1705 42.73 -24.36 29.46
N ILE A 1706 42.35 -24.63 30.71
CA ILE A 1706 41.84 -23.57 31.56
C ILE A 1706 42.97 -23.01 32.40
N VAL A 1707 43.87 -23.88 32.83
CA VAL A 1707 45.17 -23.49 33.36
C VAL A 1707 45.78 -22.54 32.35
N PRO A 1708 46.09 -21.31 32.73
CA PRO A 1708 46.71 -20.38 31.78
C PRO A 1708 48.00 -20.93 31.20
N GLU A 1709 48.12 -20.95 29.88
CA GLU A 1709 49.31 -21.47 29.24
C GLU A 1709 50.54 -20.74 29.74
N SER A 1710 51.67 -21.46 29.74
CA SER A 1710 52.91 -20.85 30.19
C SER A 1710 53.33 -19.78 29.20
N LEU A 1711 53.07 -18.52 29.56
CA LEU A 1711 53.55 -17.40 28.78
C LEU A 1711 55.05 -17.26 28.93
N LYS A 1712 55.60 -16.20 28.34
CA LYS A 1712 56.97 -15.83 28.64
C LYS A 1712 57.16 -15.70 30.15
N LYS A 1713 58.31 -16.15 30.65
CA LYS A 1713 58.59 -16.25 32.07
C LYS A 1713 58.28 -14.99 32.85
N LYS A 1714 58.29 -13.83 32.21
CA LYS A 1714 58.02 -12.58 32.91
C LYS A 1714 56.53 -12.37 33.11
N GLU A 1715 56.16 -11.83 34.26
CA GLU A 1715 54.82 -11.29 34.45
C GLU A 1715 54.55 -10.26 33.36
N GLU A 1716 53.48 -10.48 32.60
CA GLU A 1716 53.11 -9.55 31.55
C GLU A 1716 52.25 -8.41 32.07
N LEU A 1717 51.06 -8.72 32.57
CA LEU A 1717 50.10 -7.73 33.04
C LEU A 1717 48.94 -8.47 33.67
N GLY A 1718 47.91 -7.74 34.10
CA GLY A 1718 46.68 -8.37 34.55
C GLY A 1718 46.17 -9.32 33.50
N GLY A 1719 46.15 -10.62 33.81
CA GLY A 1719 45.79 -11.62 32.82
C GLY A 1719 44.39 -11.46 32.27
N ASN A 1720 44.27 -11.54 30.94
CA ASN A 1720 43.03 -11.39 30.21
C ASN A 1720 42.42 -12.76 29.89
N PRO A 1721 41.13 -12.95 30.14
CA PRO A 1721 40.52 -14.26 29.90
C PRO A 1721 40.73 -14.79 28.49
N VAL A 1722 41.49 -15.88 28.35
CA VAL A 1722 41.59 -16.59 27.08
C VAL A 1722 40.38 -17.49 26.98
N ASN A 1723 39.40 -17.07 26.18
CA ASN A 1723 38.20 -17.85 26.01
C ASN A 1723 38.51 -19.05 25.13
N ILE A 1724 38.55 -20.23 25.73
CA ILE A 1724 38.87 -21.45 25.01
C ILE A 1724 37.68 -21.79 24.11
N HIS A 1725 37.95 -21.88 22.82
CA HIS A 1725 36.92 -21.94 21.79
C HIS A 1725 36.70 -23.37 21.36
N CYS A 1726 35.57 -23.94 21.78
CA CYS A 1726 35.10 -25.22 21.27
C CYS A 1726 33.95 -24.95 20.30
N TYR A 1727 34.13 -25.31 19.04
CA TYR A 1727 33.11 -25.13 18.02
C TYR A 1727 32.45 -26.47 17.74
N ALA A 1728 31.22 -26.63 18.20
CA ALA A 1728 30.48 -27.89 18.13
C ALA A 1728 29.44 -27.80 17.02
N LEU A 1729 29.67 -28.56 15.95
CA LEU A 1729 28.76 -28.60 14.81
C LEU A 1729 28.00 -29.92 14.82
N LEU A 1730 26.72 -29.86 15.14
CA LEU A 1730 25.89 -31.05 15.28
C LEU A 1730 24.74 -31.03 14.27
N LYS A 1731 23.92 -32.09 14.29
CA LYS A 1731 22.78 -32.23 13.40
C LYS A 1731 21.51 -32.58 14.19
N PRO A 1732 20.33 -32.38 13.60
CA PRO A 1732 19.11 -32.90 14.22
C PRO A 1732 19.31 -34.34 14.62
N LEU A 1733 19.01 -34.63 15.87
CA LEU A 1733 19.37 -35.87 16.54
C LEU A 1733 20.88 -36.01 16.62
N ASP A 1734 21.61 -34.95 16.96
CA ASP A 1734 22.97 -35.16 17.44
C ASP A 1734 23.08 -34.79 18.92
N THR A 1735 24.00 -35.47 19.59
CA THR A 1735 24.29 -35.25 21.01
C THR A 1735 25.73 -34.75 21.12
N LEU A 1736 25.95 -33.85 22.06
CA LEU A 1736 27.28 -33.39 22.41
C LEU A 1736 27.51 -33.66 23.89
N TYR A 1737 28.62 -34.32 24.19
CA TYR A 1737 29.14 -34.46 25.54
C TYR A 1737 30.31 -33.49 25.70
N VAL A 1738 30.43 -32.88 26.86
CA VAL A 1738 31.45 -31.87 27.11
C VAL A 1738 32.06 -32.14 28.47
N LYS A 1739 33.32 -32.51 28.48
CA LYS A 1739 34.06 -32.76 29.71
C LYS A 1739 34.97 -31.57 29.98
N CYS A 1740 35.01 -31.16 31.24
CA CYS A 1740 35.91 -30.14 31.75
C CYS A 1740 36.44 -30.59 33.10
N PRO A 1741 37.51 -29.98 33.59
CA PRO A 1741 37.95 -30.27 34.97
C PRO A 1741 36.85 -29.92 35.95
N THR A 1742 36.84 -30.63 37.08
CA THR A 1742 35.72 -30.51 38.00
C THR A 1742 35.95 -29.34 38.96
N SER A 1743 34.91 -28.53 39.16
CA SER A 1743 35.01 -27.40 40.06
C SER A 1743 35.42 -27.88 41.45
N LYS A 1744 36.19 -27.05 42.14
CA LYS A 1744 36.86 -27.47 43.37
C LYS A 1744 35.92 -28.21 44.32
N ASP A 1745 34.71 -27.69 44.50
CA ASP A 1745 33.77 -28.29 45.43
C ASP A 1745 33.37 -29.71 45.00
N ASN A 1746 32.76 -29.84 43.82
CA ASN A 1746 32.41 -31.15 43.33
C ASN A 1746 33.65 -32.00 43.06
N TYR A 1747 34.78 -31.36 42.76
CA TYR A 1747 36.03 -32.10 42.64
C TYR A 1747 36.37 -32.80 43.94
N GLU A 1748 36.25 -32.10 45.07
CA GLU A 1748 36.43 -32.75 46.35
C GLU A 1748 35.38 -33.82 46.58
N ALA A 1749 34.11 -33.49 46.29
CA ALA A 1749 33.04 -34.46 46.46
C ALA A 1749 33.31 -35.75 45.70
N ALA A 1750 34.01 -35.66 44.58
CA ALA A 1750 34.40 -36.84 43.81
C ALA A 1750 35.65 -37.49 44.38
N LYS A 1751 36.57 -36.71 44.93
CA LYS A 1751 37.67 -37.30 45.67
C LYS A 1751 37.16 -38.11 46.84
N VAL A 1752 35.99 -37.75 47.38
CA VAL A 1752 35.35 -38.56 48.40
C VAL A 1752 34.96 -39.93 47.88
N ASN A 1753 34.30 -40.00 46.74
CA ASN A 1753 33.72 -41.23 46.23
C ASN A 1753 34.63 -41.96 45.24
N ILE A 1754 35.88 -41.51 45.12
CA ILE A 1754 36.88 -42.26 44.35
C ILE A 1754 36.83 -43.75 44.66
N SER A 1755 36.67 -44.13 45.93
CA SER A 1755 36.53 -45.53 46.29
C SER A 1755 35.30 -46.18 45.67
N GLU A 1756 34.31 -45.38 45.28
CA GLU A 1756 33.03 -45.90 44.81
C GLU A 1756 33.04 -45.93 43.29
N ASN A 1757 32.36 -46.91 42.72
CA ASN A 1757 32.43 -47.14 41.28
C ASN A 1757 31.12 -46.74 40.60
N ASP A 1758 31.20 -46.50 39.30
CA ASP A 1758 30.02 -46.21 38.50
C ASP A 1758 29.23 -47.50 38.26
N ASN A 1759 28.21 -47.39 37.41
CA ASN A 1759 27.44 -48.57 37.06
C ASN A 1759 27.81 -49.04 35.65
N GLU A 1760 27.24 -50.18 35.24
CA GLU A 1760 27.37 -50.62 33.86
C GLU A 1760 26.91 -49.53 32.90
N TYR A 1761 25.91 -48.75 33.29
CA TYR A 1761 25.44 -47.67 32.45
C TYR A 1761 26.51 -46.60 32.28
N GLU A 1762 26.99 -46.04 33.39
CA GLU A 1762 27.94 -44.94 33.30
C GLU A 1762 29.28 -45.40 32.74
N LEU A 1763 29.79 -46.54 33.23
CA LEU A 1763 31.06 -47.05 32.71
C LEU A 1763 30.92 -47.46 31.25
N GLN A 1764 29.77 -48.01 30.90
CA GLN A 1764 29.45 -48.26 29.50
C GLN A 1764 29.59 -46.99 28.68
N VAL A 1765 28.88 -45.94 29.08
CA VAL A 1765 29.01 -44.65 28.43
C VAL A 1765 30.47 -44.23 28.40
N ILE A 1766 31.21 -44.52 29.47
CA ILE A 1766 32.61 -44.14 29.55
C ILE A 1766 33.39 -44.76 28.40
N SER A 1767 33.34 -46.08 28.33
CA SER A 1767 33.87 -46.79 27.17
C SER A 1767 33.41 -46.14 25.88
N LEU A 1768 32.21 -45.57 25.90
CA LEU A 1768 31.69 -44.93 24.70
C LEU A 1768 32.24 -43.51 24.52
N ILE A 1769 32.88 -42.94 25.54
CA ILE A 1769 33.18 -41.51 25.48
C ILE A 1769 34.62 -41.12 25.77
N GLU A 1770 35.16 -41.48 26.95
CA GLU A 1770 36.39 -40.84 27.42
C GLU A 1770 37.55 -41.23 26.52
N LYS A 1771 37.87 -42.52 26.48
CA LYS A 1771 38.82 -43.05 25.52
C LYS A 1771 38.44 -42.62 24.11
N ARG A 1772 37.14 -42.34 23.91
CA ARG A 1772 36.65 -41.94 22.59
C ARG A 1772 36.76 -40.46 22.34
N PHE A 1773 37.27 -39.67 23.29
CA PHE A 1773 37.59 -38.29 22.97
C PHE A 1773 38.90 -38.18 22.20
N GLY A 1794 46.66 -31.18 18.76
CA GLY A 1794 45.62 -30.19 18.61
C GLY A 1794 45.58 -29.41 19.90
N VAL A 1795 44.68 -29.76 20.81
CA VAL A 1795 44.83 -29.45 22.21
C VAL A 1795 44.69 -30.74 22.98
N VAL A 1796 45.81 -31.42 23.18
CA VAL A 1796 45.92 -32.61 24.01
C VAL A 1796 47.21 -32.47 24.81
N ASP A 1797 47.19 -32.99 26.03
CA ASP A 1797 48.25 -32.71 26.99
C ASP A 1797 49.52 -33.48 26.67
N THR A 1798 50.66 -32.82 26.91
CA THR A 1798 51.97 -33.44 26.91
C THR A 1798 52.67 -33.24 28.25
N GLY A 1799 52.18 -32.29 29.05
CA GLY A 1799 52.80 -31.91 30.29
C GLY A 1799 52.61 -32.90 31.42
N PRO A 1800 52.73 -32.40 32.66
CA PRO A 1800 52.64 -33.29 33.82
C PRO A 1800 51.27 -33.93 33.94
N VAL A 1801 51.23 -35.09 34.58
CA VAL A 1801 49.96 -35.78 34.80
C VAL A 1801 49.16 -35.01 35.85
N LEU A 1802 47.85 -34.94 35.64
CA LEU A 1802 46.95 -34.31 36.61
C LEU A 1802 47.13 -34.91 37.99
N ASP A 1803 47.38 -34.07 38.99
CA ASP A 1803 47.42 -34.51 40.37
C ASP A 1803 46.49 -33.65 41.19
N ASN A 1804 46.27 -34.05 42.44
CA ASN A 1804 45.36 -33.30 43.30
C ASN A 1804 45.89 -31.91 43.58
N SER A 1805 47.20 -31.77 43.74
CA SER A 1805 47.77 -30.46 44.04
C SER A 1805 47.52 -29.45 42.92
N THR A 1806 48.00 -29.75 41.72
CA THR A 1806 47.84 -28.81 40.61
C THR A 1806 46.38 -28.65 40.22
N PHE A 1807 45.59 -29.72 40.32
CA PHE A 1807 44.17 -29.59 40.06
C PHE A 1807 43.54 -28.58 41.01
N GLU A 1808 43.77 -28.76 42.31
CA GLU A 1808 43.26 -27.79 43.28
C GLU A 1808 43.81 -26.40 43.03
N LYS A 1809 45.03 -26.30 42.52
CA LYS A 1809 45.60 -24.98 42.30
C LYS A 1809 44.93 -24.27 41.14
N TYR A 1810 45.03 -24.83 39.93
CA TYR A 1810 44.47 -24.18 38.76
C TYR A 1810 42.96 -24.25 38.70
N PHE A 1811 42.37 -25.28 39.30
CA PHE A 1811 40.92 -25.45 39.30
C PHE A 1811 40.34 -25.21 40.69
N LYS A 1812 41.05 -24.45 41.52
CA LYS A 1812 40.45 -23.90 42.72
C LYS A 1812 39.23 -23.07 42.37
N ASN A 1813 39.30 -22.30 41.29
CA ASN A 1813 38.28 -21.31 40.97
C ASN A 1813 37.61 -21.56 39.62
N ILE A 1814 37.66 -22.78 39.11
CA ILE A 1814 36.91 -23.08 37.90
C ILE A 1814 35.44 -23.16 38.26
N LYS A 1815 34.62 -22.39 37.57
CA LYS A 1815 33.18 -22.40 37.73
C LYS A 1815 32.57 -22.80 36.39
N ILE A 1816 31.27 -23.07 36.40
CA ILE A 1816 30.60 -23.60 35.22
C ILE A 1816 29.29 -22.85 35.02
N LYS A 1817 29.24 -22.02 33.99
CA LYS A 1817 28.07 -21.23 33.66
C LYS A 1817 27.58 -21.59 32.26
N PRO A 1818 26.33 -22.02 32.12
CA PRO A 1818 25.34 -22.16 33.19
C PRO A 1818 25.65 -23.29 34.15
N ASP A 1819 25.24 -23.12 35.41
CA ASP A 1819 25.52 -24.12 36.42
C ASP A 1819 24.90 -25.45 36.05
N LYS A 1820 23.74 -25.41 35.42
CA LYS A 1820 23.15 -26.57 34.76
C LYS A 1820 23.34 -26.39 33.26
N PHE A 1821 24.13 -27.26 32.66
CA PHE A 1821 24.51 -27.10 31.25
C PHE A 1821 23.40 -27.66 30.38
N PHE A 1822 22.94 -26.83 29.44
CA PHE A 1822 21.91 -27.16 28.47
C PHE A 1822 20.53 -27.24 29.12
N GLU A 1823 20.46 -27.14 30.45
CA GLU A 1823 19.18 -26.87 31.10
C GLU A 1823 18.97 -25.37 31.22
N LYS A 1824 20.07 -24.63 31.25
CA LYS A 1824 20.12 -23.23 30.87
C LYS A 1824 21.30 -23.06 29.94
N VAL A 1825 21.24 -22.07 29.06
CA VAL A 1825 22.31 -21.82 28.10
C VAL A 1825 22.53 -20.33 27.96
N ILE A 1826 23.61 -19.98 27.26
CA ILE A 1826 24.02 -18.61 27.04
C ILE A 1826 24.05 -18.37 25.54
N ASN A 1827 23.14 -17.51 25.07
CA ASN A 1827 23.09 -17.20 23.64
C ASN A 1827 24.38 -16.50 23.21
N GLU A 1828 25.04 -17.03 22.19
CA GLU A 1828 26.40 -16.59 21.86
C GLU A 1828 26.46 -15.27 21.10
N TYR A 1829 25.42 -14.92 20.34
CA TYR A 1829 25.35 -13.58 19.78
C TYR A 1829 24.79 -12.56 20.76
N ASP A 1830 24.25 -13.01 21.90
CA ASP A 1830 23.81 -12.12 22.95
C ASP A 1830 25.02 -11.66 23.74
N ASP A 1831 25.49 -10.44 23.45
CA ASP A 1831 26.58 -9.86 24.22
C ASP A 1831 26.21 -9.67 25.68
N THR A 1832 24.90 -9.61 26.00
CA THR A 1832 24.46 -9.58 27.39
C THR A 1832 24.62 -10.94 28.05
N GLU A 1833 24.95 -11.97 27.28
CA GLU A 1833 25.01 -13.35 27.77
C GLU A 1833 23.70 -13.74 28.46
N GLU A 1834 22.61 -13.37 27.79
CA GLU A 1834 21.29 -13.55 28.37
C GLU A 1834 21.00 -15.04 28.51
N GLU A 1835 21.11 -15.53 29.74
CA GLU A 1835 20.93 -16.95 30.00
C GLU A 1835 19.46 -17.32 29.84
N LYS A 1836 19.19 -18.36 29.07
CA LYS A 1836 17.84 -18.74 28.70
C LYS A 1836 17.63 -20.24 28.91
N ASP A 1837 16.42 -20.59 29.33
CA ASP A 1837 16.01 -21.99 29.31
C ASP A 1837 15.87 -22.45 27.87
N LEU A 1838 16.79 -23.28 27.40
CA LEU A 1838 16.71 -23.76 26.04
C LEU A 1838 15.43 -24.55 25.80
N GLU A 1839 14.96 -25.27 26.83
CA GLU A 1839 13.65 -25.88 26.77
C GLU A 1839 12.57 -24.85 26.49
N SER A 1840 12.74 -23.63 26.99
CA SER A 1840 11.79 -22.57 26.66
C SER A 1840 11.92 -22.14 25.21
N ILE A 1841 13.13 -22.15 24.67
CA ILE A 1841 13.32 -21.81 23.26
C ILE A 1841 13.10 -23.06 22.42
N LEU A 1842 13.86 -24.11 22.70
CA LEU A 1842 13.72 -25.36 21.96
C LEU A 1842 13.46 -26.49 22.95
N PRO A 1843 12.20 -26.82 23.20
CA PRO A 1843 11.89 -28.08 23.88
C PRO A 1843 12.20 -29.25 22.97
N GLY A 1844 12.07 -30.45 23.55
CA GLY A 1844 12.34 -31.65 22.78
C GLY A 1844 13.79 -32.09 22.78
N ALA A 1845 14.57 -31.62 23.75
CA ALA A 1845 15.96 -32.05 23.85
C ALA A 1845 16.13 -33.02 25.00
N ILE A 1846 17.25 -33.73 25.00
CA ILE A 1846 17.66 -34.59 26.10
C ILE A 1846 18.94 -33.98 26.66
N VAL A 1847 18.93 -33.67 27.95
CA VAL A 1847 19.99 -32.88 28.56
C VAL A 1847 20.42 -33.51 29.87
N SER A 1848 21.73 -33.67 30.02
CA SER A 1848 22.35 -33.99 31.29
C SER A 1848 23.22 -32.80 31.68
N PRO A 1849 23.02 -32.18 32.84
CA PRO A 1849 23.90 -31.07 33.24
C PRO A 1849 25.32 -31.55 33.51
N MET A 1850 26.22 -30.64 33.88
CA MET A 1850 27.60 -31.01 34.10
C MET A 1850 27.73 -31.97 35.27
N LYS A 1851 28.03 -33.23 34.97
CA LYS A 1851 28.15 -34.28 35.98
C LYS A 1851 29.48 -34.98 35.83
N VAL A 1852 30.01 -35.44 36.98
CA VAL A 1852 31.37 -35.96 37.03
C VAL A 1852 31.48 -37.20 36.18
N LEU A 1853 32.52 -37.26 35.35
CA LEU A 1853 32.74 -38.42 34.50
C LEU A 1853 32.85 -39.69 35.32
N LYS A 1854 33.86 -39.78 36.18
CA LYS A 1854 34.17 -41.00 36.90
C LYS A 1854 34.39 -40.67 38.37
N LYS A 1855 33.89 -41.54 39.25
CA LYS A 1855 34.13 -41.36 40.68
C LYS A 1855 35.60 -41.55 41.03
N LYS A 1856 36.20 -42.64 40.56
CA LYS A 1856 37.59 -42.98 40.85
C LYS A 1856 38.57 -41.92 40.39
N ASP A 1857 38.19 -41.08 39.45
CA ASP A 1857 39.02 -39.98 38.95
C ASP A 1857 38.31 -38.68 39.28
N PRO A 1858 38.77 -37.96 40.31
CA PRO A 1858 38.02 -36.77 40.77
C PRO A 1858 38.09 -35.60 39.82
N PHE A 1859 38.71 -35.73 38.65
CA PHE A 1859 39.14 -34.58 37.88
C PHE A 1859 38.20 -34.18 36.75
N THR A 1860 37.51 -35.13 36.12
CA THR A 1860 36.80 -34.88 34.87
C THR A 1860 35.31 -34.97 35.06
N SER A 1861 34.57 -33.98 34.57
CA SER A 1861 33.12 -34.01 34.56
C SER A 1861 32.63 -33.75 33.14
N TYR A 1862 31.38 -34.11 32.90
CA TYR A 1862 30.81 -33.99 31.57
C TYR A 1862 29.37 -33.51 31.66
N ALA A 1863 28.91 -32.91 30.57
CA ALA A 1863 27.53 -32.46 30.39
C ALA A 1863 27.12 -32.69 28.94
N ALA A 1864 25.90 -33.18 28.74
CA ALA A 1864 25.49 -33.56 27.40
C ALA A 1864 24.16 -32.94 27.05
N PHE A 1865 23.95 -32.77 25.74
CA PHE A 1865 22.65 -32.34 25.24
C PHE A 1865 22.44 -32.89 23.85
N VAL A 1866 21.19 -33.00 23.47
CA VAL A 1866 20.81 -33.57 22.17
C VAL A 1866 20.23 -32.47 21.29
N VAL A 1867 20.62 -32.48 20.03
CA VAL A 1867 19.94 -31.66 19.03
C VAL A 1867 18.63 -32.33 18.65
N PRO A 1868 17.48 -31.73 18.95
CA PRO A 1868 16.21 -32.35 18.57
C PRO A 1868 16.14 -32.53 17.07
N PRO A 1869 15.32 -33.48 16.61
CA PRO A 1869 15.24 -33.71 15.15
C PRO A 1869 14.61 -32.55 14.42
N ILE A 1870 13.46 -32.06 14.88
CA ILE A 1870 12.86 -30.85 14.32
C ILE A 1870 13.37 -29.67 15.12
N VAL A 1871 14.24 -28.89 14.51
CA VAL A 1871 14.69 -27.63 15.07
C VAL A 1871 13.99 -26.52 14.30
N PRO A 1872 13.07 -25.78 14.92
CA PRO A 1872 12.31 -24.76 14.18
C PRO A 1872 13.16 -23.62 13.64
N LYS A 1873 14.45 -23.57 13.97
CA LYS A 1873 15.29 -22.43 13.63
C LYS A 1873 16.73 -22.79 13.94
N ASP A 1874 17.65 -21.99 13.41
CA ASP A 1874 19.05 -22.16 13.77
C ASP A 1874 19.27 -21.71 15.21
N LEU A 1875 20.01 -22.52 15.96
CA LEU A 1875 20.47 -22.16 17.30
C LEU A 1875 21.92 -21.71 17.23
N HIS A 1876 22.24 -20.63 17.93
CA HIS A 1876 23.63 -20.20 18.08
C HIS A 1876 23.79 -19.65 19.49
N PHE A 1877 24.25 -20.50 20.40
CA PHE A 1877 24.48 -20.12 21.77
C PHE A 1877 25.88 -20.59 22.17
N LYS A 1878 26.19 -20.49 23.46
CA LYS A 1878 27.45 -21.00 23.97
C LYS A 1878 27.36 -21.22 25.47
N VAL A 1879 28.34 -21.98 25.98
CA VAL A 1879 28.42 -22.34 27.39
C VAL A 1879 29.88 -22.18 27.82
N GLU A 1880 30.14 -22.26 29.13
CA GLU A 1880 31.45 -21.94 29.66
C GLU A 1880 31.77 -22.73 30.91
N CYS A 1881 32.71 -23.67 30.80
CA CYS A 1881 33.44 -24.09 31.99
C CYS A 1881 34.48 -22.99 32.13
N ASN A 1882 34.09 -21.94 32.82
CA ASN A 1882 34.87 -20.71 32.84
C ASN A 1882 35.67 -20.66 34.13
N ASN A 1883 36.98 -20.56 33.98
CA ASN A 1883 37.85 -20.09 35.04
C ASN A 1883 38.60 -18.89 34.48
N THR A 1884 38.50 -17.77 35.18
CA THR A 1884 39.37 -16.63 34.96
C THR A 1884 39.76 -16.16 36.34
N GLU A 1885 39.09 -16.73 37.33
CA GLU A 1885 39.29 -16.43 38.73
C GLU A 1885 40.58 -17.02 39.28
N TYR A 1886 40.95 -18.22 38.84
CA TYR A 1886 42.29 -18.72 39.12
C TYR A 1886 43.28 -17.94 38.28
N LYS A 1887 44.34 -17.48 38.92
CA LYS A 1887 45.36 -16.70 38.26
C LYS A 1887 46.72 -17.31 38.52
N ASP A 1888 47.60 -17.18 37.53
CA ASP A 1888 49.00 -17.52 37.74
C ASP A 1888 49.57 -16.67 38.86
N GLU A 1889 50.22 -17.31 39.82
CA GLU A 1889 50.85 -16.57 40.89
C GLU A 1889 52.01 -15.71 40.37
N ASN A 1890 52.52 -16.02 39.18
CA ASN A 1890 53.40 -15.12 38.46
C ASN A 1890 52.65 -14.19 37.52
N GLN A 1891 51.32 -14.35 37.42
CA GLN A 1891 50.44 -13.41 36.71
C GLN A 1891 50.80 -13.31 35.23
N TYR A 1892 50.76 -14.45 34.56
CA TYR A 1892 50.88 -14.45 33.10
C TYR A 1892 49.52 -14.16 32.48
N ILE A 1893 48.56 -15.05 32.71
CA ILE A 1893 47.16 -14.84 32.36
C ILE A 1893 46.32 -15.37 33.51
N SER A 1894 45.16 -14.76 33.73
CA SER A 1894 44.15 -15.37 34.58
C SER A 1894 43.72 -16.70 33.97
N GLY A 1895 42.97 -17.48 34.73
CA GLY A 1895 42.46 -18.74 34.22
C GLY A 1895 41.83 -18.60 32.85
N TYR A 1896 41.90 -19.63 32.03
CA TYR A 1896 41.29 -19.59 30.71
C TYR A 1896 39.84 -20.02 30.79
N ASN A 1897 38.99 -19.38 29.99
CA ASN A 1897 37.56 -19.66 29.99
C ASN A 1897 37.25 -20.63 28.85
N GLY A 1898 36.88 -21.87 29.18
CA GLY A 1898 36.46 -22.74 28.12
C GLY A 1898 35.04 -22.40 27.68
N ILE A 1899 34.91 -21.76 26.53
CA ILE A 1899 33.62 -21.40 25.97
C ILE A 1899 33.35 -22.27 24.75
N ILE A 1900 32.32 -23.11 24.86
CA ILE A 1900 31.88 -23.96 23.77
C ILE A 1900 30.79 -23.19 23.03
N HIS A 1901 31.00 -22.96 21.74
CA HIS A 1901 30.08 -22.19 20.92
C HIS A 1901 29.27 -23.14 20.06
N ILE A 1902 28.01 -23.33 20.43
CA ILE A 1902 27.15 -24.35 19.82
C ILE A 1902 26.33 -23.69 18.74
N ASP A 1903 26.40 -24.29 17.55
CA ASP A 1903 25.73 -23.80 16.34
C ASP A 1903 24.94 -24.94 15.72
N ILE A 1904 23.64 -24.95 15.95
CA ILE A 1904 22.73 -26.01 15.53
C ILE A 1904 21.92 -25.50 14.33
N SER A 1905 21.72 -26.37 13.35
CA SER A 1905 20.88 -26.00 12.22
C SER A 1905 19.44 -26.45 12.44
N ASN A 1906 18.55 -25.90 11.64
CA ASN A 1906 17.12 -26.13 11.78
C ASN A 1906 16.66 -27.33 10.95
N SER A 1907 15.45 -27.81 11.26
CA SER A 1907 14.77 -28.84 10.50
C SER A 1907 13.35 -28.96 11.03
N ASN A 1908 12.43 -29.39 10.16
CA ASN A 1908 11.02 -29.49 10.54
C ASN A 1908 10.37 -30.72 9.93
N ARG A 1909 11.02 -31.88 10.00
CA ARG A 1909 10.46 -33.12 9.51
C ARG A 1909 9.93 -33.93 10.68
N LYS A 1910 8.62 -33.98 10.83
CA LYS A 1910 8.04 -34.75 11.92
C LYS A 1910 8.31 -36.23 11.69
N ILE A 1911 8.73 -36.91 12.74
CA ILE A 1911 9.18 -38.28 12.63
C ILE A 1911 8.29 -39.19 13.46
N ASN A 1912 8.42 -40.48 13.22
CA ASN A 1912 7.72 -41.45 14.03
C ASN A 1912 8.15 -41.31 15.48
N GLY A 1913 7.16 -41.19 16.34
CA GLY A 1913 7.42 -40.93 17.73
C GLY A 1913 6.16 -40.38 18.35
N CYS A 1914 6.06 -40.56 19.65
CA CYS A 1914 4.85 -40.23 20.38
C CYS A 1914 5.17 -39.13 21.38
N ASP A 1915 4.57 -37.97 21.17
CA ASP A 1915 4.73 -36.83 22.04
C ASP A 1915 3.49 -36.75 22.94
N PHE A 1916 3.49 -37.53 24.00
CA PHE A 1916 2.39 -37.54 24.96
C PHE A 1916 2.34 -36.26 25.79
N SER A 1917 3.16 -35.27 25.46
CA SER A 1917 3.09 -33.94 26.05
C SER A 1917 2.17 -33.02 25.26
N THR A 1918 1.66 -33.48 24.12
CA THR A 1918 0.85 -32.65 23.24
C THR A 1918 -0.01 -33.55 22.37
N ASN A 1919 -1.08 -32.98 21.85
CA ASN A 1919 -1.89 -33.67 20.86
C ASN A 1919 -1.60 -33.17 19.45
N ASN A 1920 -0.60 -32.31 19.31
CA ASN A 1920 -0.01 -31.94 18.02
C ASN A 1920 1.46 -31.68 18.27
N SER A 1921 2.29 -32.67 17.98
CA SER A 1921 3.73 -32.46 18.03
C SER A 1921 4.15 -31.65 16.83
N SER A 1922 5.09 -30.72 17.06
CA SER A 1922 5.74 -30.04 15.96
C SER A 1922 7.12 -30.63 15.69
N ILE A 1923 7.42 -31.77 16.29
CA ILE A 1923 8.71 -32.42 16.14
C ILE A 1923 8.52 -33.87 15.71
N LEU A 1924 7.69 -34.61 16.45
CA LEU A 1924 7.34 -35.96 16.09
C LEU A 1924 6.15 -35.94 15.13
N THR A 1925 5.93 -37.08 14.46
CA THR A 1925 4.71 -37.22 13.68
C THR A 1925 3.50 -37.36 14.60
N SER A 1926 3.55 -38.29 15.54
CA SER A 1926 2.43 -38.62 16.40
C SER A 1926 2.59 -37.93 17.74
N SER A 1927 1.47 -37.51 18.31
CA SER A 1927 1.44 -36.91 19.64
C SER A 1927 0.01 -36.94 20.15
N VAL A 1928 -0.23 -37.70 21.21
CA VAL A 1928 -1.51 -37.70 21.89
C VAL A 1928 -1.24 -37.38 23.34
N LYS A 1929 -1.45 -36.13 23.73
CA LYS A 1929 -1.06 -35.67 25.06
C LYS A 1929 -1.74 -36.51 26.13
N LEU A 1930 -0.96 -36.96 27.09
CA LEU A 1930 -1.45 -37.82 28.14
C LEU A 1930 -2.35 -37.05 29.11
N VAL A 1931 -3.23 -37.79 29.76
CA VAL A 1931 -4.07 -37.28 30.85
C VAL A 1931 -4.01 -38.29 31.97
N ASN A 1932 -3.86 -37.80 33.20
CA ASN A 1932 -3.77 -38.68 34.34
C ASN A 1932 -5.06 -39.47 34.53
N GLY A 1933 -4.91 -40.75 34.82
CA GLY A 1933 -6.02 -41.67 34.81
C GLY A 1933 -6.38 -42.19 33.44
N GLU A 1934 -5.60 -41.86 32.42
CA GLU A 1934 -5.86 -42.31 31.06
C GLU A 1934 -4.65 -43.05 30.52
N THR A 1935 -4.90 -44.21 29.91
CA THR A 1935 -3.87 -44.95 29.20
C THR A 1935 -3.96 -44.56 27.73
N LYS A 1936 -2.83 -44.10 27.18
CA LYS A 1936 -2.78 -43.66 25.80
C LYS A 1936 -1.73 -44.46 25.04
N ASN A 1937 -2.19 -45.36 24.18
CA ASN A 1937 -1.30 -46.16 23.34
C ASN A 1937 -1.07 -45.43 22.03
N CYS A 1938 0.18 -45.42 21.58
CA CYS A 1938 0.57 -44.77 20.34
C CYS A 1938 1.46 -45.74 19.57
N GLU A 1939 0.86 -46.59 18.76
CA GLU A 1939 1.60 -47.52 17.94
C GLU A 1939 2.08 -46.81 16.69
N ILE A 1940 3.36 -46.97 16.37
CA ILE A 1940 3.95 -46.41 15.18
C ILE A 1940 4.72 -47.52 14.49
N ASN A 1941 4.71 -47.50 13.16
CA ASN A 1941 5.07 -48.66 12.35
C ASN A 1941 6.41 -48.42 11.70
N ILE A 1942 7.42 -49.10 12.18
CA ILE A 1942 8.79 -48.84 11.78
C ILE A 1942 9.33 -50.07 11.07
N ASN A 1943 10.25 -49.83 10.15
CA ASN A 1943 10.93 -50.89 9.46
C ASN A 1943 12.43 -50.65 9.58
N ASN A 1944 13.20 -51.48 8.89
CA ASN A 1944 14.65 -51.34 8.87
C ASN A 1944 15.05 -49.89 8.61
N ASN A 1945 16.04 -49.42 9.36
CA ASN A 1945 16.68 -48.13 9.12
C ASN A 1945 15.72 -46.95 9.16
N GLU A 1946 14.98 -46.81 10.25
CA GLU A 1946 14.08 -45.68 10.43
C GLU A 1946 14.19 -45.14 11.85
N VAL A 1947 14.06 -43.85 11.98
CA VAL A 1947 14.38 -43.17 13.23
C VAL A 1947 13.08 -42.81 13.94
N PHE A 1948 13.13 -42.85 15.27
CA PHE A 1948 11.93 -42.62 16.07
C PHE A 1948 12.30 -41.88 17.34
N GLY A 1949 11.27 -41.40 18.02
CA GLY A 1949 11.47 -40.68 19.27
C GLY A 1949 10.31 -40.90 20.21
N ILE A 1950 10.35 -40.16 21.32
CA ILE A 1950 9.30 -40.20 22.33
C ILE A 1950 9.50 -39.01 23.27
N ILE A 1951 8.40 -38.41 23.72
CA ILE A 1951 8.45 -37.27 24.63
C ILE A 1951 7.34 -37.41 25.65
N CYS A 1952 7.71 -37.64 26.90
CA CYS A 1952 6.76 -37.65 28.01
C CYS A 1952 6.76 -36.30 28.70
N ASP A 1953 5.63 -35.99 29.34
CA ASP A 1953 5.50 -34.75 30.08
C ASP A 1953 6.18 -34.88 31.45
N ASN A 1954 6.17 -33.76 32.18
CA ASN A 1954 6.91 -33.68 33.44
C ASN A 1954 6.40 -34.68 34.46
N GLU A 1955 5.10 -35.00 34.41
CA GLU A 1955 4.50 -35.91 35.37
C GLU A 1955 4.78 -37.37 35.06
N THR A 1956 4.61 -37.79 33.81
CA THR A 1956 4.93 -39.16 33.43
C THR A 1956 6.42 -39.29 33.14
N ASN A 1957 7.09 -40.11 33.92
CA ASN A 1957 8.49 -40.43 33.71
C ASN A 1957 8.58 -41.69 32.88
N LEU A 1958 9.79 -41.99 32.44
CA LEU A 1958 9.98 -43.10 31.53
C LEU A 1958 9.74 -44.43 32.22
N ASP A 1959 9.15 -45.37 31.50
CA ASP A 1959 9.15 -46.77 31.88
C ASP A 1959 9.56 -47.54 30.63
N PRO A 1960 10.76 -48.12 30.60
CA PRO A 1960 11.65 -48.00 31.76
C PRO A 1960 12.41 -46.70 31.78
N GLU A 1961 12.92 -46.32 32.95
CA GLU A 1961 13.75 -45.14 33.05
C GLU A 1961 15.07 -45.30 32.30
N LYS A 1962 15.30 -46.45 31.66
CA LYS A 1962 16.45 -46.65 30.80
C LYS A 1962 16.07 -46.69 29.33
N CYS A 1963 14.79 -46.66 29.00
CA CYS A 1963 14.35 -46.41 27.63
C CYS A 1963 15.05 -45.17 27.10
N PHE A 1964 15.67 -45.29 25.92
CA PHE A 1964 15.50 -46.44 25.03
C PHE A 1964 16.41 -47.62 25.30
N HIS A 1965 17.36 -47.48 26.21
CA HIS A 1965 18.38 -48.51 26.34
C HIS A 1965 17.81 -49.81 26.85
N GLU A 1966 16.91 -49.74 27.81
CA GLU A 1966 16.10 -50.89 28.18
C GLU A 1966 14.69 -50.67 27.69
N ILE A 1967 14.02 -51.78 27.36
CA ILE A 1967 12.67 -51.75 26.82
C ILE A 1967 11.94 -52.97 27.35
N TYR A 1968 10.64 -52.82 27.55
CA TYR A 1968 9.77 -53.95 27.78
C TYR A 1968 10.01 -54.98 26.69
N SER A 1969 10.04 -56.25 27.08
CA SER A 1969 10.17 -57.32 26.10
C SER A 1969 8.98 -57.34 25.17
N LYS A 1970 9.05 -58.13 24.10
CA LYS A 1970 7.85 -58.45 23.34
C LYS A 1970 6.71 -58.89 24.24
N ASP A 1971 7.02 -59.63 25.30
CA ASP A 1971 6.05 -59.98 26.32
C ASP A 1971 5.50 -58.75 27.03
N ASN A 1972 6.31 -57.68 27.07
CA ASN A 1972 6.04 -56.52 27.92
C ASN A 1972 6.02 -56.95 29.38
N LYS A 1973 6.63 -58.10 29.66
CA LYS A 1973 6.85 -58.53 31.03
C LYS A 1973 8.24 -58.20 31.53
N THR A 1974 9.28 -58.49 30.76
CA THR A 1974 10.65 -58.25 31.17
C THR A 1974 11.19 -57.07 30.40
N VAL A 1975 12.13 -56.37 31.02
CA VAL A 1975 12.80 -55.25 30.37
C VAL A 1975 14.22 -55.70 30.04
N LYS A 1976 14.68 -55.37 28.84
CA LYS A 1976 15.96 -55.82 28.34
C LYS A 1976 16.77 -54.64 27.84
N LYS A 1977 18.09 -54.75 27.95
CA LYS A 1977 18.97 -53.78 27.29
C LYS A 1977 18.81 -53.95 25.79
N PHE A 1978 18.38 -52.88 25.12
CA PHE A 1978 18.09 -53.01 23.70
C PHE A 1978 19.33 -53.41 22.91
N ARG A 1979 20.51 -52.99 23.36
CA ARG A 1979 21.74 -53.42 22.70
C ARG A 1979 21.80 -54.93 22.57
N GLU A 1980 21.39 -55.66 23.60
CA GLU A 1980 21.34 -57.11 23.52
C GLU A 1980 20.66 -57.60 22.26
N VAL A 1981 19.39 -57.27 22.10
CA VAL A 1981 18.63 -57.69 20.92
C VAL A 1981 19.28 -57.15 19.66
N ILE A 1982 19.45 -55.84 19.58
CA ILE A 1982 20.05 -55.26 18.40
C ILE A 1982 21.34 -54.57 18.80
N PRO A 1983 22.49 -55.16 18.47
CA PRO A 1983 23.77 -54.59 18.89
C PRO A 1983 24.18 -53.35 18.13
N ASN A 1984 23.41 -52.91 17.14
CA ASN A 1984 23.81 -51.76 16.32
C ASN A 1984 22.83 -50.61 16.43
N ILE A 1985 21.93 -50.64 17.39
CA ILE A 1985 20.96 -49.56 17.56
C ILE A 1985 21.68 -48.29 17.97
N ASP A 1986 21.27 -47.16 17.41
CA ASP A 1986 21.86 -45.86 17.77
C ASP A 1986 20.87 -45.10 18.64
N ILE A 1987 21.00 -45.24 19.96
CA ILE A 1987 20.07 -44.64 20.91
C ILE A 1987 20.58 -43.26 21.28
N PHE A 1988 19.67 -42.31 21.37
CA PHE A 1988 19.95 -40.93 21.78
C PHE A 1988 19.10 -40.66 23.03
N SER A 1989 19.72 -40.81 24.19
CA SER A 1989 19.11 -40.50 25.47
C SER A 1989 20.19 -40.62 26.54
N LEU A 1990 20.09 -39.80 27.58
CA LEU A 1990 20.95 -39.94 28.73
C LEU A 1990 20.13 -39.99 30.01
N HIS A 1991 20.44 -40.99 30.84
CA HIS A 1991 19.79 -41.19 32.12
C HIS A 1991 20.60 -40.62 33.27
N ASN A 1992 21.79 -40.10 32.98
CA ASN A 1992 22.54 -39.28 33.92
C ASN A 1992 22.07 -37.84 33.84
N SER A 1993 20.76 -37.66 33.92
CA SER A 1993 20.15 -36.38 33.61
C SER A 1993 19.12 -36.04 34.68
N ASN A 1994 18.48 -34.89 34.50
CA ASN A 1994 17.43 -34.47 35.40
C ASN A 1994 16.04 -34.77 34.85
N LYS A 1995 15.94 -35.19 33.60
CA LYS A 1995 14.67 -35.51 32.97
C LYS A 1995 14.69 -36.97 32.55
N LYS A 1996 13.58 -37.66 32.75
CA LYS A 1996 13.44 -39.05 32.35
C LYS A 1996 12.10 -39.26 31.66
N LYS A 1997 11.85 -38.40 30.66
CA LYS A 1997 10.57 -38.36 29.99
C LYS A 1997 10.73 -38.25 28.46
N VAL A 1998 11.92 -37.92 27.98
CA VAL A 1998 12.13 -37.69 26.55
C VAL A 1998 13.31 -38.53 26.07
N ALA A 1999 13.13 -39.23 24.95
CA ALA A 1999 14.13 -40.15 24.41
C ALA A 1999 14.01 -40.20 22.89
N TYR A 2000 15.07 -40.63 22.21
CA TYR A 2000 15.06 -40.79 20.77
C TYR A 2000 16.04 -41.88 20.37
N ALA A 2001 15.96 -42.35 19.13
CA ALA A 2001 16.86 -43.41 18.68
C ALA A 2001 16.64 -43.71 17.21
N LYS A 2002 17.53 -44.56 16.68
CA LYS A 2002 17.46 -45.02 15.30
C LYS A 2002 17.71 -46.52 15.25
N VAL A 2003 16.84 -47.23 14.53
CA VAL A 2003 16.99 -48.67 14.24
C VAL A 2003 18.05 -48.86 13.16
N PRO A 2004 18.88 -49.90 13.24
CA PRO A 2004 19.97 -50.05 12.27
C PRO A 2004 19.50 -50.34 10.87
N LEU A 2005 20.46 -50.62 9.99
CA LEU A 2005 20.24 -50.73 8.55
C LEU A 2005 20.11 -52.17 8.08
N ASP A 2006 20.30 -53.15 8.96
CA ASP A 2006 20.37 -54.53 8.52
C ASP A 2006 19.66 -55.50 9.47
N TYR A 2007 18.61 -55.05 10.13
CA TYR A 2007 17.81 -55.95 10.93
C TYR A 2007 16.39 -55.91 10.39
N ILE A 2008 15.87 -57.06 9.99
CA ILE A 2008 14.54 -57.03 9.40
C ILE A 2008 13.61 -58.08 9.99
N ASN A 2009 14.11 -58.91 10.87
CA ASN A 2009 13.23 -59.85 11.51
C ASN A 2009 12.18 -59.09 12.31
N LYS A 2010 10.94 -59.55 12.20
CA LYS A 2010 9.81 -58.84 12.79
C LYS A 2010 10.04 -58.60 14.27
N LEU A 2011 10.11 -57.34 14.65
CA LEU A 2011 10.40 -56.96 16.03
C LEU A 2011 9.24 -56.13 16.56
N LEU A 2012 8.96 -56.24 17.85
CA LEU A 2012 7.98 -55.40 18.51
C LEU A 2012 8.47 -55.03 19.90
N PHE A 2013 8.25 -53.78 20.27
CA PHE A 2013 8.49 -53.36 21.65
C PHE A 2013 7.70 -52.10 21.93
N SER A 2014 7.89 -51.56 23.13
CA SER A 2014 7.06 -50.45 23.57
C SER A 2014 7.70 -49.77 24.77
N CYS A 2015 7.49 -48.46 24.87
CA CYS A 2015 7.85 -47.73 26.07
C CYS A 2015 6.64 -46.95 26.57
N SER A 2016 6.66 -46.56 27.84
CA SER A 2016 5.50 -45.92 28.42
C SER A 2016 5.90 -44.68 29.22
N CYS A 2017 5.03 -43.68 29.15
CA CYS A 2017 5.12 -42.50 29.97
C CYS A 2017 4.21 -42.72 31.17
N LYS A 2018 4.80 -43.01 32.32
CA LYS A 2018 4.05 -43.41 33.50
C LYS A 2018 4.25 -42.39 34.60
N THR A 2019 3.14 -41.80 35.06
CA THR A 2019 3.22 -40.95 36.23
C THR A 2019 3.73 -41.75 37.42
N SER A 2020 4.77 -41.24 38.05
CA SER A 2020 5.28 -41.86 39.26
C SER A 2020 4.30 -41.74 40.43
N HIS A 2021 3.35 -40.80 40.34
CA HIS A 2021 2.37 -40.58 41.40
C HIS A 2021 1.07 -41.31 41.13
N THR A 2022 0.41 -40.98 40.01
CA THR A 2022 -0.88 -41.57 39.69
C THR A 2022 -0.76 -42.58 38.55
N ASN A 2023 -1.90 -43.08 38.09
CA ASN A 2023 -1.93 -44.12 37.07
C ASN A 2023 -2.16 -43.50 35.71
N THR A 2024 -1.06 -43.16 35.03
CA THR A 2024 -1.10 -42.58 33.70
C THR A 2024 -0.12 -43.31 32.82
N ILE A 2025 -0.57 -43.76 31.66
CA ILE A 2025 0.26 -44.55 30.76
C ILE A 2025 0.12 -44.00 29.36
N GLY A 2026 1.20 -43.44 28.83
CA GLY A 2026 1.25 -43.13 27.42
C GLY A 2026 2.23 -44.03 26.71
N THR A 2027 1.76 -44.99 25.93
CA THR A 2027 2.61 -46.05 25.40
C THR A 2027 2.88 -45.82 23.92
N MET A 2028 4.15 -45.77 23.56
CA MET A 2028 4.57 -45.86 22.17
C MET A 2028 4.86 -47.33 21.86
N LYS A 2029 4.18 -47.84 20.83
CA LYS A 2029 4.43 -49.25 20.40
C LYS A 2029 5.35 -49.21 19.17
N VAL A 2030 6.57 -49.74 19.31
CA VAL A 2030 7.55 -49.66 18.19
C VAL A 2030 7.62 -51.00 17.46
N THR A 2031 7.45 -50.99 16.14
CA THR A 2031 7.48 -52.24 15.35
C THR A 2031 8.73 -52.29 14.45
N LEU A 2032 8.98 -53.42 13.80
CA LEU A 2032 10.12 -53.52 12.84
C LEU A 2032 9.68 -54.32 11.61
N ASN A 2033 9.99 -53.82 10.42
CA ASN A 2033 9.58 -54.50 9.16
C ASN A 2033 8.09 -54.78 9.20
N LYS A 2034 7.68 -56.02 8.89
CA LYS A 2034 6.25 -56.40 8.91
C LYS A 2034 6.13 -57.91 9.09
N ASP A 2035 5.86 -58.63 7.99
CA ASP A 2035 5.74 -60.11 8.06
C ASP A 2035 7.14 -60.73 7.94
N GLU A 2036 7.79 -60.98 9.09
CA GLU A 2036 9.17 -61.56 9.07
C GLU A 2036 9.36 -62.39 10.35
N LYS A 2037 10.58 -62.90 10.56
CA LYS A 2037 10.87 -63.73 11.77
C LYS A 2037 10.36 -62.99 13.02
#